data_4UR9
#
_entry.id   4UR9
#
_cell.length_a   51.486
_cell.length_b   162.735
_cell.length_c   223.179
_cell.angle_alpha   90.00
_cell.angle_beta   90.00
_cell.angle_gamma   90.00
#
_symmetry.space_group_name_H-M   'P 2 21 21'
#
loop_
_entity.id
_entity.type
_entity.pdbx_description
1 polymer 'O-GLCNACASE BT_4395'
2 non-polymer 4-ethoxyquinazoline
3 non-polymer 'O-(2-ACETAMIDO-2-DEOXY D-GLUCOPYRANOSYLIDENE) AMINO-N-PHENYLCARBAMATE'
4 non-polymer 'CALCIUM ION'
5 water water
#
_entity_poly.entity_id   1
_entity_poly.type   'polypeptide(L)'
_entity_poly.pdbx_seq_one_letter_code
;QNVSLQPPPQQLIVQNKTIDLPAVYQLNGGEEANPHAVKVLKELLSGKQSSKKGMLISIGEKGDKSVRKYSRQIPDHKEG
YYLSVNEKEIVLAGNDERGTYYALQTFAQLLKDGKLPEVEIKDYPSVRYRGVVEGFYGTPWSHQARLSQLKFYGKNKMNT
YIYGPKDDPYHSAPNWRLPYPDKEAAQLQELVAVANENEVDFVWAIHPGQDIKWNKEDRDLLLAKFEKMYQLGVRSFAVF
FDDISGEGTNPQKQAELLNYIDEKFAQVKPDINQLVMCPTEYNKSWSNPNGNYLTTLGDKLNPSIQIMWTGDRVISDITR
DGISWINERIKRPAYIWWNFPVSDYVRDHLLLGPVYGNDTTIAKEMSGFVTNPMEHAESSKIAIYSVASYAWNPAKYDTW
QTWKDAIRTILPSAAEELECFAMHNSDLGPNGHGYRREESMDIQPAAERFLKAFKEGKNYDKADFETLQYTFERMKESAD
ILLMNTENKPLIVEITPWVHQFKLTAEMGEEVLKMVEGRNESYFLRKYNHVKALQQQMFYIDQTSNQNPYQPGVKTATRV
IKPLIDRTFATVVKFFNQKFNAHLDATTDYMPHKMISNVEQIKNLPLQVKANRVLISPANEVVKWAAGNSVEIELDAIYP
GENIQINFGKDAPCTWGRLEISTDGKEWKTVDLKQKESRLSAGLQKAPVKFVRFTNVSDEEQQVYLRQFVLTIEKK
;
_entity_poly.pdbx_strand_id   A,B
#
loop_
_chem_comp.id
_chem_comp.type
_chem_comp.name
_chem_comp.formula
BK9 non-polymer 4-ethoxyquinazoline 'C10 H10 N2 O'
CA non-polymer 'CALCIUM ION' 'Ca 2'
OAN non-polymer 'O-(2-ACETAMIDO-2-DEOXY D-GLUCOPYRANOSYLIDENE) AMINO-N-PHENYLCARBAMATE' 'C15 H19 N3 O7'
#
# COMPACT_ATOMS: atom_id res chain seq x y z
N SER A 4 -20.61 -14.72 28.21
CA SER A 4 -22.03 -14.67 27.88
C SER A 4 -22.37 -15.84 26.96
N LEU A 5 -23.26 -16.73 27.40
CA LEU A 5 -23.65 -17.89 26.60
C LEU A 5 -24.38 -17.43 25.34
N GLN A 6 -23.91 -17.89 24.19
CA GLN A 6 -24.49 -17.53 22.89
C GLN A 6 -24.70 -18.76 22.01
N PRO A 7 -25.97 -19.04 21.63
CA PRO A 7 -27.19 -18.34 22.03
C PRO A 7 -27.55 -18.53 23.50
N PRO A 8 -28.29 -17.58 24.08
CA PRO A 8 -28.72 -17.78 25.46
C PRO A 8 -29.74 -18.91 25.57
N PRO A 9 -29.60 -19.79 26.57
CA PRO A 9 -30.55 -20.90 26.67
C PRO A 9 -31.94 -20.47 27.11
N GLN A 10 -32.94 -21.27 26.75
CA GLN A 10 -34.34 -20.98 27.10
C GLN A 10 -34.52 -20.87 28.60
N GLN A 11 -34.00 -21.85 29.32
CA GLN A 11 -34.16 -21.96 30.77
C GLN A 11 -32.78 -22.08 31.40
N LEU A 12 -32.51 -21.21 32.36
CA LEU A 12 -31.20 -21.12 32.98
C LEU A 12 -31.29 -20.80 34.47
N ILE A 13 -30.74 -21.69 35.29
CA ILE A 13 -30.67 -21.48 36.74
C ILE A 13 -29.23 -21.65 37.20
N VAL A 14 -28.67 -20.56 37.72
CA VAL A 14 -27.25 -20.50 38.06
C VAL A 14 -27.03 -20.34 39.57
N GLN A 15 -26.78 -21.44 40.26
CA GLN A 15 -26.32 -21.37 41.64
C GLN A 15 -24.84 -20.97 41.60
N ASN A 16 -24.39 -20.26 42.65
CA ASN A 16 -23.03 -19.73 42.67
C ASN A 16 -22.06 -20.66 43.39
N LYS A 17 -21.42 -21.52 42.60
CA LYS A 17 -20.42 -22.46 43.08
C LYS A 17 -19.65 -22.98 41.87
N THR A 18 -18.32 -23.09 42.02
CA THR A 18 -17.46 -23.46 40.90
C THR A 18 -16.83 -24.84 41.10
N ILE A 19 -17.04 -25.70 40.11
CA ILE A 19 -16.52 -27.07 40.14
C ILE A 19 -15.29 -27.18 39.25
N ASP A 20 -14.19 -27.66 39.82
CA ASP A 20 -12.99 -27.91 39.05
C ASP A 20 -13.23 -29.03 38.03
N LEU A 21 -12.68 -28.87 36.83
CA LEU A 21 -12.78 -29.91 35.81
C LEU A 21 -12.03 -31.15 36.31
N PRO A 22 -12.75 -32.26 36.55
CA PRO A 22 -12.17 -33.40 37.25
C PRO A 22 -10.99 -34.05 36.52
N ALA A 23 -9.93 -34.36 37.27
CA ALA A 23 -8.78 -35.06 36.73
C ALA A 23 -9.14 -36.51 36.45
N VAL A 24 -9.97 -37.07 37.32
CA VAL A 24 -10.44 -38.45 37.17
C VAL A 24 -11.95 -38.49 36.99
N TYR A 25 -12.39 -39.16 35.93
CA TYR A 25 -13.81 -39.22 35.59
C TYR A 25 -14.19 -40.54 34.95
N GLN A 26 -15.43 -40.97 35.17
CA GLN A 26 -15.97 -42.15 34.52
C GLN A 26 -16.92 -41.72 33.40
N LEU A 27 -16.59 -42.10 32.17
CA LEU A 27 -17.40 -41.73 31.01
C LEU A 27 -18.56 -42.71 30.82
N ASN A 28 -19.78 -42.17 30.82
CA ASN A 28 -21.00 -42.97 30.75
C ASN A 28 -21.80 -42.68 29.48
N GLY A 29 -21.94 -43.70 28.64
CA GLY A 29 -22.73 -43.59 27.42
C GLY A 29 -21.94 -42.98 26.27
N GLY A 30 -20.62 -43.07 26.35
CA GLY A 30 -19.76 -42.49 25.34
C GLY A 30 -19.76 -43.26 24.02
N GLU A 31 -20.21 -44.51 24.05
CA GLU A 31 -20.17 -45.36 22.87
C GLU A 31 -21.51 -45.41 22.14
N GLU A 32 -22.58 -44.97 22.81
CA GLU A 32 -23.93 -44.96 22.23
C GLU A 32 -24.37 -43.54 21.90
N ALA A 33 -23.60 -42.54 22.32
CA ALA A 33 -23.95 -41.14 22.11
C ALA A 33 -23.43 -40.65 20.77
N ASN A 34 -23.92 -39.48 20.36
CA ASN A 34 -23.48 -38.86 19.12
C ASN A 34 -21.96 -38.78 19.04
N PRO A 35 -21.36 -39.51 18.08
CA PRO A 35 -19.89 -39.46 17.91
C PRO A 35 -19.35 -38.03 17.81
N HIS A 36 -20.07 -37.15 17.13
CA HIS A 36 -19.63 -35.77 16.97
C HIS A 36 -19.61 -35.06 18.31
N ALA A 37 -20.51 -35.47 19.20
CA ALA A 37 -20.61 -34.85 20.51
C ALA A 37 -19.52 -35.38 21.44
N VAL A 38 -19.28 -36.69 21.39
CA VAL A 38 -18.28 -37.31 22.25
C VAL A 38 -16.88 -36.85 21.87
N LYS A 39 -16.63 -36.72 20.57
CA LYS A 39 -15.33 -36.25 20.09
C LYS A 39 -15.03 -34.88 20.67
N VAL A 40 -16.02 -34.01 20.69
CA VAL A 40 -15.89 -32.69 21.29
C VAL A 40 -15.61 -32.84 22.78
N LEU A 41 -16.29 -33.78 23.44
CA LEU A 41 -16.15 -33.97 24.87
C LEU A 41 -14.74 -34.45 25.23
N LYS A 42 -14.19 -35.34 24.41
CA LYS A 42 -12.84 -35.85 24.64
C LYS A 42 -11.77 -34.80 24.34
N GLU A 43 -12.05 -33.90 23.40
CA GLU A 43 -11.14 -32.80 23.10
C GLU A 43 -10.98 -31.88 24.31
N LEU A 44 -12.07 -31.69 25.04
CA LEU A 44 -12.05 -30.85 26.23
C LEU A 44 -11.24 -31.50 27.35
N LEU A 45 -11.29 -32.84 27.42
CA LEU A 45 -10.58 -33.58 28.47
C LEU A 45 -9.38 -34.34 27.89
N SER A 46 -8.22 -33.68 27.89
CA SER A 46 -7.02 -34.26 27.29
C SER A 46 -6.08 -34.83 28.36
N GLY A 47 -5.57 -33.96 29.21
CA GLY A 47 -4.64 -34.35 30.24
C GLY A 47 -5.31 -34.96 31.47
N LYS A 48 -6.59 -35.29 31.31
CA LYS A 48 -7.37 -35.89 32.40
C LYS A 48 -7.55 -37.38 32.14
N GLN A 49 -7.19 -38.21 33.12
CA GLN A 49 -7.30 -39.65 32.99
C GLN A 49 -8.71 -40.13 33.29
N SER A 50 -9.15 -41.15 32.57
CA SER A 50 -10.47 -41.73 32.76
C SER A 50 -10.39 -43.12 33.36
N SER A 51 -11.06 -43.31 34.49
CA SER A 51 -11.14 -44.60 35.15
C SER A 51 -12.55 -44.83 35.65
N LYS A 52 -12.75 -45.93 36.37
CA LYS A 52 -14.06 -46.28 36.90
C LYS A 52 -14.26 -45.54 38.21
N LYS A 53 -13.15 -45.12 38.81
CA LYS A 53 -13.18 -44.22 39.96
C LYS A 53 -13.20 -42.78 39.47
N GLY A 54 -14.07 -41.97 40.06
CA GLY A 54 -14.08 -40.54 39.81
C GLY A 54 -15.45 -39.96 39.51
N MET A 55 -15.44 -38.72 39.05
CA MET A 55 -16.66 -37.97 38.75
C MET A 55 -17.35 -38.49 37.49
N LEU A 56 -18.60 -38.90 37.65
CA LEU A 56 -19.36 -39.46 36.53
C LEU A 56 -19.75 -38.38 35.55
N ILE A 57 -19.63 -38.69 34.26
CA ILE A 57 -20.07 -37.82 33.18
C ILE A 57 -21.01 -38.60 32.27
N SER A 58 -22.29 -38.22 32.28
CA SER A 58 -23.31 -38.90 31.49
C SER A 58 -23.60 -38.15 30.21
N ILE A 59 -23.36 -38.82 29.08
CA ILE A 59 -23.62 -38.25 27.76
C ILE A 59 -24.41 -39.26 26.93
N GLY A 60 -25.42 -38.76 26.21
CA GLY A 60 -26.25 -39.62 25.39
C GLY A 60 -27.54 -38.94 25.00
N GLU A 61 -28.33 -39.62 24.15
CA GLU A 61 -29.61 -39.10 23.71
C GLU A 61 -30.74 -39.75 24.50
N LYS A 62 -31.90 -39.10 24.51
CA LYS A 62 -33.09 -39.63 25.18
C LYS A 62 -33.42 -41.03 24.68
N GLY A 63 -33.56 -41.96 25.62
CA GLY A 63 -33.80 -43.36 25.28
C GLY A 63 -32.58 -44.21 25.58
N ASP A 64 -31.44 -43.55 25.80
CA ASP A 64 -30.20 -44.24 26.14
C ASP A 64 -30.17 -44.54 27.62
N LYS A 65 -29.57 -45.68 27.98
CA LYS A 65 -29.48 -46.11 29.36
C LYS A 65 -28.64 -45.11 30.18
N SER A 66 -27.76 -44.38 29.50
CA SER A 66 -26.85 -43.47 30.17
C SER A 66 -27.58 -42.28 30.79
N VAL A 67 -28.63 -41.81 30.11
CA VAL A 67 -29.40 -40.67 30.58
C VAL A 67 -30.85 -41.05 30.86
N ARG A 68 -31.06 -42.31 31.24
CA ARG A 68 -32.39 -42.82 31.55
C ARG A 68 -32.98 -42.09 32.75
N LYS A 69 -32.10 -41.67 33.66
CA LYS A 69 -32.52 -41.05 34.91
C LYS A 69 -33.15 -39.68 34.63
N TYR A 70 -32.65 -39.02 33.59
CA TYR A 70 -32.95 -37.62 33.33
C TYR A 70 -33.92 -37.42 32.17
N SER A 71 -34.53 -38.51 31.72
CA SER A 71 -35.44 -38.47 30.57
C SER A 71 -36.59 -37.48 30.77
N ARG A 72 -36.93 -37.22 32.02
CA ARG A 72 -38.05 -36.33 32.33
C ARG A 72 -37.58 -34.89 32.44
N GLN A 73 -36.27 -34.71 32.60
CA GLN A 73 -35.67 -33.37 32.65
C GLN A 73 -35.27 -32.88 31.26
N ILE A 74 -35.30 -33.77 30.27
CA ILE A 74 -34.93 -33.43 28.90
C ILE A 74 -36.09 -32.76 28.16
N PRO A 75 -35.84 -31.58 27.56
CA PRO A 75 -36.90 -30.95 26.77
C PRO A 75 -37.38 -31.83 25.62
N ASP A 76 -38.69 -31.90 25.42
CA ASP A 76 -39.24 -32.72 24.35
C ASP A 76 -39.41 -31.87 23.08
N HIS A 77 -38.30 -31.28 22.64
CA HIS A 77 -38.25 -30.52 21.39
C HIS A 77 -37.13 -31.06 20.53
N LYS A 78 -37.21 -30.80 19.24
CA LYS A 78 -36.15 -31.24 18.33
C LYS A 78 -34.93 -30.36 18.59
N GLU A 79 -33.76 -30.98 18.67
CA GLU A 79 -32.49 -30.31 18.92
C GLU A 79 -32.40 -29.79 20.37
N GLY A 80 -33.35 -30.19 21.21
CA GLY A 80 -33.33 -29.78 22.61
C GLY A 80 -32.35 -30.61 23.42
N TYR A 81 -31.98 -30.10 24.59
CA TYR A 81 -31.06 -30.82 25.46
C TYR A 81 -31.16 -30.37 26.92
N TYR A 82 -30.74 -31.26 27.79
CA TYR A 82 -30.65 -30.98 29.21
C TYR A 82 -29.18 -31.01 29.62
N LEU A 83 -28.75 -29.97 30.32
CA LEU A 83 -27.39 -29.89 30.84
C LEU A 83 -27.44 -29.58 32.33
N SER A 84 -26.65 -30.32 33.09
CA SER A 84 -26.54 -30.10 34.54
C SER A 84 -25.11 -30.25 35.00
N VAL A 85 -24.70 -29.37 35.91
CA VAL A 85 -23.39 -29.47 36.54
C VAL A 85 -23.55 -29.28 38.04
N ASN A 86 -23.22 -30.32 38.80
CA ASN A 86 -23.09 -30.21 40.25
C ASN A 86 -21.80 -30.93 40.67
N GLU A 87 -21.52 -30.95 41.97
CA GLU A 87 -20.22 -31.43 42.43
C GLU A 87 -20.07 -32.94 42.33
N LYS A 88 -21.17 -33.64 42.04
CA LYS A 88 -21.14 -35.11 42.03
C LYS A 88 -21.02 -35.69 40.63
N GLU A 89 -21.86 -35.25 39.70
CA GLU A 89 -21.78 -35.75 38.32
C GLU A 89 -22.18 -34.70 37.28
N ILE A 90 -21.78 -34.96 36.03
CA ILE A 90 -22.09 -34.08 34.90
C ILE A 90 -23.06 -34.77 33.95
N VAL A 91 -24.09 -34.04 33.53
CA VAL A 91 -25.13 -34.57 32.66
C VAL A 91 -25.18 -33.78 31.36
N LEU A 92 -25.07 -34.48 30.24
CA LEU A 92 -25.13 -33.87 28.92
C LEU A 92 -26.05 -34.68 28.03
N ALA A 93 -27.36 -34.45 28.17
CA ALA A 93 -28.37 -35.27 27.53
C ALA A 93 -29.18 -34.48 26.50
N GLY A 94 -29.15 -34.94 25.25
CA GLY A 94 -29.93 -34.31 24.19
C GLY A 94 -31.22 -35.06 23.95
N ASN A 95 -32.21 -34.38 23.38
CA ASN A 95 -33.45 -35.02 23.00
C ASN A 95 -33.24 -35.83 21.73
N ASP A 96 -32.21 -35.43 20.99
CA ASP A 96 -31.76 -36.15 19.81
C ASP A 96 -30.25 -35.97 19.69
N GLU A 97 -29.65 -36.50 18.63
CA GLU A 97 -28.21 -36.47 18.49
C GLU A 97 -27.71 -35.05 18.32
N ARG A 98 -28.44 -34.27 17.54
CA ARG A 98 -28.09 -32.88 17.33
C ARG A 98 -28.22 -32.11 18.63
N GLY A 99 -29.18 -32.53 19.46
CA GLY A 99 -29.39 -31.92 20.77
C GLY A 99 -28.20 -32.16 21.69
N THR A 100 -27.64 -33.36 21.63
CA THR A 100 -26.49 -33.71 22.46
C THR A 100 -25.27 -32.92 22.03
N TYR A 101 -25.13 -32.73 20.73
CA TYR A 101 -24.03 -31.94 20.18
C TYR A 101 -24.15 -30.52 20.70
N TYR A 102 -25.38 -30.02 20.73
CA TYR A 102 -25.62 -28.65 21.16
C TYR A 102 -25.39 -28.49 22.66
N ALA A 103 -25.56 -29.58 23.40
CA ALA A 103 -25.28 -29.56 24.84
C ALA A 103 -23.79 -29.37 25.07
N LEU A 104 -22.98 -29.90 24.16
CA LEU A 104 -21.52 -29.81 24.27
C LEU A 104 -21.02 -28.44 23.87
N GLN A 105 -21.72 -27.78 22.95
CA GLN A 105 -21.33 -26.44 22.54
C GLN A 105 -21.56 -25.45 23.67
N THR A 106 -22.67 -25.62 24.38
CA THR A 106 -22.96 -24.83 25.57
C THR A 106 -21.96 -25.15 26.67
N PHE A 107 -21.73 -26.45 26.85
CA PHE A 107 -20.81 -26.93 27.87
C PHE A 107 -19.41 -26.34 27.71
N ALA A 108 -18.99 -26.15 26.46
CA ALA A 108 -17.66 -25.63 26.17
C ALA A 108 -17.52 -24.18 26.56
N GLN A 109 -18.60 -23.41 26.44
CA GLN A 109 -18.60 -21.99 26.80
C GLN A 109 -18.55 -21.82 28.32
N LEU A 110 -19.11 -22.79 29.03
CA LEU A 110 -19.12 -22.76 30.50
C LEU A 110 -17.74 -23.03 31.08
N LEU A 111 -16.90 -23.72 30.31
CA LEU A 111 -15.56 -24.07 30.75
C LEU A 111 -14.62 -22.88 30.72
N LYS A 112 -14.23 -22.40 31.91
CA LYS A 112 -13.32 -21.28 32.05
C LYS A 112 -12.33 -21.53 33.17
N ASP A 113 -11.04 -21.36 32.90
CA ASP A 113 -9.98 -21.59 33.88
C ASP A 113 -10.02 -23.05 34.34
N GLY A 114 -10.45 -23.93 33.43
CA GLY A 114 -10.60 -25.35 33.75
C GLY A 114 -11.61 -25.56 34.87
N LYS A 115 -12.49 -24.58 35.07
CA LYS A 115 -13.50 -24.61 36.13
C LYS A 115 -14.89 -24.43 35.55
N LEU A 116 -15.85 -25.16 36.11
CA LEU A 116 -17.24 -25.13 35.65
C LEU A 116 -18.15 -24.56 36.73
N PRO A 117 -19.13 -23.74 36.32
CA PRO A 117 -20.13 -23.28 37.30
C PRO A 117 -21.20 -24.34 37.51
N GLU A 118 -21.72 -24.47 38.72
CA GLU A 118 -22.85 -25.34 38.93
C GLU A 118 -24.09 -24.67 38.34
N VAL A 119 -24.76 -25.38 37.45
CA VAL A 119 -25.83 -24.78 36.64
C VAL A 119 -26.75 -25.87 36.10
N GLU A 120 -28.02 -25.52 35.97
CA GLU A 120 -29.01 -26.40 35.34
C GLU A 120 -29.59 -25.68 34.13
N ILE A 121 -29.49 -26.32 32.97
CA ILE A 121 -29.96 -25.73 31.72
C ILE A 121 -30.93 -26.66 31.00
N LYS A 122 -32.09 -26.12 30.63
CA LYS A 122 -33.00 -26.79 29.71
C LYS A 122 -33.19 -25.88 28.52
N ASP A 123 -32.80 -26.36 27.35
CA ASP A 123 -32.66 -25.48 26.19
C ASP A 123 -33.17 -26.12 24.90
N TYR A 124 -33.61 -25.26 23.99
CA TYR A 124 -34.17 -25.71 22.71
C TYR A 124 -34.30 -24.49 21.79
N PRO A 125 -34.30 -24.71 20.47
CA PRO A 125 -34.45 -23.62 19.51
C PRO A 125 -35.90 -23.18 19.34
N SER A 126 -36.11 -21.87 19.23
CA SER A 126 -37.45 -21.34 18.99
C SER A 126 -37.79 -21.46 17.51
N VAL A 127 -36.77 -21.55 16.68
CA VAL A 127 -36.93 -21.64 15.22
C VAL A 127 -36.26 -22.92 14.72
N ARG A 128 -36.97 -23.67 13.87
CA ARG A 128 -36.53 -25.02 13.51
C ARG A 128 -35.28 -25.03 12.65
N TYR A 129 -35.26 -24.16 11.63
CA TYR A 129 -34.12 -24.07 10.74
C TYR A 129 -33.47 -22.70 10.89
N ARG A 130 -32.15 -22.71 11.08
CA ARG A 130 -31.40 -21.50 11.38
C ARG A 130 -30.03 -21.59 10.73
N GLY A 131 -29.64 -20.58 9.97
CA GLY A 131 -28.31 -20.57 9.39
C GLY A 131 -28.05 -19.52 8.33
N VAL A 132 -27.29 -19.91 7.32
CA VAL A 132 -26.81 -18.98 6.31
C VAL A 132 -27.21 -19.48 4.93
N VAL A 133 -27.51 -18.54 4.05
CA VAL A 133 -27.65 -18.86 2.64
C VAL A 133 -26.60 -18.05 1.90
N GLU A 134 -25.67 -18.75 1.25
CA GLU A 134 -24.70 -18.08 0.40
C GLU A 134 -25.39 -17.86 -0.93
N GLY A 135 -26.17 -16.79 -1.03
CA GLY A 135 -26.97 -16.53 -2.22
C GLY A 135 -26.76 -15.17 -2.84
N PHE A 136 -25.54 -14.65 -2.70
CA PHE A 136 -25.23 -13.29 -3.14
C PHE A 136 -24.63 -13.29 -4.54
N TYR A 137 -24.65 -12.11 -5.17
CA TYR A 137 -23.89 -11.89 -6.39
C TYR A 137 -22.50 -11.43 -6.01
N GLY A 138 -21.50 -11.93 -6.72
CA GLY A 138 -20.12 -11.57 -6.46
C GLY A 138 -19.25 -12.81 -6.37
N THR A 139 -18.00 -12.63 -5.95
CA THR A 139 -17.06 -13.74 -5.84
C THR A 139 -17.55 -14.72 -4.78
N PRO A 140 -17.90 -15.95 -5.18
CA PRO A 140 -18.33 -16.93 -4.17
C PRO A 140 -17.26 -17.18 -3.12
N TRP A 141 -17.66 -17.63 -1.94
CA TRP A 141 -16.71 -17.91 -0.87
C TRP A 141 -15.70 -18.97 -1.29
N SER A 142 -14.45 -18.78 -0.85
CA SER A 142 -13.41 -19.76 -1.11
C SER A 142 -13.72 -21.04 -0.35
N HIS A 143 -13.06 -22.12 -0.74
CA HIS A 143 -13.24 -23.40 -0.09
C HIS A 143 -12.85 -23.31 1.39
N GLN A 144 -11.71 -22.69 1.66
CA GLN A 144 -11.18 -22.60 3.02
C GLN A 144 -12.08 -21.75 3.90
N ALA A 145 -12.68 -20.72 3.32
CA ALA A 145 -13.60 -19.86 4.05
C ALA A 145 -14.84 -20.66 4.43
N ARG A 146 -15.33 -21.48 3.51
CA ARG A 146 -16.54 -22.28 3.74
C ARG A 146 -16.34 -23.35 4.81
N LEU A 147 -15.15 -23.97 4.83
CA LEU A 147 -14.81 -24.90 5.89
C LEU A 147 -14.86 -24.19 7.24
N SER A 148 -14.35 -22.97 7.28
CA SER A 148 -14.34 -22.17 8.51
C SER A 148 -15.77 -21.81 8.94
N GLN A 149 -16.62 -21.55 7.95
CA GLN A 149 -18.01 -21.17 8.21
C GLN A 149 -18.77 -22.30 8.89
N LEU A 150 -18.56 -23.52 8.43
CA LEU A 150 -19.31 -24.67 8.95
C LEU A 150 -18.92 -24.98 10.39
N LYS A 151 -17.66 -24.75 10.74
CA LYS A 151 -17.21 -24.93 12.12
C LYS A 151 -17.82 -23.82 12.99
N PHE A 152 -18.02 -22.65 12.40
CA PHE A 152 -18.60 -21.52 13.10
C PHE A 152 -20.09 -21.76 13.34
N TYR A 153 -20.75 -22.41 12.39
CA TYR A 153 -22.17 -22.70 12.48
C TYR A 153 -22.45 -23.69 13.59
N GLY A 154 -21.61 -24.73 13.68
CA GLY A 154 -21.78 -25.76 14.67
C GLY A 154 -21.69 -25.19 16.07
N LYS A 155 -20.73 -24.27 16.26
CA LYS A 155 -20.51 -23.67 17.58
C LYS A 155 -21.68 -22.80 18.02
N ASN A 156 -22.35 -22.16 17.05
CA ASN A 156 -23.45 -21.27 17.35
C ASN A 156 -24.80 -21.89 17.08
N LYS A 157 -24.81 -23.21 16.93
CA LYS A 157 -26.04 -23.99 16.85
C LYS A 157 -26.87 -23.62 15.62
N MET A 158 -26.19 -23.22 14.54
CA MET A 158 -26.83 -23.07 13.24
C MET A 158 -26.82 -24.40 12.49
N ASN A 159 -28.01 -24.88 12.13
CA ASN A 159 -28.17 -26.20 11.53
C ASN A 159 -28.41 -26.18 10.02
N THR A 160 -28.23 -25.02 9.39
CA THR A 160 -28.49 -24.91 7.96
C THR A 160 -27.46 -24.09 7.20
N TYR A 161 -26.96 -24.68 6.12
CA TYR A 161 -26.14 -23.96 5.17
C TYR A 161 -26.70 -24.20 3.77
N ILE A 162 -27.26 -23.16 3.17
CA ILE A 162 -27.82 -23.26 1.82
C ILE A 162 -26.85 -22.68 0.80
N TYR A 163 -26.27 -23.57 -0.01
CA TYR A 163 -25.32 -23.19 -1.04
C TYR A 163 -26.05 -22.74 -2.30
N GLY A 164 -25.85 -21.49 -2.70
CA GLY A 164 -26.42 -20.99 -3.94
C GLY A 164 -25.83 -19.67 -4.39
N PRO A 165 -24.50 -19.62 -4.56
CA PRO A 165 -23.88 -18.39 -5.08
C PRO A 165 -24.38 -18.08 -6.48
N LYS A 166 -24.91 -16.88 -6.68
CA LYS A 166 -25.49 -16.51 -7.99
C LYS A 166 -24.51 -16.66 -9.14
N ASP A 167 -23.22 -16.45 -8.88
CA ASP A 167 -22.22 -16.45 -9.94
C ASP A 167 -21.49 -17.79 -10.08
N ASP A 168 -22.00 -18.82 -9.42
CA ASP A 168 -21.53 -20.19 -9.66
C ASP A 168 -22.20 -20.74 -10.92
N PRO A 169 -21.43 -20.98 -12.00
CA PRO A 169 -22.06 -21.37 -13.26
C PRO A 169 -22.76 -22.72 -13.21
N TYR A 170 -22.48 -23.54 -12.20
CA TYR A 170 -23.11 -24.86 -12.10
C TYR A 170 -24.31 -24.83 -11.16
N HIS A 171 -24.56 -23.65 -10.60
CA HIS A 171 -25.75 -23.41 -9.78
C HIS A 171 -26.82 -22.71 -10.61
N SER A 172 -26.41 -21.76 -11.43
CA SER A 172 -27.35 -20.94 -12.22
C SER A 172 -27.25 -21.26 -13.72
N ALA A 173 -27.77 -20.36 -14.55
CA ALA A 173 -27.86 -20.62 -15.98
C ALA A 173 -26.53 -20.36 -16.69
N PRO A 174 -26.21 -21.17 -17.72
CA PRO A 174 -26.95 -22.33 -18.23
C PRO A 174 -26.42 -23.68 -17.74
N ASN A 175 -25.27 -23.68 -17.06
CA ASN A 175 -24.59 -24.93 -16.75
C ASN A 175 -25.09 -25.60 -15.48
N TRP A 176 -26.26 -25.18 -15.01
CA TRP A 176 -26.89 -25.87 -13.89
C TRP A 176 -27.26 -27.29 -14.31
N ARG A 177 -27.30 -27.53 -15.61
CA ARG A 177 -27.59 -28.86 -16.14
C ARG A 177 -26.38 -29.79 -16.01
N LEU A 178 -25.18 -29.21 -16.00
CA LEU A 178 -23.95 -29.99 -16.01
C LEU A 178 -23.49 -30.31 -14.59
N PRO A 179 -22.93 -31.52 -14.39
CA PRO A 179 -22.38 -31.85 -13.08
C PRO A 179 -21.09 -31.09 -12.83
N TYR A 180 -20.73 -30.88 -11.57
CA TYR A 180 -19.51 -30.18 -11.23
C TYR A 180 -18.29 -30.97 -11.71
N PRO A 181 -17.23 -30.27 -12.14
CA PRO A 181 -16.00 -31.01 -12.48
C PRO A 181 -15.43 -31.74 -11.27
N ASP A 182 -14.51 -32.67 -11.51
CA ASP A 182 -13.99 -33.52 -10.45
C ASP A 182 -13.38 -32.72 -9.29
N LYS A 183 -12.79 -31.57 -9.62
CA LYS A 183 -12.14 -30.74 -8.62
C LYS A 183 -13.14 -30.10 -7.67
N GLU A 184 -14.14 -29.42 -8.24
CA GLU A 184 -15.20 -28.82 -7.46
C GLU A 184 -16.02 -29.88 -6.72
N ALA A 185 -16.24 -31.02 -7.37
CA ALA A 185 -17.04 -32.09 -6.78
C ALA A 185 -16.36 -32.66 -5.56
N ALA A 186 -15.04 -32.85 -5.64
CA ALA A 186 -14.28 -33.34 -4.51
C ALA A 186 -14.39 -32.35 -3.34
N GLN A 187 -14.36 -31.06 -3.67
CA GLN A 187 -14.45 -30.01 -2.66
C GLN A 187 -15.83 -29.97 -2.01
N LEU A 188 -16.88 -30.15 -2.82
CA LEU A 188 -18.24 -30.15 -2.31
C LEU A 188 -18.45 -31.37 -1.42
N GLN A 189 -17.86 -32.49 -1.82
CA GLN A 189 -17.90 -33.72 -1.03
C GLN A 189 -17.28 -33.49 0.35
N GLU A 190 -16.21 -32.69 0.40
CA GLU A 190 -15.54 -32.38 1.66
C GLU A 190 -16.41 -31.46 2.52
N LEU A 191 -17.05 -30.48 1.88
CA LEU A 191 -17.90 -29.54 2.60
C LEU A 191 -19.03 -30.28 3.30
N VAL A 192 -19.56 -31.31 2.65
CA VAL A 192 -20.67 -32.08 3.20
C VAL A 192 -20.21 -32.89 4.41
N ALA A 193 -19.03 -33.48 4.31
CA ALA A 193 -18.47 -34.26 5.42
C ALA A 193 -18.28 -33.36 6.64
N VAL A 194 -17.70 -32.20 6.43
CA VAL A 194 -17.45 -31.24 7.50
C VAL A 194 -18.75 -30.68 8.05
N ALA A 195 -19.73 -30.46 7.18
CA ALA A 195 -21.03 -29.97 7.61
C ALA A 195 -21.71 -30.98 8.51
N ASN A 196 -21.55 -32.26 8.18
CA ASN A 196 -22.17 -33.33 8.95
C ASN A 196 -21.55 -33.47 10.34
N GLU A 197 -20.24 -33.23 10.43
CA GLU A 197 -19.53 -33.28 11.70
C GLU A 197 -19.97 -32.14 12.62
N ASN A 198 -20.38 -31.03 12.02
CA ASN A 198 -20.82 -29.86 12.77
C ASN A 198 -22.34 -29.77 12.86
N GLU A 199 -23.02 -30.87 12.54
CA GLU A 199 -24.47 -30.96 12.60
C GLU A 199 -25.12 -29.85 11.78
N VAL A 200 -24.53 -29.54 10.64
CA VAL A 200 -25.11 -28.58 9.69
C VAL A 200 -25.70 -29.32 8.49
N ASP A 201 -26.95 -28.97 8.14
CA ASP A 201 -27.55 -29.46 6.90
C ASP A 201 -27.03 -28.68 5.72
N PHE A 202 -26.29 -29.36 4.85
CA PHE A 202 -25.83 -28.77 3.61
C PHE A 202 -26.95 -28.84 2.58
N VAL A 203 -27.53 -27.69 2.25
CA VAL A 203 -28.62 -27.61 1.28
C VAL A 203 -28.08 -27.10 -0.05
N TRP A 204 -28.02 -27.95 -1.07
CA TRP A 204 -27.59 -27.48 -2.38
C TRP A 204 -28.78 -26.88 -3.11
N ALA A 205 -28.67 -25.61 -3.49
CA ALA A 205 -29.71 -24.95 -4.27
C ALA A 205 -29.36 -24.94 -5.75
N ILE A 206 -30.39 -25.01 -6.59
CA ILE A 206 -30.23 -24.86 -8.03
C ILE A 206 -31.07 -23.67 -8.49
N HIS A 207 -30.59 -22.98 -9.51
CA HIS A 207 -31.20 -21.73 -9.98
C HIS A 207 -31.42 -21.80 -11.50
N PRO A 208 -32.39 -22.61 -11.94
CA PRO A 208 -32.58 -23.01 -13.34
C PRO A 208 -33.58 -22.15 -14.12
N GLY A 209 -34.25 -21.23 -13.45
CA GLY A 209 -35.44 -20.61 -14.00
C GLY A 209 -35.29 -19.78 -15.26
N GLN A 210 -34.11 -19.24 -15.50
CA GLN A 210 -33.94 -18.26 -16.57
C GLN A 210 -34.05 -18.86 -17.97
N ASP A 211 -33.51 -20.06 -18.16
CA ASP A 211 -33.55 -20.72 -19.47
C ASP A 211 -34.25 -22.07 -19.41
N ILE A 212 -34.95 -22.35 -18.31
CA ILE A 212 -35.63 -23.63 -18.19
C ILE A 212 -36.81 -23.64 -19.15
N LYS A 213 -37.08 -24.80 -19.71
CA LYS A 213 -38.31 -25.03 -20.45
C LYS A 213 -39.05 -26.16 -19.74
N TRP A 214 -40.37 -26.02 -19.67
CA TRP A 214 -41.20 -26.98 -18.97
C TRP A 214 -41.47 -28.21 -19.83
N ASN A 215 -40.50 -29.13 -19.85
CA ASN A 215 -40.65 -30.39 -20.57
C ASN A 215 -39.90 -31.51 -19.86
N LYS A 216 -39.99 -32.72 -20.43
CA LYS A 216 -39.34 -33.90 -19.87
C LYS A 216 -37.82 -33.71 -19.80
N GLU A 217 -37.25 -33.08 -20.82
CA GLU A 217 -35.80 -32.98 -20.97
C GLU A 217 -35.13 -32.20 -19.84
N ASP A 218 -35.64 -31.00 -19.56
CA ASP A 218 -35.08 -30.18 -18.49
C ASP A 218 -35.48 -30.71 -17.11
N ARG A 219 -36.65 -31.34 -17.02
CA ARG A 219 -37.06 -31.99 -15.78
C ARG A 219 -36.05 -33.08 -15.41
N ASP A 220 -35.74 -33.94 -16.37
CA ASP A 220 -34.82 -35.05 -16.15
C ASP A 220 -33.40 -34.58 -15.80
N LEU A 221 -32.92 -33.53 -16.49
CA LEU A 221 -31.58 -33.02 -16.24
C LEU A 221 -31.44 -32.41 -14.86
N LEU A 222 -32.53 -31.81 -14.36
CA LEU A 222 -32.52 -31.23 -13.03
C LEU A 222 -32.42 -32.35 -12.01
N LEU A 223 -33.22 -33.39 -12.20
CA LEU A 223 -33.22 -34.53 -11.28
C LEU A 223 -31.89 -35.28 -11.35
N ALA A 224 -31.30 -35.35 -12.55
CA ALA A 224 -30.01 -36.00 -12.74
C ALA A 224 -28.92 -35.24 -12.01
N LYS A 225 -29.05 -33.91 -11.99
CA LYS A 225 -28.12 -33.05 -11.29
C LYS A 225 -28.24 -33.23 -9.78
N PHE A 226 -29.48 -33.35 -9.29
CA PHE A 226 -29.74 -33.63 -7.88
C PHE A 226 -29.21 -34.99 -7.47
N GLU A 227 -29.37 -35.98 -8.34
CA GLU A 227 -28.83 -37.31 -8.10
C GLU A 227 -27.31 -37.25 -7.95
N LYS A 228 -26.68 -36.43 -8.80
CA LYS A 228 -25.24 -36.23 -8.72
C LYS A 228 -24.82 -35.69 -7.36
N MET A 229 -25.48 -34.62 -6.91
CA MET A 229 -25.15 -34.01 -5.63
C MET A 229 -25.37 -35.02 -4.51
N TYR A 230 -26.40 -35.84 -4.65
CA TYR A 230 -26.72 -36.87 -3.67
C TYR A 230 -25.58 -37.86 -3.51
N GLN A 231 -24.93 -38.23 -4.63
CA GLN A 231 -23.77 -39.11 -4.58
C GLN A 231 -22.60 -38.43 -3.87
N LEU A 232 -22.58 -37.10 -3.87
CA LEU A 232 -21.53 -36.34 -3.18
C LEU A 232 -21.84 -36.19 -1.70
N GLY A 233 -23.02 -36.65 -1.28
CA GLY A 233 -23.38 -36.66 0.13
C GLY A 233 -24.52 -35.72 0.47
N VAL A 234 -24.91 -34.86 -0.48
CA VAL A 234 -25.97 -33.89 -0.22
C VAL A 234 -27.29 -34.59 0.11
N ARG A 235 -27.96 -34.11 1.15
CA ARG A 235 -29.23 -34.72 1.59
C ARG A 235 -30.34 -33.67 1.74
N SER A 236 -30.01 -32.42 1.45
CA SER A 236 -31.01 -31.36 1.41
C SER A 236 -30.85 -30.58 0.11
N PHE A 237 -31.97 -30.16 -0.47
CA PHE A 237 -31.96 -29.54 -1.80
C PHE A 237 -32.89 -28.33 -1.85
N ALA A 238 -32.59 -27.40 -2.76
CA ALA A 238 -33.44 -26.24 -2.97
C ALA A 238 -33.50 -25.85 -4.43
N VAL A 239 -34.55 -25.13 -4.81
CA VAL A 239 -34.72 -24.62 -6.16
C VAL A 239 -35.11 -23.15 -6.13
N PHE A 240 -34.21 -22.29 -6.60
CA PHE A 240 -34.46 -20.86 -6.59
C PHE A 240 -35.04 -20.37 -7.92
N PHE A 241 -36.12 -19.59 -7.85
CA PHE A 241 -36.74 -19.00 -9.04
C PHE A 241 -36.73 -17.47 -8.95
N ASP A 242 -35.78 -16.92 -8.19
CA ASP A 242 -35.69 -15.49 -7.99
C ASP A 242 -34.92 -14.81 -9.12
N ASP A 243 -35.26 -13.54 -9.38
CA ASP A 243 -34.54 -12.72 -10.35
C ASP A 243 -34.52 -13.29 -11.77
N ILE A 244 -35.69 -13.73 -12.25
CA ILE A 244 -35.79 -14.28 -13.59
C ILE A 244 -37.01 -13.73 -14.32
N SER A 245 -36.99 -13.85 -15.65
CA SER A 245 -38.13 -13.48 -16.48
C SER A 245 -38.42 -14.60 -17.47
N GLY A 246 -39.65 -14.65 -17.95
CA GLY A 246 -40.06 -15.64 -18.94
C GLY A 246 -40.92 -16.73 -18.34
N GLU A 247 -41.00 -17.85 -19.04
CA GLU A 247 -41.87 -18.96 -18.66
C GLU A 247 -41.52 -19.52 -17.30
N GLY A 248 -40.28 -19.33 -16.88
CA GLY A 248 -39.82 -19.85 -15.61
C GLY A 248 -40.47 -19.19 -14.40
N THR A 249 -41.24 -18.14 -14.65
CA THR A 249 -41.93 -17.41 -13.58
C THR A 249 -43.32 -17.99 -13.32
N ASN A 250 -43.68 -19.03 -14.04
CA ASN A 250 -45.01 -19.63 -13.92
C ASN A 250 -45.19 -20.37 -12.60
N PRO A 251 -46.13 -19.90 -11.74
CA PRO A 251 -46.30 -20.53 -10.42
C PRO A 251 -46.81 -21.96 -10.50
N GLN A 252 -47.74 -22.22 -11.41
CA GLN A 252 -48.30 -23.54 -11.58
C GLN A 252 -47.19 -24.54 -11.94
N LYS A 253 -46.29 -24.12 -12.83
CA LYS A 253 -45.22 -24.99 -13.31
C LYS A 253 -44.13 -25.22 -12.26
N GLN A 254 -43.81 -24.18 -11.51
CA GLN A 254 -42.85 -24.29 -10.41
C GLN A 254 -43.33 -25.27 -9.35
N ALA A 255 -44.60 -25.13 -8.95
CA ALA A 255 -45.20 -26.02 -7.99
C ALA A 255 -45.11 -27.47 -8.48
N GLU A 256 -45.60 -27.71 -9.70
CA GLU A 256 -45.59 -29.04 -10.29
C GLU A 256 -44.18 -29.63 -10.31
N LEU A 257 -43.19 -28.81 -10.66
CA LEU A 257 -41.81 -29.27 -10.66
C LEU A 257 -41.35 -29.68 -9.27
N LEU A 258 -41.57 -28.83 -8.28
CA LEU A 258 -41.13 -29.13 -6.91
C LEU A 258 -41.85 -30.36 -6.36
N ASN A 259 -43.13 -30.49 -6.66
CA ASN A 259 -43.90 -31.65 -6.21
C ASN A 259 -43.37 -32.92 -6.87
N TYR A 260 -42.93 -32.80 -8.11
CA TYR A 260 -42.35 -33.95 -8.81
C TYR A 260 -41.05 -34.33 -8.12
N ILE A 261 -40.19 -33.34 -7.89
CA ILE A 261 -38.94 -33.57 -7.17
C ILE A 261 -39.25 -34.22 -5.83
N ASP A 262 -40.23 -33.66 -5.14
CA ASP A 262 -40.62 -34.15 -3.82
C ASP A 262 -40.98 -35.63 -3.89
N GLU A 263 -41.86 -35.98 -4.82
CA GLU A 263 -42.49 -37.30 -4.83
C GLU A 263 -41.62 -38.39 -5.48
N LYS A 264 -40.80 -38.02 -6.46
CA LYS A 264 -40.01 -39.00 -7.19
C LYS A 264 -38.55 -39.04 -6.76
N PHE A 265 -38.18 -38.22 -5.79
CA PHE A 265 -36.77 -38.10 -5.36
C PHE A 265 -36.70 -37.93 -3.84
N ALA A 266 -37.23 -36.82 -3.32
CA ALA A 266 -37.12 -36.52 -1.91
C ALA A 266 -37.77 -37.59 -1.03
N GLN A 267 -38.87 -38.17 -1.50
CA GLN A 267 -39.58 -39.19 -0.72
C GLN A 267 -39.05 -40.59 -1.05
N VAL A 268 -38.45 -40.76 -2.23
CA VAL A 268 -37.88 -42.05 -2.61
C VAL A 268 -36.64 -42.32 -1.77
N LYS A 269 -35.73 -41.36 -1.71
CA LYS A 269 -34.52 -41.52 -0.91
C LYS A 269 -34.91 -41.66 0.56
N PRO A 270 -34.17 -42.46 1.32
CA PRO A 270 -34.53 -42.71 2.73
C PRO A 270 -34.14 -41.58 3.69
N ASP A 271 -33.19 -40.74 3.30
CA ASP A 271 -32.51 -39.85 4.24
C ASP A 271 -32.42 -38.39 3.78
N ILE A 272 -33.36 -37.94 2.95
CA ILE A 272 -33.40 -36.54 2.54
C ILE A 272 -34.20 -35.72 3.55
N ASN A 273 -33.64 -34.59 3.98
CA ASN A 273 -34.24 -33.77 5.03
C ASN A 273 -35.03 -32.58 4.48
N GLN A 274 -34.32 -31.51 4.14
CA GLN A 274 -34.97 -30.26 3.75
C GLN A 274 -35.18 -30.14 2.25
N LEU A 275 -36.34 -29.62 1.87
CA LEU A 275 -36.64 -29.31 0.47
C LEU A 275 -37.26 -27.92 0.40
N VAL A 276 -36.55 -27.00 -0.24
CA VAL A 276 -36.86 -25.57 -0.17
C VAL A 276 -36.98 -24.97 -1.57
N MET A 277 -37.78 -23.91 -1.70
CA MET A 277 -37.86 -23.19 -2.96
C MET A 277 -37.97 -21.70 -2.71
N CYS A 278 -37.33 -20.92 -3.57
CA CYS A 278 -37.42 -19.47 -3.51
C CYS A 278 -38.37 -19.02 -4.63
N PRO A 279 -39.47 -18.35 -4.26
CA PRO A 279 -40.44 -17.96 -5.29
C PRO A 279 -39.93 -16.79 -6.14
N THR A 280 -40.51 -16.61 -7.32
CA THR A 280 -40.17 -15.46 -8.16
C THR A 280 -40.56 -14.17 -7.46
N GLU A 281 -41.70 -14.19 -6.78
CA GLU A 281 -42.12 -13.08 -5.93
C GLU A 281 -41.73 -13.38 -4.49
N TYR A 282 -40.58 -12.86 -4.08
CA TYR A 282 -40.01 -13.18 -2.77
C TYR A 282 -40.13 -12.04 -1.75
N ASN A 283 -40.88 -10.99 -2.11
CA ASN A 283 -41.18 -9.92 -1.17
C ASN A 283 -42.50 -9.23 -1.56
N LYS A 284 -43.15 -8.60 -0.59
CA LYS A 284 -44.48 -8.04 -0.78
C LYS A 284 -44.49 -6.93 -1.83
N SER A 285 -43.43 -6.12 -1.84
CA SER A 285 -43.37 -4.95 -2.71
C SER A 285 -43.31 -5.33 -4.19
N TRP A 286 -42.76 -6.51 -4.47
CA TRP A 286 -42.64 -6.99 -5.85
C TRP A 286 -43.66 -8.08 -6.13
N SER A 287 -44.61 -8.24 -5.22
CA SER A 287 -45.74 -9.13 -5.43
C SER A 287 -46.84 -8.38 -6.17
N ASN A 288 -47.32 -8.95 -7.27
CA ASN A 288 -48.37 -8.33 -8.07
C ASN A 288 -49.76 -8.73 -7.57
N PRO A 289 -50.56 -7.74 -7.10
CA PRO A 289 -51.90 -8.07 -6.60
C PRO A 289 -52.93 -8.30 -7.69
N ASN A 290 -52.65 -7.83 -8.91
CA ASN A 290 -53.59 -7.97 -10.02
C ASN A 290 -53.83 -9.44 -10.37
N GLY A 291 -52.75 -10.19 -10.54
CA GLY A 291 -52.83 -11.64 -10.69
C GLY A 291 -52.59 -12.29 -9.35
N ASN A 292 -52.52 -13.63 -9.33
CA ASN A 292 -52.30 -14.36 -8.08
C ASN A 292 -51.21 -15.42 -8.18
N TYR A 293 -49.99 -15.03 -7.81
CA TYR A 293 -48.82 -15.91 -7.91
C TYR A 293 -48.59 -16.68 -6.62
N LEU A 294 -48.68 -15.97 -5.49
CA LEU A 294 -48.36 -16.57 -4.19
C LEU A 294 -49.43 -17.56 -3.74
N THR A 295 -50.69 -17.26 -4.01
CA THR A 295 -51.78 -18.15 -3.59
C THR A 295 -51.84 -19.41 -4.46
N THR A 296 -51.32 -19.32 -5.67
CA THR A 296 -51.22 -20.49 -6.55
C THR A 296 -50.17 -21.45 -5.97
N LEU A 297 -49.03 -20.90 -5.56
CA LEU A 297 -47.99 -21.71 -4.92
C LEU A 297 -48.47 -22.30 -3.62
N GLY A 298 -49.16 -21.50 -2.81
CA GLY A 298 -49.66 -21.94 -1.53
C GLY A 298 -50.56 -23.14 -1.64
N ASP A 299 -51.47 -23.11 -2.60
CA ASP A 299 -52.45 -24.17 -2.76
C ASP A 299 -51.85 -25.41 -3.45
N LYS A 300 -51.00 -25.19 -4.44
CA LYS A 300 -50.51 -26.28 -5.28
C LYS A 300 -49.26 -26.94 -4.72
N LEU A 301 -48.36 -26.17 -4.13
CA LEU A 301 -47.11 -26.74 -3.62
C LEU A 301 -47.35 -27.60 -2.38
N ASN A 302 -46.73 -28.79 -2.36
CA ASN A 302 -46.88 -29.71 -1.23
C ASN A 302 -46.51 -29.01 0.08
N PRO A 303 -47.27 -29.28 1.17
CA PRO A 303 -47.04 -28.54 2.41
C PRO A 303 -45.63 -28.66 2.99
N SER A 304 -45.01 -29.83 2.86
CA SER A 304 -43.70 -30.09 3.47
C SER A 304 -42.61 -29.22 2.86
N ILE A 305 -42.90 -28.68 1.69
CA ILE A 305 -41.91 -27.90 0.97
C ILE A 305 -41.89 -26.49 1.54
N GLN A 306 -40.68 -25.96 1.71
CA GLN A 306 -40.49 -24.64 2.28
C GLN A 306 -40.52 -23.58 1.18
N ILE A 307 -41.03 -22.39 1.53
CA ILE A 307 -41.08 -21.27 0.60
C ILE A 307 -40.40 -20.08 1.27
N MET A 308 -39.45 -19.48 0.56
CA MET A 308 -38.62 -18.43 1.11
C MET A 308 -39.19 -17.04 0.89
N TRP A 309 -38.80 -16.11 1.75
CA TRP A 309 -39.40 -14.78 1.79
C TRP A 309 -38.42 -13.79 2.41
N THR A 310 -38.23 -12.62 1.76
CA THR A 310 -37.28 -11.64 2.25
C THR A 310 -37.93 -10.51 3.02
N GLY A 311 -39.26 -10.56 3.17
CA GLY A 311 -40.00 -9.55 3.90
C GLY A 311 -40.85 -8.67 2.99
N ASP A 312 -41.22 -7.50 3.50
CA ASP A 312 -42.04 -6.56 2.73
C ASP A 312 -41.30 -5.97 1.54
N ARG A 313 -39.97 -6.04 1.56
CA ARG A 313 -39.17 -5.57 0.45
C ARG A 313 -37.97 -6.50 0.27
N VAL A 314 -37.20 -6.26 -0.78
CA VAL A 314 -36.03 -7.09 -1.08
C VAL A 314 -35.09 -7.07 0.12
N ILE A 315 -34.83 -5.86 0.60
CA ILE A 315 -34.11 -5.68 1.86
C ILE A 315 -35.11 -5.14 2.87
N SER A 316 -35.38 -5.94 3.90
CA SER A 316 -36.44 -5.63 4.84
C SER A 316 -36.25 -6.35 6.17
N ASP A 317 -36.70 -5.69 7.24
CA ASP A 317 -36.74 -6.30 8.56
C ASP A 317 -38.08 -7.01 8.73
N ILE A 318 -38.05 -8.17 9.38
CA ILE A 318 -39.24 -9.02 9.48
C ILE A 318 -40.13 -8.56 10.64
N THR A 319 -41.37 -8.22 10.30
CA THR A 319 -42.37 -7.76 11.25
C THR A 319 -43.47 -8.78 11.41
N ARG A 320 -44.33 -8.58 12.41
CA ARG A 320 -45.41 -9.52 12.68
C ARG A 320 -46.48 -9.43 11.59
N ASP A 321 -46.83 -8.22 11.21
CA ASP A 321 -47.86 -8.02 10.19
C ASP A 321 -47.33 -8.44 8.82
N GLY A 322 -46.02 -8.27 8.63
CA GLY A 322 -45.40 -8.62 7.37
C GLY A 322 -45.39 -10.12 7.12
N ILE A 323 -45.08 -10.90 8.15
CA ILE A 323 -44.99 -12.35 7.99
C ILE A 323 -46.39 -12.96 7.98
N SER A 324 -47.32 -12.31 8.66
CA SER A 324 -48.71 -12.76 8.63
C SER A 324 -49.27 -12.62 7.23
N TRP A 325 -48.83 -11.57 6.54
CA TRP A 325 -49.30 -11.27 5.19
C TRP A 325 -48.93 -12.37 4.22
N ILE A 326 -47.67 -12.79 4.26
CA ILE A 326 -47.21 -13.84 3.35
C ILE A 326 -47.77 -15.21 3.75
N ASN A 327 -47.75 -15.52 5.04
CA ASN A 327 -48.18 -16.84 5.53
C ASN A 327 -49.60 -17.22 5.13
N GLU A 328 -50.49 -16.23 5.09
CA GLU A 328 -51.87 -16.49 4.71
C GLU A 328 -51.99 -16.88 3.25
N ARG A 329 -51.03 -16.44 2.44
CA ARG A 329 -51.07 -16.69 1.01
C ARG A 329 -50.38 -17.99 0.62
N ILE A 330 -49.25 -18.29 1.24
CA ILE A 330 -48.53 -19.53 0.94
C ILE A 330 -49.01 -20.69 1.82
N LYS A 331 -49.97 -20.41 2.69
CA LYS A 331 -50.62 -21.45 3.50
C LYS A 331 -49.64 -22.24 4.37
N ARG A 332 -48.60 -21.57 4.83
CA ARG A 332 -47.57 -22.21 5.65
C ARG A 332 -46.64 -21.16 6.25
N PRO A 333 -45.94 -21.52 7.34
CA PRO A 333 -45.03 -20.53 7.92
C PRO A 333 -43.83 -20.27 7.00
N ALA A 334 -43.58 -19.00 6.71
CA ALA A 334 -42.55 -18.60 5.78
C ALA A 334 -41.15 -18.96 6.28
N TYR A 335 -40.26 -19.24 5.33
CA TYR A 335 -38.87 -19.56 5.58
C TYR A 335 -38.05 -18.30 5.25
N ILE A 336 -37.69 -17.53 6.26
CA ILE A 336 -37.11 -16.20 6.00
C ILE A 336 -35.72 -16.22 5.38
N TRP A 337 -35.61 -15.46 4.29
CA TRP A 337 -34.34 -15.14 3.65
C TRP A 337 -34.02 -13.69 3.96
N TRP A 338 -33.24 -13.44 5.01
CA TRP A 338 -32.95 -12.07 5.43
C TRP A 338 -31.71 -11.52 4.76
N ASN A 339 -31.89 -10.46 3.96
CA ASN A 339 -30.78 -9.94 3.17
C ASN A 339 -29.95 -8.93 3.97
N PHE A 340 -29.35 -9.42 5.05
CA PHE A 340 -28.33 -8.68 5.78
C PHE A 340 -27.36 -9.68 6.37
N PRO A 341 -26.04 -9.40 6.31
CA PRO A 341 -25.35 -8.18 5.89
C PRO A 341 -24.91 -8.12 4.43
N VAL A 342 -25.62 -8.83 3.55
CA VAL A 342 -25.24 -8.87 2.14
C VAL A 342 -25.10 -7.47 1.59
N SER A 343 -24.02 -7.26 0.83
CA SER A 343 -23.63 -5.94 0.38
C SER A 343 -23.35 -5.91 -1.11
N ASP A 344 -23.88 -6.88 -1.85
CA ASP A 344 -23.58 -7.00 -3.26
C ASP A 344 -24.19 -5.87 -4.10
N TYR A 345 -24.97 -5.01 -3.46
CA TYR A 345 -25.53 -3.83 -4.14
C TYR A 345 -24.93 -2.54 -3.58
N VAL A 346 -24.10 -2.67 -2.55
CA VAL A 346 -23.32 -1.55 -2.03
C VAL A 346 -21.91 -2.07 -1.75
N ARG A 347 -21.24 -2.52 -2.80
CA ARG A 347 -20.03 -3.30 -2.67
C ARG A 347 -18.85 -2.51 -2.16
N ASP A 348 -19.02 -1.18 -2.04
CA ASP A 348 -17.93 -0.33 -1.57
C ASP A 348 -18.05 -0.10 -0.06
N HIS A 349 -19.10 -0.65 0.55
CA HIS A 349 -19.27 -0.61 2.00
C HIS A 349 -19.11 -2.00 2.62
N LEU A 350 -18.50 -2.04 3.80
CA LEU A 350 -18.58 -3.22 4.66
C LEU A 350 -19.70 -3.00 5.64
N LEU A 351 -20.48 -4.04 5.91
CA LEU A 351 -21.57 -3.94 6.87
C LEU A 351 -21.27 -4.78 8.11
N LEU A 352 -20.65 -4.15 9.10
CA LEU A 352 -20.20 -4.86 10.31
C LEU A 352 -20.98 -4.44 11.55
N GLY A 353 -22.08 -3.71 11.36
CA GLY A 353 -22.90 -3.28 12.48
C GLY A 353 -23.73 -4.40 13.07
N PRO A 354 -24.55 -4.07 14.07
CA PRO A 354 -25.38 -5.06 14.77
C PRO A 354 -26.59 -5.52 13.97
N VAL A 355 -27.12 -6.68 14.34
CA VAL A 355 -28.30 -7.26 13.71
C VAL A 355 -29.53 -6.87 14.52
N TYR A 356 -30.46 -6.15 13.88
CA TYR A 356 -31.66 -5.68 14.57
C TYR A 356 -32.79 -5.36 13.59
N GLY A 357 -33.95 -5.04 14.14
CA GLY A 357 -35.11 -4.66 13.33
C GLY A 357 -36.15 -5.75 13.21
N ASN A 358 -35.73 -6.99 13.43
CA ASN A 358 -36.60 -8.14 13.29
C ASN A 358 -37.38 -8.41 14.57
N ASP A 359 -38.67 -8.71 14.40
CA ASP A 359 -39.56 -8.92 15.53
C ASP A 359 -39.11 -10.15 16.31
N THR A 360 -39.19 -10.06 17.63
CA THR A 360 -38.65 -11.09 18.53
C THR A 360 -39.71 -12.00 19.13
N THR A 361 -40.95 -11.87 18.65
CA THR A 361 -42.07 -12.64 19.20
C THR A 361 -42.74 -13.54 18.15
N ILE A 362 -42.20 -13.54 16.93
CA ILE A 362 -42.86 -14.21 15.81
C ILE A 362 -42.16 -15.52 15.43
N ALA A 363 -41.50 -16.14 16.41
CA ALA A 363 -40.73 -17.36 16.18
C ALA A 363 -41.59 -18.49 15.61
N LYS A 364 -42.82 -18.59 16.11
CA LYS A 364 -43.71 -19.67 15.68
C LYS A 364 -44.27 -19.42 14.28
N GLU A 365 -44.12 -18.20 13.78
CA GLU A 365 -44.72 -17.79 12.51
C GLU A 365 -43.76 -18.00 11.33
N MET A 366 -42.60 -18.61 11.59
CA MET A 366 -41.60 -18.81 10.55
C MET A 366 -41.02 -20.22 10.61
N SER A 367 -40.89 -20.84 9.45
CA SER A 367 -40.36 -22.20 9.36
C SER A 367 -38.85 -22.20 9.48
N GLY A 368 -38.24 -21.10 9.07
CA GLY A 368 -36.80 -20.97 9.10
C GLY A 368 -36.38 -19.54 9.05
N PHE A 369 -35.09 -19.31 9.27
CA PHE A 369 -34.53 -17.97 9.20
C PHE A 369 -33.06 -18.10 8.85
N VAL A 370 -32.71 -17.70 7.63
CA VAL A 370 -31.33 -17.70 7.19
C VAL A 370 -30.90 -16.29 6.80
N THR A 371 -29.62 -16.02 6.99
CA THR A 371 -29.04 -14.73 6.65
C THR A 371 -28.25 -14.87 5.36
N ASN A 372 -28.44 -13.91 4.46
CA ASN A 372 -27.62 -13.80 3.27
C ASN A 372 -26.44 -12.88 3.59
N PRO A 373 -25.19 -13.33 3.38
CA PRO A 373 -24.05 -12.55 3.86
C PRO A 373 -23.29 -11.75 2.78
N MET A 374 -22.21 -11.09 3.19
CA MET A 374 -21.29 -10.45 2.26
C MET A 374 -20.39 -11.51 1.65
N GLU A 375 -19.77 -11.20 0.52
CA GLU A 375 -18.81 -12.14 -0.06
C GLU A 375 -17.56 -12.21 0.83
N HIS A 376 -17.49 -11.30 1.81
CA HIS A 376 -16.46 -11.36 2.83
C HIS A 376 -16.94 -12.29 3.95
N ALA A 377 -16.45 -13.53 3.91
CA ALA A 377 -16.94 -14.59 4.79
C ALA A 377 -16.67 -14.31 6.26
N GLU A 378 -15.41 -14.04 6.61
CA GLU A 378 -15.04 -13.81 8.00
C GLU A 378 -15.75 -12.58 8.55
N SER A 379 -15.73 -11.49 7.77
CA SER A 379 -16.35 -10.24 8.19
C SER A 379 -17.83 -10.42 8.49
N SER A 380 -18.45 -11.39 7.81
CA SER A 380 -19.87 -11.65 7.96
C SER A 380 -20.19 -12.42 9.24
N LYS A 381 -19.17 -12.91 9.94
CA LYS A 381 -19.41 -13.71 11.13
C LYS A 381 -20.04 -12.89 12.25
N ILE A 382 -19.85 -11.58 12.22
CA ILE A 382 -20.46 -10.70 13.23
C ILE A 382 -21.96 -10.83 13.14
N ALA A 383 -22.51 -10.71 11.94
CA ALA A 383 -23.94 -10.84 11.73
C ALA A 383 -24.41 -12.27 11.94
N ILE A 384 -23.64 -13.21 11.40
CA ILE A 384 -24.01 -14.63 11.49
C ILE A 384 -24.13 -15.07 12.96
N TYR A 385 -23.17 -14.65 13.77
CA TYR A 385 -23.19 -14.91 15.21
C TYR A 385 -24.47 -14.39 15.83
N SER A 386 -24.85 -13.18 15.45
CA SER A 386 -26.02 -12.52 16.02
C SER A 386 -27.33 -13.16 15.54
N VAL A 387 -27.35 -13.61 14.29
CA VAL A 387 -28.53 -14.26 13.72
C VAL A 387 -28.74 -15.61 14.39
N ALA A 388 -27.64 -16.28 14.71
CA ALA A 388 -27.70 -17.57 15.41
C ALA A 388 -28.28 -17.40 16.79
N SER A 389 -28.03 -16.23 17.38
CA SER A 389 -28.56 -15.90 18.69
C SER A 389 -30.04 -15.56 18.58
N TYR A 390 -30.35 -14.65 17.66
CA TYR A 390 -31.74 -14.23 17.45
C TYR A 390 -32.62 -15.43 17.10
N ALA A 391 -32.11 -16.32 16.26
CA ALA A 391 -32.88 -17.44 15.74
C ALA A 391 -33.17 -18.49 16.80
N TRP A 392 -32.19 -18.74 17.66
CA TRP A 392 -32.32 -19.76 18.69
C TRP A 392 -33.21 -19.31 19.84
N ASN A 393 -32.96 -18.10 20.35
CA ASN A 393 -33.74 -17.56 21.46
C ASN A 393 -34.11 -16.10 21.24
N PRO A 394 -35.03 -15.85 20.29
CA PRO A 394 -35.40 -14.46 19.96
C PRO A 394 -35.93 -13.68 21.17
N ALA A 395 -36.48 -14.37 22.15
CA ALA A 395 -37.08 -13.72 23.33
C ALA A 395 -36.04 -13.03 24.21
N LYS A 396 -34.86 -13.64 24.34
CA LYS A 396 -33.78 -13.07 25.13
C LYS A 396 -32.74 -12.38 24.24
N TYR A 397 -33.09 -12.15 22.99
CA TYR A 397 -32.12 -11.61 22.05
C TYR A 397 -31.72 -10.18 22.38
N ASP A 398 -30.43 -9.99 22.63
CA ASP A 398 -29.85 -8.70 23.00
C ASP A 398 -28.96 -8.22 21.86
N THR A 399 -29.42 -7.21 21.14
CA THR A 399 -28.76 -6.74 19.92
C THR A 399 -27.30 -6.36 20.14
N TRP A 400 -27.09 -5.35 20.97
CA TRP A 400 -25.75 -4.81 21.18
C TRP A 400 -24.85 -5.82 21.89
N GLN A 401 -25.36 -6.48 22.92
CA GLN A 401 -24.56 -7.45 23.67
C GLN A 401 -24.02 -8.58 22.78
N THR A 402 -24.87 -9.09 21.90
CA THR A 402 -24.48 -10.16 21.01
C THR A 402 -23.49 -9.65 19.97
N TRP A 403 -23.65 -8.39 19.56
CA TRP A 403 -22.73 -7.78 18.60
C TRP A 403 -21.33 -7.72 19.20
N LYS A 404 -21.25 -7.30 20.45
CA LYS A 404 -19.97 -7.23 21.16
C LYS A 404 -19.38 -8.63 21.38
N ASP A 405 -20.24 -9.59 21.73
CA ASP A 405 -19.78 -10.97 21.97
C ASP A 405 -19.28 -11.62 20.69
N ALA A 406 -19.91 -11.27 19.56
CA ALA A 406 -19.47 -11.77 18.26
C ALA A 406 -18.06 -11.29 17.97
N ILE A 407 -17.84 -10.00 18.14
CA ILE A 407 -16.54 -9.38 17.89
C ILE A 407 -15.46 -9.97 18.80
N ARG A 408 -15.82 -10.22 20.05
CA ARG A 408 -14.86 -10.72 21.03
C ARG A 408 -14.57 -12.20 20.81
N THR A 409 -15.47 -12.85 20.06
CA THR A 409 -15.33 -14.27 19.76
C THR A 409 -14.48 -14.47 18.50
N ILE A 410 -14.66 -13.55 17.56
CA ILE A 410 -13.99 -13.62 16.26
C ILE A 410 -12.56 -13.15 16.35
N LEU A 411 -12.29 -12.23 17.27
CA LEU A 411 -10.95 -11.65 17.38
C LEU A 411 -10.63 -11.23 18.82
N PRO A 412 -10.45 -12.22 19.71
CA PRO A 412 -10.16 -11.96 21.12
C PRO A 412 -8.95 -11.05 21.31
N SER A 413 -7.91 -11.24 20.51
CA SER A 413 -6.64 -10.52 20.68
C SER A 413 -6.79 -9.02 20.44
N ALA A 414 -7.84 -8.61 19.74
CA ALA A 414 -8.08 -7.19 19.47
C ALA A 414 -9.57 -6.88 19.32
N ALA A 415 -10.33 -7.17 20.37
CA ALA A 415 -11.79 -7.03 20.36
C ALA A 415 -12.23 -5.57 20.24
N GLU A 416 -11.65 -4.71 21.07
CA GLU A 416 -12.06 -3.31 21.10
C GLU A 416 -11.63 -2.56 19.85
N GLU A 417 -10.52 -2.98 19.25
CA GLU A 417 -10.06 -2.37 18.01
C GLU A 417 -11.00 -2.75 16.87
N LEU A 418 -11.44 -4.00 16.85
CA LEU A 418 -12.37 -4.48 15.86
C LEU A 418 -13.76 -3.90 16.11
N GLU A 419 -14.04 -3.57 17.38
CA GLU A 419 -15.30 -2.97 17.74
C GLU A 419 -15.34 -1.52 17.29
N CYS A 420 -14.23 -0.83 17.48
CA CYS A 420 -14.11 0.55 17.04
C CYS A 420 -14.30 0.66 15.53
N PHE A 421 -13.69 -0.27 14.80
CA PHE A 421 -13.70 -0.27 13.34
C PHE A 421 -15.10 -0.57 12.80
N ALA A 422 -15.76 -1.53 13.42
CA ALA A 422 -17.09 -1.96 12.99
C ALA A 422 -18.17 -0.96 13.41
N MET A 423 -17.90 -0.23 14.49
CA MET A 423 -18.82 0.81 14.96
C MET A 423 -19.01 1.88 13.89
N HIS A 424 -17.97 2.12 13.10
CA HIS A 424 -17.97 3.19 12.11
C HIS A 424 -18.01 2.62 10.68
N ASN A 425 -18.42 1.36 10.58
CA ASN A 425 -18.60 0.68 9.30
C ASN A 425 -19.85 -0.19 9.29
N SER A 426 -21.01 0.44 9.45
CA SER A 426 -22.26 -0.30 9.55
C SER A 426 -23.32 0.18 8.56
N ASP A 427 -23.26 1.44 8.15
CA ASP A 427 -24.29 1.98 7.26
C ASP A 427 -23.96 1.66 5.80
N LEU A 428 -25.02 1.46 5.00
CA LEU A 428 -24.87 1.10 3.59
C LEU A 428 -24.70 2.31 2.70
N GLY A 429 -25.09 3.48 3.20
CA GLY A 429 -25.11 4.67 2.38
C GLY A 429 -26.26 4.59 1.40
N PRO A 430 -26.48 5.66 0.61
CA PRO A 430 -27.58 5.72 -0.35
C PRO A 430 -27.60 4.52 -1.30
N ASN A 431 -28.80 3.97 -1.55
CA ASN A 431 -28.94 2.83 -2.43
C ASN A 431 -30.36 2.70 -2.96
N GLY A 432 -30.51 1.93 -4.04
CA GLY A 432 -31.79 1.83 -4.73
C GLY A 432 -32.87 1.19 -3.87
N HIS A 433 -32.46 0.44 -2.86
CA HIS A 433 -33.41 -0.22 -1.97
C HIS A 433 -33.85 0.69 -0.83
N GLY A 434 -33.10 1.77 -0.59
CA GLY A 434 -33.41 2.71 0.47
C GLY A 434 -33.21 2.14 1.86
N TYR A 435 -32.44 1.05 1.95
CA TYR A 435 -32.18 0.39 3.22
C TYR A 435 -30.94 0.96 3.88
N ARG A 436 -31.09 1.42 5.11
CA ARG A 436 -30.00 2.05 5.84
C ARG A 436 -29.85 1.42 7.22
N ARG A 437 -28.71 1.68 7.85
CA ARG A 437 -28.44 1.19 9.20
C ARG A 437 -27.76 2.31 9.99
N GLU A 438 -27.98 2.34 11.30
CA GLU A 438 -27.33 3.34 12.15
C GLU A 438 -25.82 3.19 12.08
N GLU A 439 -25.12 4.27 12.37
CA GLU A 439 -23.66 4.26 12.40
C GLU A 439 -23.16 5.40 13.29
N SER A 440 -22.08 5.14 14.01
CA SER A 440 -21.39 6.17 14.82
C SER A 440 -22.33 6.92 15.75
N MET A 441 -23.25 6.21 16.39
CA MET A 441 -24.22 6.85 17.28
C MET A 441 -23.60 7.36 18.58
N ASP A 442 -22.50 6.72 18.99
CA ASP A 442 -21.77 7.13 20.18
C ASP A 442 -21.37 8.60 20.14
N ILE A 443 -20.85 9.03 19.01
CA ILE A 443 -20.24 10.35 18.89
C ILE A 443 -21.08 11.32 18.05
N GLN A 444 -22.23 10.86 17.57
CA GLN A 444 -23.05 11.66 16.68
C GLN A 444 -23.60 12.93 17.35
N PRO A 445 -24.19 12.82 18.55
CA PRO A 445 -24.64 14.04 19.23
C PRO A 445 -23.55 15.11 19.37
N ALA A 446 -22.33 14.70 19.70
CA ALA A 446 -21.23 15.64 19.87
C ALA A 446 -20.75 16.19 18.53
N ALA A 447 -20.77 15.34 17.51
CA ALA A 447 -20.40 15.76 16.17
C ALA A 447 -21.46 16.71 15.61
N GLU A 448 -22.73 16.44 15.90
CA GLU A 448 -23.82 17.28 15.45
C GLU A 448 -23.66 18.68 16.04
N ARG A 449 -23.68 18.76 17.37
CA ARG A 449 -23.59 20.03 18.07
C ARG A 449 -22.39 20.86 17.63
N PHE A 450 -21.26 20.19 17.41
CA PHE A 450 -20.03 20.87 17.03
C PHE A 450 -20.17 21.59 15.68
N LEU A 451 -20.87 20.95 14.75
CA LEU A 451 -20.94 21.44 13.38
C LEU A 451 -21.74 22.73 13.25
N LYS A 452 -22.91 22.81 13.88
CA LYS A 452 -23.72 24.02 13.79
C LYS A 452 -23.06 25.16 14.56
N ALA A 453 -22.52 24.82 15.74
CA ALA A 453 -21.79 25.80 16.55
C ALA A 453 -20.65 26.41 15.76
N PHE A 454 -19.94 25.57 15.02
CA PHE A 454 -18.84 26.03 14.20
C PHE A 454 -19.36 26.84 13.01
N LYS A 455 -20.37 26.31 12.32
CA LYS A 455 -20.93 26.96 11.14
C LYS A 455 -21.45 28.35 11.48
N GLU A 456 -22.04 28.48 12.66
CA GLU A 456 -22.52 29.77 13.15
C GLU A 456 -21.42 30.47 13.92
N GLY A 457 -21.74 31.63 14.48
CA GLY A 457 -20.76 32.38 15.24
C GLY A 457 -20.55 31.84 16.64
N LYS A 458 -21.37 30.86 17.02
CA LYS A 458 -21.34 30.34 18.38
C LYS A 458 -20.07 29.54 18.64
N ASN A 459 -19.89 29.09 19.88
CA ASN A 459 -18.68 28.39 20.28
C ASN A 459 -18.96 26.96 20.70
N TYR A 460 -18.30 26.02 20.03
CA TYR A 460 -18.47 24.61 20.32
C TYR A 460 -18.03 24.29 21.75
N ASP A 461 -18.67 23.31 22.37
CA ASP A 461 -18.28 22.85 23.69
C ASP A 461 -16.94 22.12 23.59
N LYS A 462 -16.06 22.38 24.54
CA LYS A 462 -14.74 21.74 24.59
C LYS A 462 -14.87 20.23 24.62
N ALA A 463 -15.83 19.74 25.41
CA ALA A 463 -16.07 18.31 25.55
C ALA A 463 -16.30 17.65 24.19
N ASP A 464 -17.11 18.29 23.36
CA ASP A 464 -17.42 17.75 22.04
C ASP A 464 -16.17 17.71 21.17
N PHE A 465 -15.31 18.71 21.32
CA PHE A 465 -14.08 18.78 20.54
C PHE A 465 -13.13 17.64 20.91
N GLU A 466 -13.01 17.39 22.21
CA GLU A 466 -12.11 16.34 22.70
C GLU A 466 -12.63 14.96 22.35
N THR A 467 -13.95 14.83 22.29
CA THR A 467 -14.58 13.56 21.90
C THR A 467 -14.19 13.19 20.48
N LEU A 468 -14.06 14.19 19.61
CA LEU A 468 -13.70 13.95 18.22
C LEU A 468 -12.21 13.60 18.13
N GLN A 469 -11.39 14.30 18.90
CA GLN A 469 -9.96 13.99 18.98
C GLN A 469 -9.71 12.56 19.43
N TYR A 470 -10.42 12.14 20.48
CA TYR A 470 -10.31 10.80 21.02
C TYR A 470 -10.75 9.78 19.98
N THR A 471 -11.83 10.09 19.28
CA THR A 471 -12.36 9.18 18.28
C THR A 471 -11.33 8.97 17.18
N PHE A 472 -10.80 10.07 16.65
CA PHE A 472 -9.84 9.96 15.56
C PHE A 472 -8.59 9.25 16.02
N GLU A 473 -8.11 9.57 17.21
CA GLU A 473 -6.93 8.92 17.76
C GLU A 473 -7.16 7.41 17.90
N ARG A 474 -8.34 7.04 18.38
CA ARG A 474 -8.67 5.63 18.61
C ARG A 474 -8.82 4.87 17.31
N MET A 475 -9.29 5.55 16.26
CA MET A 475 -9.46 4.93 14.95
C MET A 475 -8.11 4.53 14.36
N LYS A 476 -7.10 5.37 14.56
CA LYS A 476 -5.76 5.08 14.03
C LYS A 476 -5.17 3.88 14.75
N GLU A 477 -5.33 3.86 16.07
CA GLU A 477 -4.85 2.75 16.87
C GLU A 477 -5.44 1.45 16.37
N SER A 478 -6.76 1.46 16.20
CA SER A 478 -7.48 0.28 15.76
C SER A 478 -7.03 -0.18 14.38
N ALA A 479 -6.86 0.78 13.47
CA ALA A 479 -6.44 0.48 12.10
C ALA A 479 -5.08 -0.20 12.07
N ASP A 480 -4.12 0.36 12.78
CA ASP A 480 -2.75 -0.16 12.75
C ASP A 480 -2.65 -1.52 13.44
N ILE A 481 -3.43 -1.72 14.50
CA ILE A 481 -3.39 -2.96 15.27
C ILE A 481 -4.07 -4.08 14.53
N LEU A 482 -5.13 -3.75 13.79
CA LEU A 482 -5.86 -4.72 13.01
C LEU A 482 -5.04 -5.20 11.82
N LEU A 483 -4.31 -4.29 11.18
CA LEU A 483 -3.50 -4.65 10.01
C LEU A 483 -2.49 -5.75 10.32
N MET A 484 -1.91 -5.68 11.51
CA MET A 484 -0.81 -6.56 11.89
C MET A 484 -1.27 -7.78 12.67
N ASN A 485 -2.57 -7.88 12.90
CA ASN A 485 -3.11 -8.97 13.68
C ASN A 485 -2.99 -10.29 12.94
N THR A 486 -2.50 -11.32 13.65
CA THR A 486 -2.24 -12.62 13.05
C THR A 486 -3.21 -13.71 13.52
N GLU A 487 -4.16 -13.34 14.39
CA GLU A 487 -5.08 -14.32 14.96
C GLU A 487 -6.10 -14.78 13.94
N ASN A 488 -6.55 -13.86 13.10
CA ASN A 488 -7.48 -14.18 12.02
C ASN A 488 -7.03 -13.51 10.72
N LYS A 489 -6.04 -14.12 10.07
CA LYS A 489 -5.44 -13.55 8.87
C LYS A 489 -6.47 -13.35 7.75
N PRO A 490 -7.34 -14.34 7.51
CA PRO A 490 -8.30 -14.14 6.42
C PRO A 490 -9.23 -12.95 6.68
N LEU A 491 -9.63 -12.74 7.93
CA LEU A 491 -10.45 -11.58 8.28
C LEU A 491 -9.74 -10.30 7.86
N ILE A 492 -8.47 -10.19 8.24
CA ILE A 492 -7.72 -8.96 7.96
C ILE A 492 -7.58 -8.74 6.46
N VAL A 493 -7.33 -9.80 5.69
CA VAL A 493 -7.19 -9.68 4.24
C VAL A 493 -8.45 -9.07 3.64
N GLU A 494 -9.61 -9.47 4.17
CA GLU A 494 -10.89 -8.98 3.65
C GLU A 494 -11.06 -7.48 3.88
N ILE A 495 -10.82 -7.02 5.11
CA ILE A 495 -11.16 -5.65 5.49
C ILE A 495 -10.01 -4.67 5.28
N THR A 496 -8.84 -5.17 4.87
CA THR A 496 -7.61 -4.38 4.85
C THR A 496 -7.73 -3.08 4.05
N PRO A 497 -8.31 -3.14 2.84
CA PRO A 497 -8.47 -1.88 2.08
C PRO A 497 -9.29 -0.84 2.85
N TRP A 498 -10.35 -1.28 3.51
CA TRP A 498 -11.18 -0.40 4.31
C TRP A 498 -10.45 0.09 5.56
N VAL A 499 -9.56 -0.74 6.10
CA VAL A 499 -8.77 -0.34 7.25
C VAL A 499 -7.83 0.78 6.86
N HIS A 500 -7.23 0.67 5.67
CA HIS A 500 -6.35 1.72 5.17
C HIS A 500 -7.10 3.03 5.04
N GLN A 501 -8.29 2.96 4.43
CA GLN A 501 -9.12 4.13 4.22
C GLN A 501 -9.62 4.68 5.54
N PHE A 502 -9.84 3.77 6.49
CA PHE A 502 -10.26 4.11 7.84
C PHE A 502 -9.23 4.98 8.54
N LYS A 503 -7.96 4.59 8.42
CA LYS A 503 -6.90 5.33 9.08
C LYS A 503 -6.74 6.70 8.42
N LEU A 504 -6.86 6.74 7.10
CA LEU A 504 -6.74 7.99 6.37
C LEU A 504 -7.83 8.96 6.80
N THR A 505 -9.02 8.43 7.03
CA THR A 505 -10.13 9.27 7.50
C THR A 505 -9.79 9.84 8.87
N ALA A 506 -9.25 9.01 9.75
CA ALA A 506 -8.90 9.44 11.09
C ALA A 506 -7.83 10.52 11.05
N GLU A 507 -6.80 10.31 10.24
CA GLU A 507 -5.73 11.29 10.09
C GLU A 507 -6.22 12.62 9.54
N MET A 508 -7.07 12.55 8.51
CA MET A 508 -7.62 13.76 7.91
C MET A 508 -8.42 14.53 8.94
N GLY A 509 -9.17 13.80 9.76
CA GLY A 509 -9.98 14.41 10.80
C GLY A 509 -9.13 15.11 11.85
N GLU A 510 -8.02 14.48 12.23
CA GLU A 510 -7.10 15.08 13.19
C GLU A 510 -6.54 16.39 12.66
N GLU A 511 -6.18 16.41 11.38
CA GLU A 511 -5.57 17.59 10.77
C GLU A 511 -6.57 18.73 10.62
N VAL A 512 -7.83 18.38 10.38
CA VAL A 512 -8.87 19.40 10.27
C VAL A 512 -9.16 20.02 11.64
N LEU A 513 -9.14 19.21 12.70
CA LEU A 513 -9.36 19.72 14.05
C LEU A 513 -8.27 20.71 14.42
N LYS A 514 -7.07 20.49 13.91
CA LYS A 514 -5.96 21.39 14.18
C LYS A 514 -6.17 22.69 13.42
N MET A 515 -6.85 22.61 12.28
CA MET A 515 -7.18 23.80 11.51
C MET A 515 -8.27 24.62 12.21
N VAL A 516 -9.07 23.97 13.06
CA VAL A 516 -10.13 24.67 13.79
C VAL A 516 -9.54 25.68 14.76
N GLU A 517 -8.52 25.26 15.49
CA GLU A 517 -7.82 26.15 16.42
C GLU A 517 -7.14 27.24 15.61
N GLY A 518 -6.41 26.83 14.58
CA GLY A 518 -5.82 27.76 13.62
C GLY A 518 -4.52 28.39 14.10
N ARG A 519 -4.55 28.93 15.32
CA ARG A 519 -3.44 29.73 15.86
C ARG A 519 -2.84 30.67 14.79
N ASN A 520 -1.61 30.41 14.36
CA ASN A 520 -0.97 31.27 13.35
C ASN A 520 -1.28 30.85 11.92
N GLU A 521 -0.82 31.66 10.96
CA GLU A 521 -1.17 31.48 9.56
C GLU A 521 -0.37 30.37 8.88
N SER A 522 0.92 30.31 9.19
CA SER A 522 1.81 29.31 8.59
C SER A 522 1.37 27.90 8.96
N TYR A 523 0.94 27.71 10.20
CA TYR A 523 0.52 26.41 10.68
C TYR A 523 -0.72 25.93 9.94
N PHE A 524 -1.66 26.85 9.72
CA PHE A 524 -2.92 26.51 9.05
C PHE A 524 -2.65 25.94 7.66
N LEU A 525 -1.71 26.58 6.95
CA LEU A 525 -1.37 26.16 5.60
C LEU A 525 -0.73 24.78 5.59
N ARG A 526 0.13 24.51 6.56
CA ARG A 526 0.73 23.18 6.70
C ARG A 526 -0.34 22.11 6.82
N LYS A 527 -1.31 22.34 7.71
CA LYS A 527 -2.40 21.39 7.91
C LYS A 527 -3.23 21.27 6.64
N TYR A 528 -3.46 22.41 5.97
CA TYR A 528 -4.24 22.45 4.74
C TYR A 528 -3.62 21.59 3.65
N ASN A 529 -2.33 21.77 3.42
CA ASN A 529 -1.62 20.99 2.40
C ASN A 529 -1.61 19.51 2.75
N HIS A 530 -1.60 19.21 4.04
CA HIS A 530 -1.59 17.82 4.49
C HIS A 530 -2.94 17.19 4.23
N VAL A 531 -4.02 17.89 4.57
CA VAL A 531 -5.36 17.38 4.31
C VAL A 531 -5.51 17.07 2.82
N LYS A 532 -5.06 17.98 1.96
CA LYS A 532 -5.19 17.80 0.50
C LYS A 532 -4.47 16.53 0.04
N ALA A 533 -3.28 16.30 0.59
CA ALA A 533 -2.51 15.11 0.24
C ALA A 533 -3.22 13.85 0.73
N LEU A 534 -3.91 13.97 1.87
CA LEU A 534 -4.67 12.84 2.41
C LEU A 534 -5.90 12.54 1.55
N GLN A 535 -6.55 13.59 1.06
CA GLN A 535 -7.66 13.42 0.11
C GLN A 535 -7.19 12.63 -1.11
N GLN A 536 -5.99 12.93 -1.58
CA GLN A 536 -5.42 12.28 -2.77
C GLN A 536 -5.08 10.83 -2.49
N GLN A 537 -4.66 10.54 -1.26
CA GLN A 537 -4.37 9.17 -0.87
C GLN A 537 -5.66 8.35 -0.79
N MET A 538 -6.72 8.94 -0.27
CA MET A 538 -7.99 8.25 -0.20
C MET A 538 -8.51 7.99 -1.61
N PHE A 539 -8.27 8.94 -2.51
CA PHE A 539 -8.65 8.78 -3.91
C PHE A 539 -7.91 7.60 -4.52
N TYR A 540 -6.61 7.50 -4.24
CA TYR A 540 -5.79 6.43 -4.80
C TYR A 540 -6.29 5.05 -4.37
N ILE A 541 -6.66 4.91 -3.10
CA ILE A 541 -7.18 3.64 -2.59
C ILE A 541 -8.55 3.34 -3.19
N ASP A 542 -9.36 4.37 -3.35
CA ASP A 542 -10.70 4.21 -3.92
C ASP A 542 -10.64 3.75 -5.38
N GLN A 543 -9.47 3.86 -6.02
CA GLN A 543 -9.32 3.56 -7.45
C GLN A 543 -8.44 2.34 -7.73
N THR A 544 -7.83 1.77 -6.69
CA THR A 544 -6.92 0.63 -6.85
C THR A 544 -7.34 -0.58 -6.01
N SER A 545 -8.26 -0.38 -5.08
CA SER A 545 -8.75 -1.45 -4.23
C SER A 545 -10.21 -1.76 -4.53
N ASN A 546 -10.55 -3.05 -4.52
CA ASN A 546 -11.94 -3.50 -4.68
C ASN A 546 -12.57 -2.95 -5.96
N GLN A 547 -11.88 -3.13 -7.08
CA GLN A 547 -12.39 -2.61 -8.35
C GLN A 547 -13.38 -3.59 -9.00
N ASN A 548 -14.55 -3.73 -8.38
CA ASN A 548 -15.61 -4.56 -8.93
C ASN A 548 -16.39 -3.79 -9.99
N PRO A 549 -17.19 -4.49 -10.81
CA PRO A 549 -17.87 -3.83 -11.94
C PRO A 549 -19.05 -2.95 -11.54
N TYR A 550 -19.43 -2.95 -10.27
CA TYR A 550 -20.71 -2.37 -9.87
C TYR A 550 -20.56 -1.15 -8.96
N GLN A 551 -20.04 -1.38 -7.75
CA GLN A 551 -19.71 -0.28 -6.84
C GLN A 551 -18.25 -0.43 -6.43
N PRO A 552 -17.33 0.04 -7.29
CA PRO A 552 -15.90 -0.12 -6.98
C PRO A 552 -15.42 0.87 -5.93
N GLY A 553 -14.26 0.59 -5.36
CA GLY A 553 -13.65 1.50 -4.42
C GLY A 553 -13.95 1.15 -2.97
N VAL A 554 -13.53 2.02 -2.07
CA VAL A 554 -13.54 1.73 -0.65
C VAL A 554 -14.04 2.94 0.11
N LYS A 555 -15.26 2.83 0.65
CA LYS A 555 -15.87 3.89 1.44
C LYS A 555 -16.02 3.44 2.89
N THR A 556 -15.81 4.37 3.81
CA THR A 556 -15.84 4.06 5.24
C THR A 556 -16.29 5.27 6.06
N ALA A 557 -16.93 5.00 7.19
CA ALA A 557 -17.36 6.05 8.12
C ALA A 557 -18.16 7.13 7.37
N THR A 558 -19.07 6.67 6.52
CA THR A 558 -19.77 7.56 5.58
C THR A 558 -20.93 8.32 6.21
N ARG A 559 -21.52 7.79 7.28
CA ARG A 559 -22.77 8.33 7.78
C ARG A 559 -22.57 9.60 8.60
N VAL A 560 -21.66 9.57 9.56
CA VAL A 560 -21.47 10.68 10.49
C VAL A 560 -20.10 11.36 10.32
N ILE A 561 -19.05 10.56 10.26
CA ILE A 561 -17.68 11.08 10.38
C ILE A 561 -17.19 11.81 9.13
N LYS A 562 -17.29 11.17 7.97
CA LYS A 562 -16.78 11.77 6.73
C LYS A 562 -17.50 13.08 6.40
N PRO A 563 -18.84 13.14 6.56
CA PRO A 563 -19.51 14.42 6.36
C PRO A 563 -19.08 15.48 7.38
N LEU A 564 -18.84 15.07 8.62
CA LEU A 564 -18.39 15.99 9.65
C LEU A 564 -17.08 16.63 9.23
N ILE A 565 -16.14 15.79 8.81
CA ILE A 565 -14.80 16.25 8.47
C ILE A 565 -14.86 17.12 7.21
N ASP A 566 -15.63 16.69 6.22
CA ASP A 566 -15.76 17.44 4.97
C ASP A 566 -16.37 18.81 5.20
N ARG A 567 -17.46 18.84 5.97
CA ARG A 567 -18.17 20.09 6.22
C ARG A 567 -17.37 21.00 7.15
N THR A 568 -16.62 20.41 8.07
CA THR A 568 -15.77 21.17 8.96
C THR A 568 -14.62 21.78 8.18
N PHE A 569 -14.06 21.00 7.26
CA PHE A 569 -12.97 21.45 6.42
C PHE A 569 -13.40 22.57 5.49
N ALA A 570 -14.56 22.41 4.87
CA ALA A 570 -15.06 23.39 3.92
C ALA A 570 -15.39 24.71 4.61
N THR A 571 -15.77 24.62 5.89
CA THR A 571 -16.18 25.80 6.64
C THR A 571 -14.98 26.58 7.16
N VAL A 572 -13.95 25.87 7.63
CA VAL A 572 -12.78 26.54 8.19
C VAL A 572 -11.97 27.19 7.06
N VAL A 573 -11.94 26.53 5.90
CA VAL A 573 -11.28 27.10 4.73
C VAL A 573 -12.03 28.35 4.30
N LYS A 574 -13.35 28.32 4.43
CA LYS A 574 -14.19 29.47 4.09
C LYS A 574 -13.84 30.64 4.99
N PHE A 575 -13.75 30.37 6.30
CA PHE A 575 -13.40 31.41 7.27
C PHE A 575 -12.00 31.95 7.02
N PHE A 576 -11.10 31.07 6.57
CA PHE A 576 -9.73 31.47 6.30
C PHE A 576 -9.66 32.42 5.10
N ASN A 577 -10.42 32.10 4.06
CA ASN A 577 -10.48 32.93 2.86
C ASN A 577 -11.11 34.29 3.16
N GLN A 578 -12.04 34.31 4.11
CA GLN A 578 -12.66 35.55 4.55
C GLN A 578 -11.69 36.40 5.34
N LYS A 579 -10.98 35.77 6.27
CA LYS A 579 -10.09 36.48 7.17
C LYS A 579 -8.86 37.02 6.45
N PHE A 580 -8.17 36.15 5.72
CA PHE A 580 -6.90 36.52 5.08
C PHE A 580 -7.05 36.90 3.61
N ASN A 581 -8.31 36.98 3.14
CA ASN A 581 -8.59 37.28 1.75
C ASN A 581 -7.82 36.34 0.83
N ALA A 582 -7.91 35.05 1.12
CA ALA A 582 -7.26 34.02 0.33
C ALA A 582 -8.28 33.36 -0.58
N HIS A 583 -7.79 32.46 -1.44
CA HIS A 583 -8.64 31.76 -2.39
C HIS A 583 -8.33 30.27 -2.36
N LEU A 584 -8.23 29.72 -1.15
CA LEU A 584 -7.99 28.30 -0.98
C LEU A 584 -9.19 27.48 -1.40
N ASP A 585 -8.91 26.30 -1.96
CA ASP A 585 -9.94 25.41 -2.47
C ASP A 585 -10.58 24.64 -1.33
N ALA A 586 -11.91 24.72 -1.23
CA ALA A 586 -12.65 24.07 -0.16
C ALA A 586 -13.22 22.71 -0.60
N THR A 587 -12.77 22.23 -1.75
CA THR A 587 -13.16 20.90 -2.23
C THR A 587 -12.72 19.83 -1.24
N THR A 588 -13.57 18.83 -1.01
CA THR A 588 -13.34 17.83 0.03
C THR A 588 -13.00 16.44 -0.52
N ASP A 589 -13.28 16.24 -1.81
CA ASP A 589 -12.95 15.00 -2.51
C ASP A 589 -12.04 15.31 -3.68
N TYR A 590 -10.86 14.68 -3.71
CA TYR A 590 -9.88 14.94 -4.75
C TYR A 590 -10.41 14.49 -6.11
N MET A 591 -10.11 15.28 -7.14
CA MET A 591 -10.54 14.98 -8.50
C MET A 591 -9.52 15.52 -9.49
N PRO A 592 -8.69 14.63 -10.08
CA PRO A 592 -7.61 15.10 -10.95
C PRO A 592 -8.09 15.82 -12.20
N HIS A 593 -9.35 15.58 -12.60
CA HIS A 593 -9.93 16.22 -13.77
C HIS A 593 -10.68 17.49 -13.36
N LYS A 594 -11.26 18.17 -14.35
CA LYS A 594 -12.01 19.40 -14.11
C LYS A 594 -13.35 19.38 -14.84
N MET A 595 -14.28 20.21 -14.39
CA MET A 595 -15.58 20.33 -15.07
C MET A 595 -16.19 21.69 -14.79
N ILE A 596 -16.14 22.56 -15.80
CA ILE A 596 -16.65 23.92 -15.68
C ILE A 596 -17.84 24.13 -16.61
N SER A 597 -18.49 25.28 -16.49
CA SER A 597 -19.68 25.58 -17.27
C SER A 597 -20.12 27.02 -17.07
N ILE A 602 -25.92 21.91 -13.11
CA ILE A 602 -24.77 21.08 -13.48
C ILE A 602 -23.47 21.82 -13.17
N LYS A 603 -23.58 22.97 -12.53
CA LYS A 603 -22.40 23.77 -12.21
C LYS A 603 -21.63 23.18 -11.05
N ASN A 604 -22.35 22.83 -9.99
CA ASN A 604 -21.73 22.38 -8.74
C ASN A 604 -21.53 20.87 -8.65
N LEU A 605 -22.14 20.14 -9.58
CA LEU A 605 -22.10 18.67 -9.55
C LEU A 605 -20.65 18.15 -9.62
N PRO A 606 -20.23 17.39 -8.60
CA PRO A 606 -18.84 16.91 -8.58
C PRO A 606 -18.60 15.77 -9.58
N LEU A 607 -17.41 15.73 -10.14
CA LEU A 607 -17.02 14.63 -11.02
C LEU A 607 -16.68 13.41 -10.17
N GLN A 608 -16.80 12.24 -10.78
CA GLN A 608 -16.40 10.98 -10.16
C GLN A 608 -15.65 10.14 -11.17
N VAL A 609 -14.65 9.40 -10.69
CA VAL A 609 -13.94 8.44 -11.51
C VAL A 609 -14.29 7.04 -11.02
N LYS A 610 -14.75 6.21 -11.94
CA LYS A 610 -15.03 4.81 -11.64
C LYS A 610 -14.37 3.95 -12.70
N ALA A 611 -13.32 3.24 -12.28
CA ALA A 611 -12.51 2.43 -13.19
C ALA A 611 -12.00 3.29 -14.36
N ASN A 612 -12.42 2.95 -15.57
CA ASN A 612 -11.96 3.67 -16.76
C ASN A 612 -13.03 4.65 -17.26
N ARG A 613 -13.91 5.05 -16.35
CA ARG A 613 -14.96 6.01 -16.68
C ARG A 613 -14.82 7.30 -15.88
N VAL A 614 -15.06 8.42 -16.55
CA VAL A 614 -15.11 9.73 -15.90
C VAL A 614 -16.52 10.26 -16.09
N LEU A 615 -17.24 10.45 -15.00
CA LEU A 615 -18.66 10.78 -15.05
C LEU A 615 -19.02 11.93 -14.13
N ILE A 616 -20.12 12.60 -14.45
CA ILE A 616 -20.65 13.68 -13.62
C ILE A 616 -21.69 13.11 -12.66
N SER A 617 -21.61 13.53 -11.40
CA SER A 617 -22.55 13.08 -10.38
C SER A 617 -23.98 13.46 -10.76
N PRO A 618 -24.87 12.48 -10.97
CA PRO A 618 -26.25 12.81 -11.34
C PRO A 618 -26.99 13.62 -10.27
N ALA A 619 -28.13 14.19 -10.66
CA ALA A 619 -28.96 14.96 -9.74
C ALA A 619 -30.41 14.48 -9.82
N ASN A 620 -31.22 14.91 -8.86
CA ASN A 620 -32.62 14.52 -8.79
C ASN A 620 -33.54 15.66 -9.21
N GLU A 621 -32.97 16.67 -9.85
CA GLU A 621 -33.72 17.83 -10.29
C GLU A 621 -34.13 17.69 -11.75
N VAL A 622 -34.72 18.74 -12.31
CA VAL A 622 -35.08 18.80 -13.73
C VAL A 622 -34.27 19.87 -14.43
N VAL A 623 -33.34 19.46 -15.29
CA VAL A 623 -32.47 20.40 -15.98
C VAL A 623 -33.15 21.00 -17.22
N LYS A 624 -32.80 22.25 -17.53
CA LYS A 624 -33.22 22.89 -18.77
C LYS A 624 -32.38 24.14 -19.04
N GLY A 628 -28.17 27.94 -25.94
CA GLY A 628 -26.98 27.30 -26.47
C GLY A 628 -25.90 27.15 -25.42
N ASN A 629 -26.31 26.81 -24.19
CA ASN A 629 -25.37 26.62 -23.10
C ASN A 629 -24.45 25.44 -23.36
N SER A 630 -23.41 25.30 -22.54
CA SER A 630 -22.47 24.20 -22.73
C SER A 630 -21.73 23.81 -21.44
N VAL A 631 -21.44 22.51 -21.32
CA VAL A 631 -20.65 21.95 -20.24
C VAL A 631 -19.31 21.50 -20.80
N GLU A 632 -18.23 21.68 -20.04
CA GLU A 632 -16.90 21.23 -20.49
C GLU A 632 -16.20 20.41 -19.42
N ILE A 633 -15.65 19.27 -19.83
CA ILE A 633 -14.84 18.41 -18.97
C ILE A 633 -13.41 18.34 -19.49
N GLU A 634 -12.44 18.63 -18.62
CA GLU A 634 -11.02 18.57 -18.98
C GLU A 634 -10.31 17.49 -18.17
N LEU A 635 -9.76 16.50 -18.87
CA LEU A 635 -9.01 15.44 -18.22
C LEU A 635 -7.61 15.92 -17.86
N ASP A 636 -6.95 15.19 -16.95
CA ASP A 636 -5.63 15.57 -16.50
C ASP A 636 -4.56 15.27 -17.54
N ALA A 637 -4.94 14.49 -18.55
CA ALA A 637 -4.03 14.14 -19.65
C ALA A 637 -4.81 13.75 -20.91
N ILE A 638 -4.09 13.26 -21.91
CA ILE A 638 -4.71 12.76 -23.14
C ILE A 638 -4.83 11.24 -23.08
N TYR A 639 -6.07 10.75 -23.18
CA TYR A 639 -6.35 9.32 -23.17
C TYR A 639 -7.07 8.91 -24.45
N PRO A 640 -6.88 7.66 -24.90
CA PRO A 640 -7.70 7.15 -26.00
C PRO A 640 -9.16 7.02 -25.57
N GLY A 641 -10.08 7.57 -26.37
CA GLY A 641 -11.50 7.53 -26.03
C GLY A 641 -12.20 6.30 -26.54
N GLU A 642 -13.02 5.69 -25.68
CA GLU A 642 -13.83 4.53 -26.06
C GLU A 642 -15.19 4.99 -26.58
N ASN A 643 -16.00 5.51 -25.67
CA ASN A 643 -17.34 5.98 -26.01
C ASN A 643 -17.81 7.03 -25.02
N ILE A 644 -18.93 7.69 -25.35
CA ILE A 644 -19.56 8.63 -24.44
C ILE A 644 -21.04 8.35 -24.34
N GLN A 645 -21.45 7.81 -23.20
CA GLN A 645 -22.84 7.48 -22.94
C GLN A 645 -23.51 8.60 -22.15
N ILE A 646 -24.28 9.44 -22.86
CA ILE A 646 -25.10 10.45 -22.22
C ILE A 646 -26.54 9.93 -22.22
N ASN A 647 -27.33 10.37 -21.25
CA ASN A 647 -28.67 9.82 -21.06
C ASN A 647 -29.65 10.87 -20.55
N PHE A 648 -30.64 11.19 -21.38
CA PHE A 648 -31.62 12.22 -21.06
C PHE A 648 -33.02 11.62 -20.92
N LEU A 659 -22.40 17.14 -29.42
CA LEU A 659 -21.26 16.59 -28.70
C LEU A 659 -19.97 16.84 -29.48
N GLU A 660 -18.90 17.18 -28.76
CA GLU A 660 -17.63 17.45 -29.41
C GLU A 660 -16.41 17.26 -28.49
N ILE A 661 -15.31 16.80 -29.07
CA ILE A 661 -14.09 16.46 -28.33
C ILE A 661 -12.89 17.24 -28.86
N SER A 662 -11.92 17.48 -27.98
CA SER A 662 -10.66 18.12 -28.38
C SER A 662 -9.50 17.63 -27.52
N THR A 663 -8.29 17.79 -28.03
CA THR A 663 -7.08 17.39 -27.32
C THR A 663 -6.35 18.60 -26.74
N ASP A 664 -6.72 19.79 -27.20
CA ASP A 664 -6.11 21.03 -26.70
C ASP A 664 -7.16 22.10 -26.40
N GLY A 665 -8.36 21.93 -26.97
CA GLY A 665 -9.44 22.87 -26.77
C GLY A 665 -9.61 23.85 -27.91
N LYS A 666 -8.63 23.90 -28.81
CA LYS A 666 -8.69 24.78 -29.96
C LYS A 666 -9.41 24.08 -31.11
N GLU A 667 -8.92 22.89 -31.46
CA GLU A 667 -9.48 22.09 -32.55
C GLU A 667 -10.48 21.08 -32.02
N TRP A 668 -11.77 21.38 -32.21
CA TRP A 668 -12.83 20.49 -31.77
C TRP A 668 -13.34 19.63 -32.93
N LYS A 669 -13.68 18.37 -32.63
CA LYS A 669 -14.13 17.40 -33.64
C LYS A 669 -15.51 16.85 -33.28
N THR A 670 -16.54 17.27 -34.03
CA THR A 670 -17.94 16.92 -33.73
C THR A 670 -18.19 15.41 -33.80
N VAL A 671 -19.05 14.94 -32.90
CA VAL A 671 -19.42 13.53 -32.83
C VAL A 671 -20.94 13.38 -32.87
N ASP A 672 -21.41 12.44 -33.68
CA ASP A 672 -22.84 12.20 -33.83
C ASP A 672 -23.38 11.27 -32.74
N LEU A 673 -24.64 11.48 -32.37
CA LEU A 673 -25.31 10.68 -31.35
C LEU A 673 -26.44 9.86 -31.99
N LYS A 674 -27.07 9.00 -31.19
CA LYS A 674 -28.11 8.07 -31.70
C LYS A 674 -29.49 8.33 -31.09
N SER A 678 -33.41 6.24 -26.41
CA SER A 678 -33.25 6.07 -24.98
C SER A 678 -31.84 6.43 -24.54
N ARG A 679 -30.88 5.61 -24.97
CA ARG A 679 -29.48 5.76 -24.57
C ARG A 679 -28.69 6.40 -25.71
N LEU A 680 -27.99 7.48 -25.41
CA LEU A 680 -27.26 8.22 -26.44
C LEU A 680 -25.84 7.67 -26.61
N SER A 681 -25.69 6.72 -27.53
CA SER A 681 -24.40 6.11 -27.81
C SER A 681 -23.55 7.01 -28.69
N ALA A 682 -22.23 6.85 -28.57
CA ALA A 682 -21.28 7.59 -29.40
C ALA A 682 -19.90 6.98 -29.29
N GLY A 683 -19.51 6.22 -30.29
CA GLY A 683 -18.18 5.63 -30.34
C GLY A 683 -17.14 6.68 -30.65
N LEU A 684 -16.05 6.68 -29.88
CA LEU A 684 -14.95 7.61 -30.10
C LEU A 684 -13.85 6.95 -30.94
N GLN A 685 -13.93 5.62 -31.06
CA GLN A 685 -13.02 4.85 -31.91
C GLN A 685 -11.57 5.09 -31.55
N LYS A 686 -11.26 5.05 -30.25
CA LYS A 686 -9.90 5.16 -29.75
C LYS A 686 -9.23 6.50 -30.07
N ALA A 687 -10.04 7.48 -30.50
CA ALA A 687 -9.51 8.80 -30.83
C ALA A 687 -8.99 9.47 -29.57
N PRO A 688 -7.93 10.29 -29.70
CA PRO A 688 -7.41 11.01 -28.52
C PRO A 688 -8.44 11.95 -27.89
N VAL A 689 -8.52 11.93 -26.56
CA VAL A 689 -9.47 12.78 -25.84
C VAL A 689 -8.79 13.46 -24.67
N LYS A 690 -9.15 14.73 -24.44
CA LYS A 690 -8.74 15.45 -23.24
C LYS A 690 -9.85 16.39 -22.80
N PHE A 691 -10.43 17.10 -23.77
CA PHE A 691 -11.55 18.00 -23.53
C PHE A 691 -12.81 17.40 -24.14
N VAL A 692 -13.92 17.51 -23.42
CA VAL A 692 -15.22 17.11 -23.93
C VAL A 692 -16.21 18.25 -23.69
N ARG A 693 -17.08 18.47 -24.66
CA ARG A 693 -18.10 19.52 -24.55
C ARG A 693 -19.42 19.08 -25.16
N PHE A 694 -20.51 19.64 -24.64
CA PHE A 694 -21.84 19.34 -25.15
C PHE A 694 -22.68 20.61 -25.27
N THR A 695 -22.81 21.11 -26.50
CA THR A 695 -23.59 22.31 -26.79
C THR A 695 -24.96 21.93 -27.35
N ASN A 696 -25.97 22.74 -27.05
CA ASN A 696 -27.32 22.48 -27.51
C ASN A 696 -27.46 22.74 -29.02
N TYR A 705 -33.87 14.93 -18.47
CA TYR A 705 -33.02 15.22 -17.32
C TYR A 705 -31.78 14.33 -17.33
N LEU A 706 -30.74 14.73 -16.61
CA LEU A 706 -29.45 14.02 -16.67
C LEU A 706 -29.47 12.75 -15.82
N ARG A 707 -29.54 11.61 -16.49
CA ARG A 707 -29.53 10.31 -15.83
C ARG A 707 -28.11 9.80 -15.75
N GLN A 708 -27.30 10.22 -16.71
CA GLN A 708 -25.96 9.67 -16.91
C GLN A 708 -25.17 10.54 -17.89
N PHE A 709 -23.95 10.87 -17.51
CA PHE A 709 -23.05 11.62 -18.38
C PHE A 709 -21.64 11.05 -18.23
N VAL A 710 -21.35 10.00 -18.99
CA VAL A 710 -20.13 9.21 -18.80
C VAL A 710 -19.20 9.29 -20.01
N LEU A 711 -17.94 9.62 -19.74
CA LEU A 711 -16.86 9.45 -20.70
C LEU A 711 -16.08 8.20 -20.35
N THR A 712 -15.99 7.26 -21.28
CA THR A 712 -15.19 6.07 -21.09
C THR A 712 -13.90 6.18 -21.92
N ILE A 713 -12.77 5.95 -21.26
CA ILE A 713 -11.47 6.05 -21.89
C ILE A 713 -10.74 4.71 -21.80
N GLU A 714 -9.65 4.56 -22.55
CA GLU A 714 -8.93 3.29 -22.56
C GLU A 714 -8.30 3.02 -21.20
N LYS A 715 -8.20 1.74 -20.86
CA LYS A 715 -7.81 1.33 -19.52
C LYS A 715 -6.30 1.29 -19.41
N LYS A 716 -5.79 1.27 -18.17
CA LYS A 716 -4.36 1.26 -17.93
C LYS A 716 -3.75 -0.06 -18.39
N VAL B 3 18.37 37.03 -5.72
CA VAL B 3 18.22 35.83 -6.56
C VAL B 3 19.48 34.95 -6.45
N SER B 4 19.25 33.66 -6.21
CA SER B 4 20.34 32.70 -6.01
CA SER B 4 20.34 32.70 -6.01
C SER B 4 20.81 32.06 -7.32
N LEU B 5 21.87 32.63 -7.91
CA LEU B 5 22.46 32.05 -9.11
C LEU B 5 23.25 30.79 -8.78
N GLN B 6 23.24 29.82 -9.68
CA GLN B 6 23.78 28.49 -9.38
C GLN B 6 24.15 27.68 -10.64
N PRO B 7 25.44 27.32 -10.78
CA PRO B 7 26.60 27.67 -9.93
C PRO B 7 26.93 29.15 -9.96
N PRO B 8 27.55 29.66 -8.89
CA PRO B 8 27.80 31.10 -8.85
C PRO B 8 28.95 31.52 -9.75
N PRO B 9 28.83 32.66 -10.44
CA PRO B 9 29.93 33.09 -11.32
C PRO B 9 31.19 33.43 -10.57
N GLN B 10 32.31 33.51 -11.30
CA GLN B 10 33.58 33.90 -10.70
C GLN B 10 33.50 35.36 -10.27
N GLN B 11 33.03 36.21 -11.19
CA GLN B 11 32.81 37.62 -10.88
C GLN B 11 31.36 37.99 -11.16
N LEU B 12 30.81 38.83 -10.31
CA LEU B 12 29.41 39.20 -10.37
C LEU B 12 29.21 40.58 -9.79
N ILE B 13 28.67 41.50 -10.59
CA ILE B 13 28.39 42.86 -10.14
C ILE B 13 26.91 43.14 -10.39
N VAL B 14 26.21 43.50 -9.31
CA VAL B 14 24.77 43.69 -9.36
C VAL B 14 24.38 45.10 -8.93
N GLN B 15 23.93 45.90 -9.89
CA GLN B 15 23.28 47.17 -9.57
C GLN B 15 21.82 46.86 -9.24
N ASN B 16 21.30 47.53 -8.22
CA ASN B 16 19.94 47.24 -7.74
C ASN B 16 18.89 47.97 -8.57
N LYS B 17 18.46 47.31 -9.65
CA LYS B 17 17.46 47.88 -10.55
C LYS B 17 16.69 46.75 -11.25
N THR B 18 15.42 47.01 -11.54
CA THR B 18 14.55 46.03 -12.17
C THR B 18 14.24 46.40 -13.62
N ILE B 19 14.40 45.43 -14.52
CA ILE B 19 14.09 45.60 -15.94
C ILE B 19 13.14 44.49 -16.38
N ASP B 20 11.97 44.87 -16.88
CA ASP B 20 10.99 43.89 -17.33
C ASP B 20 11.49 43.16 -18.58
N LEU B 21 11.18 41.88 -18.68
CA LEU B 21 11.53 41.10 -19.86
C LEU B 21 10.80 41.68 -21.06
N PRO B 22 11.56 42.20 -22.05
CA PRO B 22 10.91 42.93 -23.14
C PRO B 22 9.97 42.08 -23.99
N ALA B 23 8.75 42.58 -24.19
CA ALA B 23 7.80 41.92 -25.08
C ALA B 23 8.34 41.96 -26.50
N VAL B 24 8.88 43.12 -26.88
CA VAL B 24 9.48 43.30 -28.20
C VAL B 24 10.99 43.37 -28.05
N TYR B 25 11.71 42.55 -28.83
CA TYR B 25 13.16 42.50 -28.75
C TYR B 25 13.78 42.38 -30.15
N GLN B 26 15.03 42.81 -30.26
CA GLN B 26 15.83 42.68 -31.48
C GLN B 26 16.95 41.67 -31.25
N LEU B 27 16.96 40.58 -32.02
CA LEU B 27 17.96 39.54 -31.86
C LEU B 27 19.13 39.74 -32.82
N ASN B 28 20.34 39.76 -32.25
CA ASN B 28 21.56 40.01 -33.01
C ASN B 28 22.53 38.84 -32.83
N GLY B 29 22.63 37.99 -33.84
CA GLY B 29 23.62 36.92 -33.85
C GLY B 29 23.08 35.50 -33.67
N GLY B 30 21.77 35.32 -33.82
CA GLY B 30 21.22 33.98 -33.89
C GLY B 30 21.91 33.30 -35.05
N GLU B 31 22.06 34.08 -36.11
CA GLU B 31 23.02 33.87 -37.20
C GLU B 31 24.12 32.84 -36.94
N GLU B 32 25.03 33.22 -36.04
CA GLU B 32 26.36 32.64 -35.97
C GLU B 32 26.65 32.09 -34.59
N ALA B 33 25.70 32.28 -33.67
CA ALA B 33 25.84 31.78 -32.31
C ALA B 33 25.53 30.29 -32.25
N ASN B 34 26.08 29.62 -31.25
CA ASN B 34 25.77 28.22 -30.97
C ASN B 34 24.26 27.96 -31.04
N PRO B 35 23.81 27.19 -32.06
CA PRO B 35 22.38 26.91 -32.19
C PRO B 35 21.76 26.32 -30.93
N HIS B 36 22.53 25.54 -30.17
CA HIS B 36 22.04 25.00 -28.92
C HIS B 36 21.68 26.12 -27.97
N ALA B 37 22.42 27.22 -28.06
CA ALA B 37 22.22 28.35 -27.17
C ALA B 37 21.09 29.26 -27.67
N VAL B 38 20.97 29.37 -28.99
CA VAL B 38 19.90 30.18 -29.58
C VAL B 38 18.54 29.57 -29.28
N LYS B 39 18.47 28.24 -29.32
CA LYS B 39 17.23 27.52 -29.06
C LYS B 39 16.70 27.82 -27.65
N VAL B 40 17.58 27.73 -26.66
CA VAL B 40 17.22 28.06 -25.29
C VAL B 40 16.73 29.50 -25.20
N LEU B 41 17.38 30.41 -25.92
CA LEU B 41 17.03 31.82 -25.86
C LEU B 41 15.60 32.06 -26.35
N LYS B 42 15.24 31.46 -27.48
CA LYS B 42 13.94 31.69 -28.09
C LYS B 42 12.83 30.96 -27.33
N GLU B 43 13.20 30.05 -26.45
CA GLU B 43 12.23 29.38 -25.59
C GLU B 43 11.91 30.28 -24.39
N LEU B 44 12.93 30.94 -23.86
CA LEU B 44 12.75 31.87 -22.76
C LEU B 44 11.98 33.10 -23.23
N LEU B 45 12.27 33.53 -24.44
CA LEU B 45 11.66 34.73 -24.99
C LEU B 45 10.38 34.41 -25.75
N SER B 46 9.39 35.28 -25.59
CA SER B 46 8.26 35.32 -26.50
C SER B 46 7.93 36.78 -26.79
N GLY B 47 6.73 37.02 -27.28
CA GLY B 47 6.44 38.29 -27.92
C GLY B 47 7.09 38.23 -29.28
N LYS B 48 7.01 39.31 -30.04
CA LYS B 48 7.45 39.28 -31.43
C LYS B 48 8.85 39.87 -31.56
N GLN B 49 9.69 39.21 -32.34
CA GLN B 49 11.00 39.73 -32.67
C GLN B 49 10.89 40.81 -33.74
N SER B 50 10.96 42.06 -33.31
CA SER B 50 11.02 43.18 -34.24
C SER B 50 12.48 43.53 -34.53
N SER B 51 12.71 44.13 -35.69
CA SER B 51 14.03 44.62 -36.05
C SER B 51 14.06 46.14 -35.97
N LYS B 52 12.96 46.72 -35.51
CA LYS B 52 12.71 48.15 -35.67
C LYS B 52 12.45 48.85 -34.34
N LYS B 53 12.13 48.08 -33.31
CA LYS B 53 11.49 48.65 -32.12
C LYS B 53 12.10 48.23 -30.79
N GLY B 54 12.22 46.94 -30.56
CA GLY B 54 12.50 46.42 -29.23
C GLY B 54 13.91 46.63 -28.68
N MET B 55 14.20 45.90 -27.60
CA MET B 55 15.50 45.94 -26.95
C MET B 55 16.48 44.99 -27.63
N LEU B 56 17.72 45.44 -27.79
CA LEU B 56 18.74 44.65 -28.47
C LEU B 56 19.26 43.53 -27.59
N ILE B 57 19.23 42.31 -28.12
CA ILE B 57 19.82 41.15 -27.47
C ILE B 57 20.90 40.58 -28.39
N SER B 58 22.14 40.60 -27.91
CA SER B 58 23.28 40.14 -28.71
C SER B 58 23.79 38.80 -28.21
N ILE B 59 23.83 37.81 -29.09
CA ILE B 59 24.33 36.49 -28.73
C ILE B 59 25.36 36.06 -29.75
N GLY B 60 26.35 35.30 -29.28
CA GLY B 60 27.42 34.84 -30.14
C GLY B 60 28.68 34.46 -29.38
N GLU B 61 29.64 33.92 -30.12
CA GLU B 61 30.93 33.54 -29.57
C GLU B 61 31.99 34.58 -29.94
N LYS B 62 33.08 34.60 -29.17
CA LYS B 62 34.24 35.41 -29.50
C LYS B 62 34.63 35.21 -30.95
N GLY B 63 34.74 36.31 -31.70
CA GLY B 63 35.06 36.26 -33.11
C GLY B 63 33.86 36.58 -33.99
N ASP B 64 32.66 36.35 -33.46
CA ASP B 64 31.43 36.69 -34.16
C ASP B 64 31.22 38.20 -34.16
N LYS B 65 30.72 38.73 -35.28
CA LYS B 65 30.43 40.16 -35.39
C LYS B 65 29.45 40.65 -34.34
N SER B 66 28.59 39.74 -33.89
CA SER B 66 27.50 40.10 -32.98
C SER B 66 28.00 40.56 -31.61
N VAL B 67 29.14 40.01 -31.17
CA VAL B 67 29.67 40.32 -29.84
C VAL B 67 31.08 40.93 -29.92
N ARG B 68 31.43 41.45 -31.10
CA ARG B 68 32.72 42.09 -31.32
C ARG B 68 32.91 43.24 -30.35
N LYS B 69 31.85 43.99 -30.14
CA LYS B 69 31.83 45.12 -29.21
C LYS B 69 32.24 44.73 -27.80
N TYR B 70 31.86 43.53 -27.38
CA TYR B 70 32.08 43.06 -26.01
C TYR B 70 33.18 42.01 -25.92
N SER B 71 33.93 41.85 -27.00
CA SER B 71 34.86 40.73 -27.13
C SER B 71 36.02 40.82 -26.12
N ARG B 72 36.28 42.03 -25.62
CA ARG B 72 37.35 42.21 -24.65
C ARG B 72 36.84 42.02 -23.22
N GLN B 73 35.53 41.87 -23.09
CA GLN B 73 34.91 41.59 -21.79
C GLN B 73 34.79 40.08 -21.60
N ILE B 74 34.88 39.34 -22.71
CA ILE B 74 34.78 37.88 -22.66
C ILE B 74 36.03 37.29 -22.00
N PRO B 75 35.84 36.44 -20.97
CA PRO B 75 37.01 35.80 -20.36
C PRO B 75 37.73 34.86 -21.32
N ASP B 76 39.04 34.90 -21.36
CA ASP B 76 39.82 34.04 -22.23
C ASP B 76 40.06 32.67 -21.59
N HIS B 77 38.98 31.93 -21.36
CA HIS B 77 39.05 30.58 -20.80
C HIS B 77 38.09 29.66 -21.56
N LYS B 78 38.41 28.38 -21.62
CA LYS B 78 37.49 27.41 -22.19
C LYS B 78 36.18 27.45 -21.43
N GLU B 79 35.07 27.49 -22.17
CA GLU B 79 33.72 27.48 -21.60
C GLU B 79 33.41 28.74 -20.81
N GLY B 80 34.19 29.80 -21.03
CA GLY B 80 33.96 31.06 -20.35
C GLY B 80 32.95 31.91 -21.10
N TYR B 81 32.40 32.92 -20.43
CA TYR B 81 31.43 33.79 -21.08
C TYR B 81 31.27 35.13 -20.37
N TYR B 82 30.85 36.13 -21.13
CA TYR B 82 30.45 37.42 -20.58
C TYR B 82 28.93 37.58 -20.70
N LEU B 83 28.31 38.00 -19.60
CA LEU B 83 26.87 38.27 -19.59
C LEU B 83 26.61 39.65 -19.03
N SER B 84 25.76 40.40 -19.72
CA SER B 84 25.37 41.71 -19.26
C SER B 84 23.88 41.93 -19.48
N VAL B 85 23.25 42.57 -18.50
CA VAL B 85 21.85 42.98 -18.61
C VAL B 85 21.72 44.41 -18.11
N ASN B 86 21.20 45.29 -18.96
CA ASN B 86 20.81 46.62 -18.52
C ASN B 86 19.59 47.13 -19.27
N GLU B 87 19.20 48.35 -18.98
CA GLU B 87 17.99 48.95 -19.54
C GLU B 87 18.07 49.06 -21.07
N LYS B 88 19.29 49.11 -21.59
CA LYS B 88 19.52 49.38 -23.00
C LYS B 88 19.59 48.12 -23.85
N GLU B 89 20.18 47.05 -23.31
CA GLU B 89 20.40 45.84 -24.08
C GLU B 89 20.81 44.66 -23.21
N ILE B 90 20.79 43.48 -23.82
CA ILE B 90 21.26 42.25 -23.19
C ILE B 90 22.40 41.67 -24.01
N VAL B 91 23.45 41.21 -23.33
CA VAL B 91 24.61 40.62 -24.00
C VAL B 91 24.87 39.21 -23.47
N LEU B 92 24.91 38.24 -24.38
CA LEU B 92 25.18 36.85 -24.04
C LEU B 92 26.33 36.35 -24.91
N ALA B 93 27.56 36.52 -24.43
CA ALA B 93 28.75 36.32 -25.26
C ALA B 93 29.70 35.27 -24.67
N GLY B 94 29.89 34.18 -25.40
CA GLY B 94 30.76 33.12 -24.95
C GLY B 94 32.15 33.21 -25.54
N ASN B 95 33.14 32.64 -24.87
CA ASN B 95 34.47 32.54 -25.44
C ASN B 95 34.50 31.47 -26.50
N ASP B 96 33.65 30.46 -26.32
CA ASP B 96 33.41 29.44 -27.32
C ASP B 96 31.92 29.13 -27.33
N GLU B 97 31.50 28.14 -28.11
CA GLU B 97 30.09 27.81 -28.22
C GLU B 97 29.50 27.29 -26.93
N ARG B 98 30.27 26.45 -26.23
CA ARG B 98 29.81 25.93 -24.96
C ARG B 98 29.66 27.07 -23.93
N GLY B 99 30.54 28.06 -24.02
CA GLY B 99 30.46 29.22 -23.16
C GLY B 99 29.21 30.03 -23.41
N THR B 100 28.80 30.11 -24.66
CA THR B 100 27.57 30.83 -25.01
C THR B 100 26.38 30.11 -24.42
N TYR B 101 26.40 28.78 -24.48
CA TYR B 101 25.32 27.96 -23.95
C TYR B 101 25.22 28.16 -22.44
N TYR B 102 26.37 28.26 -21.80
CA TYR B 102 26.42 28.44 -20.36
C TYR B 102 25.95 29.82 -19.96
N ALA B 103 26.16 30.80 -20.84
CA ALA B 103 25.68 32.16 -20.57
C ALA B 103 24.15 32.15 -20.51
N LEU B 104 23.54 31.29 -21.32
CA LEU B 104 22.08 31.17 -21.36
C LEU B 104 21.53 30.46 -20.11
N GLN B 105 22.23 29.46 -19.62
CA GLN B 105 21.78 28.73 -18.45
C GLN B 105 21.84 29.61 -17.21
N THR B 106 22.79 30.55 -17.20
CA THR B 106 22.84 31.56 -16.16
C THR B 106 21.71 32.55 -16.38
N PHE B 107 21.54 32.97 -17.63
CA PHE B 107 20.52 33.95 -17.96
C PHE B 107 19.13 33.44 -17.59
N ALA B 108 18.86 32.16 -17.85
CA ALA B 108 17.54 31.59 -17.54
C ALA B 108 17.21 31.65 -16.06
N GLN B 109 18.24 31.73 -15.21
CA GLN B 109 18.05 31.80 -13.77
C GLN B 109 17.74 33.23 -13.32
N LEU B 110 18.27 34.21 -14.04
CA LEU B 110 18.03 35.61 -13.72
C LEU B 110 16.58 35.99 -13.96
N LEU B 111 15.95 35.31 -14.92
CA LEU B 111 14.59 35.64 -15.32
C LEU B 111 13.59 35.21 -14.26
N LYS B 112 13.18 36.18 -13.43
CA LYS B 112 12.23 35.94 -12.36
C LYS B 112 11.05 36.91 -12.47
N ASP B 113 9.84 36.37 -12.37
CA ASP B 113 8.63 37.19 -12.37
C ASP B 113 8.49 37.95 -13.69
N GLY B 114 9.12 37.42 -14.74
CA GLY B 114 9.15 38.08 -16.03
C GLY B 114 9.96 39.36 -15.98
N LYS B 115 10.87 39.44 -15.01
CA LYS B 115 11.72 40.60 -14.82
C LYS B 115 13.19 40.17 -14.72
N LEU B 116 14.09 41.10 -15.06
CA LEU B 116 15.53 40.84 -15.02
C LEU B 116 16.24 41.88 -14.15
N PRO B 117 17.25 41.44 -13.39
CA PRO B 117 18.07 42.38 -12.63
C PRO B 117 19.20 42.95 -13.48
N GLU B 118 19.58 44.20 -13.23
CA GLU B 118 20.74 44.77 -13.92
C GLU B 118 22.01 44.14 -13.37
N VAL B 119 22.73 43.45 -14.25
CA VAL B 119 23.90 42.69 -13.83
C VAL B 119 24.98 42.59 -14.91
N GLU B 120 26.22 42.45 -14.46
CA GLU B 120 27.38 42.20 -15.31
C GLU B 120 28.13 40.98 -14.78
N ILE B 121 28.24 39.93 -15.61
CA ILE B 121 28.89 38.69 -15.20
C ILE B 121 30.04 38.29 -16.11
N LYS B 122 31.18 37.99 -15.50
CA LYS B 122 32.29 37.34 -16.19
C LYS B 122 32.53 36.02 -15.48
N ASP B 123 32.41 34.92 -16.22
CA ASP B 123 32.36 33.60 -15.60
C ASP B 123 33.12 32.55 -16.41
N TYR B 124 33.57 31.51 -15.72
CA TYR B 124 34.34 30.44 -16.32
C TYR B 124 34.48 29.34 -15.28
N PRO B 125 34.77 28.11 -15.71
CA PRO B 125 34.94 27.00 -14.76
C PRO B 125 36.33 26.92 -14.17
N SER B 126 36.43 26.57 -12.89
CA SER B 126 37.71 26.38 -12.22
C SER B 126 38.29 24.99 -12.51
N VAL B 127 37.41 24.03 -12.80
CA VAL B 127 37.81 22.66 -13.13
C VAL B 127 37.41 22.33 -14.57
N ARG B 128 38.30 21.67 -15.31
CA ARG B 128 38.11 21.48 -16.75
C ARG B 128 36.94 20.54 -17.06
N TYR B 129 37.00 19.33 -16.50
CA TYR B 129 35.94 18.35 -16.69
C TYR B 129 35.12 18.22 -15.42
N ARG B 130 33.80 18.28 -15.58
CA ARG B 130 32.88 18.27 -14.46
C ARG B 130 31.61 17.52 -14.82
N GLY B 131 31.23 16.54 -14.00
CA GLY B 131 29.99 15.83 -14.25
C GLY B 131 29.76 14.58 -13.45
N VAL B 132 29.22 13.57 -14.13
CA VAL B 132 28.77 12.34 -13.47
C VAL B 132 29.40 11.13 -14.14
N VAL B 133 29.74 10.13 -13.33
CA VAL B 133 30.14 8.83 -13.85
C VAL B 133 29.14 7.80 -13.34
N GLU B 134 28.34 7.26 -14.25
CA GLU B 134 27.45 6.17 -13.89
C GLU B 134 28.29 4.91 -13.77
N GLY B 135 28.91 4.71 -12.61
CA GLY B 135 29.83 3.60 -12.43
C GLY B 135 29.52 2.72 -11.22
N PHE B 136 28.25 2.65 -10.86
CA PHE B 136 27.83 1.92 -9.66
C PHE B 136 27.47 0.47 -9.97
N TYR B 137 27.36 -0.32 -8.91
CA TYR B 137 26.78 -1.65 -8.98
C TYR B 137 25.29 -1.58 -8.68
N GLY B 138 24.50 -2.30 -9.47
CA GLY B 138 23.05 -2.35 -9.27
C GLY B 138 22.33 -2.12 -10.57
N THR B 139 21.01 -2.03 -10.51
CA THR B 139 20.18 -1.77 -11.67
C THR B 139 20.62 -0.49 -12.35
N PRO B 140 21.15 -0.58 -13.58
CA PRO B 140 21.58 0.64 -14.27
C PRO B 140 20.43 1.62 -14.49
N TRP B 141 20.74 2.89 -14.71
CA TRP B 141 19.71 3.90 -14.94
C TRP B 141 18.90 3.58 -16.18
N SER B 142 17.60 3.83 -16.13
CA SER B 142 16.75 3.61 -17.29
C SER B 142 17.11 4.63 -18.36
N HIS B 143 16.60 4.39 -19.56
CA HIS B 143 16.83 5.29 -20.67
C HIS B 143 16.22 6.66 -20.36
N GLN B 144 14.96 6.64 -19.91
CA GLN B 144 14.25 7.89 -19.60
C GLN B 144 15.00 8.66 -18.53
N ALA B 145 15.50 7.96 -17.53
CA ALA B 145 16.22 8.59 -16.43
C ALA B 145 17.46 9.30 -16.97
N ARG B 146 18.19 8.64 -17.86
CA ARG B 146 19.41 9.19 -18.44
C ARG B 146 19.15 10.43 -19.28
N LEU B 147 18.08 10.41 -20.06
CA LEU B 147 17.68 11.59 -20.82
C LEU B 147 17.48 12.79 -19.88
N SER B 148 16.87 12.52 -18.73
CA SER B 148 16.60 13.55 -17.73
C SER B 148 17.90 14.08 -17.13
N GLN B 149 18.87 13.18 -16.95
CA GLN B 149 20.14 13.54 -16.36
C GLN B 149 20.89 14.50 -17.27
N LEU B 150 20.88 14.20 -18.57
CA LEU B 150 21.64 14.98 -19.53
C LEU B 150 21.15 16.43 -19.60
N LYS B 151 19.83 16.62 -19.57
CA LYS B 151 19.27 17.97 -19.55
C LYS B 151 19.69 18.68 -18.27
N PHE B 152 19.72 17.92 -17.18
CA PHE B 152 20.04 18.45 -15.86
C PHE B 152 21.51 18.89 -15.80
N TYR B 153 22.38 18.12 -16.45
CA TYR B 153 23.79 18.45 -16.52
C TYR B 153 24.00 19.78 -17.24
N GLY B 154 23.35 19.92 -18.38
CA GLY B 154 23.47 21.13 -19.19
C GLY B 154 23.09 22.37 -18.41
N LYS B 155 22.04 22.27 -17.61
CA LYS B 155 21.53 23.42 -16.84
C LYS B 155 22.50 23.86 -15.76
N ASN B 156 23.24 22.90 -15.22
CA ASN B 156 24.20 23.20 -14.16
C ASN B 156 25.64 23.19 -14.64
N LYS B 157 25.81 23.25 -15.96
CA LYS B 157 27.12 23.44 -16.57
C LYS B 157 28.07 22.28 -16.32
N MET B 158 27.54 21.08 -16.24
CA MET B 158 28.34 19.86 -16.22
C MET B 158 28.60 19.42 -17.67
N ASN B 159 29.86 19.15 -18.00
CA ASN B 159 30.24 18.87 -19.38
C ASN B 159 30.65 17.44 -19.60
N THR B 160 30.49 16.59 -18.58
CA THR B 160 30.99 15.22 -18.64
C THR B 160 29.99 14.21 -18.11
N TYR B 161 29.63 13.24 -18.94
CA TYR B 161 28.87 12.09 -18.50
C TYR B 161 29.62 10.84 -18.91
N ILE B 162 30.12 10.10 -17.93
CA ILE B 162 30.85 8.87 -18.21
C ILE B 162 29.95 7.66 -17.96
N TYR B 163 29.67 6.93 -19.04
CA TYR B 163 28.84 5.73 -18.97
C TYR B 163 29.69 4.51 -18.62
N GLY B 164 29.40 3.89 -17.48
CA GLY B 164 30.08 2.67 -17.10
C GLY B 164 29.38 1.88 -16.02
N PRO B 165 28.11 1.51 -16.23
CA PRO B 165 27.44 0.71 -15.21
C PRO B 165 28.05 -0.67 -15.08
N LYS B 166 28.49 -1.03 -13.88
CA LYS B 166 29.18 -2.30 -13.66
C LYS B 166 28.38 -3.50 -14.14
N ASP B 167 27.05 -3.42 -14.04
CA ASP B 167 26.19 -4.57 -14.34
C ASP B 167 25.67 -4.55 -15.78
N ASP B 168 26.25 -3.70 -16.62
CA ASP B 168 25.95 -3.72 -18.05
C ASP B 168 26.87 -4.73 -18.74
N PRO B 169 26.29 -5.81 -19.30
CA PRO B 169 27.12 -6.91 -19.82
C PRO B 169 27.99 -6.51 -21.02
N TYR B 170 27.64 -5.42 -21.70
CA TYR B 170 28.40 -4.96 -22.85
C TYR B 170 29.41 -3.87 -22.47
N HIS B 171 29.39 -3.51 -21.18
CA HIS B 171 30.40 -2.62 -20.61
C HIS B 171 31.47 -3.43 -19.90
N SER B 172 31.04 -4.47 -19.20
CA SER B 172 31.95 -5.30 -18.40
C SER B 172 31.92 -6.76 -18.86
N ALA B 173 32.02 -7.70 -17.93
CA ALA B 173 32.06 -9.11 -18.28
C ALA B 173 30.67 -9.62 -18.66
N PRO B 174 30.60 -10.57 -19.61
CA PRO B 174 31.67 -11.09 -20.47
C PRO B 174 31.58 -10.58 -21.91
N ASN B 175 30.67 -9.65 -22.18
CA ASN B 175 30.37 -9.25 -23.56
C ASN B 175 30.88 -7.86 -23.93
N TRP B 176 31.93 -7.41 -23.25
CA TRP B 176 32.51 -6.11 -23.56
C TRP B 176 33.13 -6.14 -24.95
N ARG B 177 33.40 -7.33 -25.46
CA ARG B 177 33.90 -7.51 -26.82
C ARG B 177 32.81 -7.32 -27.87
N LEU B 178 31.56 -7.45 -27.45
CA LEU B 178 30.44 -7.51 -28.40
C LEU B 178 29.76 -6.15 -28.58
N PRO B 179 29.28 -5.87 -29.81
CA PRO B 179 28.53 -4.63 -30.03
C PRO B 179 27.17 -4.69 -29.34
N TYR B 180 26.67 -3.53 -28.89
CA TYR B 180 25.33 -3.47 -28.29
C TYR B 180 24.29 -3.97 -29.28
N PRO B 181 23.21 -4.60 -28.79
CA PRO B 181 22.11 -4.97 -29.70
C PRO B 181 21.44 -3.74 -30.30
N ASP B 182 20.59 -3.94 -31.30
CA ASP B 182 20.01 -2.84 -32.04
C ASP B 182 19.26 -1.86 -31.14
N LYS B 183 18.48 -2.38 -30.21
CA LYS B 183 17.67 -1.55 -29.33
C LYS B 183 18.52 -0.69 -28.40
N GLU B 184 19.47 -1.31 -27.70
CA GLU B 184 20.37 -0.58 -26.82
C GLU B 184 21.25 0.38 -27.63
N ALA B 185 21.61 -0.01 -28.84
CA ALA B 185 22.47 0.81 -29.68
C ALA B 185 21.77 2.08 -30.17
N ALA B 186 20.50 1.94 -30.54
CA ALA B 186 19.72 3.09 -30.98
C ALA B 186 19.44 4.02 -29.80
N GLN B 187 19.36 3.44 -28.60
CA GLN B 187 19.14 4.22 -27.40
C GLN B 187 20.37 5.04 -27.03
N LEU B 188 21.53 4.40 -27.08
CA LEU B 188 22.80 5.09 -26.82
C LEU B 188 22.98 6.21 -27.83
N GLN B 189 22.60 5.93 -29.08
CA GLN B 189 22.65 6.93 -30.13
C GLN B 189 21.83 8.16 -29.76
N GLU B 190 20.66 7.92 -29.17
CA GLU B 190 19.81 9.03 -28.75
C GLU B 190 20.44 9.77 -27.58
N LEU B 191 21.12 9.04 -26.71
CA LEU B 191 21.74 9.67 -25.55
C LEU B 191 22.87 10.59 -26.00
N VAL B 192 23.59 10.18 -27.04
CA VAL B 192 24.71 10.98 -27.55
C VAL B 192 24.20 12.27 -28.16
N ALA B 193 23.10 12.18 -28.90
CA ALA B 193 22.50 13.36 -29.51
C ALA B 193 22.05 14.36 -28.46
N VAL B 194 21.36 13.86 -27.43
CA VAL B 194 20.83 14.71 -26.37
C VAL B 194 21.99 15.33 -25.58
N ALA B 195 23.02 14.54 -25.35
CA ALA B 195 24.21 15.03 -24.66
C ALA B 195 24.82 16.19 -25.44
N ASN B 196 24.86 16.06 -26.76
CA ASN B 196 25.44 17.10 -27.61
C ASN B 196 24.61 18.38 -27.59
N GLU B 197 23.30 18.23 -27.53
CA GLU B 197 22.41 19.39 -27.49
C GLU B 197 22.55 20.13 -26.17
N ASN B 198 22.92 19.40 -25.13
CA ASN B 198 23.07 19.97 -23.79
C ASN B 198 24.53 20.22 -23.45
N GLU B 199 25.37 20.25 -24.47
CA GLU B 199 26.80 20.51 -24.32
C GLU B 199 27.47 19.59 -23.29
N VAL B 200 27.09 18.30 -23.32
CA VAL B 200 27.71 17.29 -22.46
C VAL B 200 28.55 16.34 -23.30
N ASP B 201 29.79 16.10 -22.89
CA ASP B 201 30.62 15.07 -23.51
C ASP B 201 30.17 13.70 -23.03
N PHE B 202 29.70 12.87 -23.94
CA PHE B 202 29.33 11.51 -23.61
C PHE B 202 30.57 10.64 -23.68
N VAL B 203 31.01 10.15 -22.52
CA VAL B 203 32.18 9.28 -22.44
C VAL B 203 31.76 7.84 -22.23
N TRP B 204 31.97 6.98 -23.23
CA TRP B 204 31.69 5.57 -23.05
C TRP B 204 32.92 4.87 -22.48
N ALA B 205 32.74 4.21 -21.34
CA ALA B 205 33.80 3.45 -20.70
C ALA B 205 33.65 1.95 -20.96
N ILE B 206 34.77 1.24 -20.95
CA ILE B 206 34.74 -0.21 -21.09
C ILE B 206 35.52 -0.82 -19.93
N HIS B 207 35.07 -1.99 -19.48
CA HIS B 207 35.60 -2.63 -18.28
C HIS B 207 36.04 -4.06 -18.59
N PRO B 208 37.13 -4.21 -19.35
CA PRO B 208 37.56 -5.48 -19.95
C PRO B 208 38.53 -6.29 -19.11
N GLY B 209 39.01 -5.71 -18.02
CA GLY B 209 40.19 -6.21 -17.34
C GLY B 209 40.09 -7.59 -16.71
N GLN B 210 38.88 -8.04 -16.40
CA GLN B 210 38.73 -9.28 -15.66
C GLN B 210 39.12 -10.52 -16.47
N ASP B 211 38.82 -10.50 -17.77
CA ASP B 211 39.12 -11.64 -18.64
C ASP B 211 39.92 -11.23 -19.87
N ILE B 212 40.57 -10.07 -19.83
CA ILE B 212 41.36 -9.60 -20.95
C ILE B 212 42.66 -10.39 -21.02
N LYS B 213 43.05 -10.73 -22.25
CA LYS B 213 44.37 -11.32 -22.52
C LYS B 213 45.19 -10.28 -23.28
N TRP B 214 46.48 -10.19 -22.95
CA TRP B 214 47.36 -9.19 -23.57
C TRP B 214 47.94 -9.69 -24.88
N ASN B 215 47.08 -9.75 -25.90
CA ASN B 215 47.49 -10.13 -27.25
C ASN B 215 46.93 -9.13 -28.25
N LYS B 216 46.99 -9.46 -29.53
CA LYS B 216 46.45 -8.57 -30.56
C LYS B 216 44.99 -8.90 -30.85
N GLU B 217 44.54 -10.06 -30.40
CA GLU B 217 43.14 -10.44 -30.56
C GLU B 217 42.23 -9.51 -29.76
N ASP B 218 42.46 -9.45 -28.44
CA ASP B 218 41.64 -8.62 -27.58
C ASP B 218 41.89 -7.13 -27.82
N ARG B 219 43.12 -6.77 -28.16
CA ARG B 219 43.44 -5.39 -28.48
C ARG B 219 42.59 -4.92 -29.65
N ASP B 220 42.58 -5.70 -30.73
CA ASP B 220 41.79 -5.38 -31.91
C ASP B 220 40.29 -5.34 -31.59
N LEU B 221 39.83 -6.28 -30.77
CA LEU B 221 38.41 -6.35 -30.43
C LEU B 221 37.98 -5.18 -29.57
N LEU B 222 38.89 -4.66 -28.76
CA LEU B 222 38.58 -3.49 -27.94
C LEU B 222 38.43 -2.28 -28.86
N LEU B 223 39.33 -2.13 -29.83
CA LEU B 223 39.25 -1.02 -30.76
C LEU B 223 38.05 -1.14 -31.69
N ALA B 224 37.75 -2.37 -32.10
CA ALA B 224 36.54 -2.64 -32.89
C ALA B 224 35.31 -2.23 -32.11
N LYS B 225 35.32 -2.46 -30.79
CA LYS B 225 34.20 -2.06 -29.96
C LYS B 225 34.09 -0.54 -29.88
N PHE B 226 35.22 0.12 -29.67
CA PHE B 226 35.28 1.59 -29.67
C PHE B 226 34.87 2.16 -31.02
N GLU B 227 35.25 1.47 -32.09
CA GLU B 227 34.86 1.88 -33.44
C GLU B 227 33.34 1.89 -33.58
N LYS B 228 32.68 0.85 -33.06
CA LYS B 228 31.21 0.78 -33.15
C LYS B 228 30.55 1.89 -32.33
N MET B 229 31.10 2.18 -31.15
CA MET B 229 30.56 3.27 -30.33
C MET B 229 30.73 4.61 -31.05
N TYR B 230 31.84 4.77 -31.75
CA TYR B 230 32.12 5.97 -32.53
C TYR B 230 31.09 6.15 -33.66
N GLN B 231 30.66 5.03 -34.24
CA GLN B 231 29.62 5.05 -35.27
C GLN B 231 28.28 5.46 -34.68
N LEU B 232 28.13 5.33 -33.37
CA LEU B 232 26.89 5.73 -32.69
C LEU B 232 26.95 7.18 -32.23
N GLY B 233 28.08 7.83 -32.49
CA GLY B 233 28.24 9.25 -32.20
C GLY B 233 29.18 9.53 -31.05
N VAL B 234 29.64 8.49 -30.36
CA VAL B 234 30.51 8.68 -29.21
C VAL B 234 31.84 9.29 -29.66
N ARG B 235 32.28 10.32 -28.92
CA ARG B 235 33.52 11.03 -29.26
C ARG B 235 34.47 11.13 -28.05
N SER B 236 34.10 10.50 -26.94
CA SER B 236 34.98 10.39 -25.78
C SER B 236 34.94 8.95 -25.26
N PHE B 237 36.08 8.46 -24.79
CA PHE B 237 36.22 7.05 -24.45
C PHE B 237 37.03 6.84 -23.17
N ALA B 238 36.74 5.73 -22.49
CA ALA B 238 37.44 5.39 -21.26
C ALA B 238 37.63 3.88 -21.09
N VAL B 239 38.65 3.51 -20.33
CA VAL B 239 38.92 2.11 -20.02
C VAL B 239 39.09 1.95 -18.51
N PHE B 240 38.19 1.18 -17.90
CA PHE B 240 38.23 0.94 -16.45
C PHE B 240 38.94 -0.36 -16.13
N PHE B 241 39.89 -0.30 -15.19
CA PHE B 241 40.62 -1.47 -14.73
C PHE B 241 40.40 -1.71 -13.23
N ASP B 242 39.32 -1.16 -12.70
CA ASP B 242 39.02 -1.28 -11.26
C ASP B 242 38.31 -2.58 -10.92
N ASP B 243 38.47 -3.04 -9.68
CA ASP B 243 37.76 -4.20 -9.17
C ASP B 243 37.98 -5.46 -10.01
N ILE B 244 39.22 -5.69 -10.43
CA ILE B 244 39.59 -6.90 -11.13
C ILE B 244 40.81 -7.50 -10.47
N SER B 245 41.05 -8.77 -10.75
CA SER B 245 42.26 -9.44 -10.30
C SER B 245 42.84 -10.21 -11.48
N GLY B 246 44.12 -10.52 -11.40
CA GLY B 246 44.77 -11.34 -12.41
C GLY B 246 45.61 -10.52 -13.36
N GLU B 247 45.87 -11.12 -14.52
CA GLU B 247 46.82 -10.57 -15.49
C GLU B 247 46.40 -9.16 -15.94
N GLY B 248 45.12 -8.84 -15.80
CA GLY B 248 44.62 -7.55 -16.22
C GLY B 248 45.09 -6.39 -15.36
N THR B 249 45.71 -6.72 -14.22
CA THR B 249 46.18 -5.69 -13.29
C THR B 249 47.57 -5.17 -13.64
N ASN B 250 48.17 -5.74 -14.68
CA ASN B 250 49.54 -5.38 -15.06
C ASN B 250 49.63 -3.91 -15.49
N PRO B 251 50.34 -3.06 -14.70
CA PRO B 251 50.36 -1.62 -14.97
C PRO B 251 50.89 -1.25 -16.35
N GLN B 252 52.00 -1.87 -16.74
CA GLN B 252 52.64 -1.57 -18.01
C GLN B 252 51.75 -1.99 -19.19
N LYS B 253 51.13 -3.16 -19.07
CA LYS B 253 50.25 -3.66 -20.12
C LYS B 253 49.02 -2.78 -20.25
N GLN B 254 48.51 -2.30 -19.11
CA GLN B 254 47.42 -1.35 -19.12
C GLN B 254 47.85 -0.07 -19.83
N ALA B 255 49.06 0.39 -19.52
CA ALA B 255 49.58 1.63 -20.09
C ALA B 255 49.76 1.50 -21.59
N GLU B 256 50.42 0.43 -22.02
CA GLU B 256 50.68 0.19 -23.44
C GLU B 256 49.37 0.17 -24.24
N LEU B 257 48.35 -0.48 -23.70
CA LEU B 257 47.04 -0.57 -24.36
C LEU B 257 46.46 0.83 -24.57
N LEU B 258 46.52 1.66 -23.55
CA LEU B 258 45.93 3.00 -23.64
C LEU B 258 46.70 3.89 -24.61
N ASN B 259 48.02 3.73 -24.65
CA ASN B 259 48.84 4.48 -25.60
C ASN B 259 48.53 4.05 -27.02
N TYR B 260 48.20 2.77 -27.19
CA TYR B 260 47.82 2.25 -28.50
C TYR B 260 46.48 2.87 -28.90
N ILE B 261 45.53 2.87 -27.97
CA ILE B 261 44.23 3.50 -28.20
C ILE B 261 44.44 4.98 -28.50
N ASP B 262 45.37 5.60 -27.79
CA ASP B 262 45.63 7.03 -27.97
C ASP B 262 46.14 7.33 -29.38
N GLU B 263 47.17 6.61 -29.79
CA GLU B 263 47.89 6.95 -31.01
C GLU B 263 47.23 6.42 -32.30
N LYS B 264 46.56 5.27 -32.20
CA LYS B 264 46.02 4.61 -33.39
C LYS B 264 44.51 4.84 -33.58
N PHE B 265 43.90 5.59 -32.67
CA PHE B 265 42.45 5.81 -32.70
C PHE B 265 42.11 7.24 -32.31
N ALA B 266 42.51 7.64 -31.11
CA ALA B 266 42.18 8.98 -30.61
C ALA B 266 42.92 10.08 -31.38
N GLN B 267 44.06 9.74 -31.97
CA GLN B 267 44.84 10.71 -32.75
C GLN B 267 44.47 10.67 -34.23
N VAL B 268 43.98 9.52 -34.70
CA VAL B 268 43.60 9.38 -36.11
C VAL B 268 42.26 10.06 -36.37
N LYS B 269 41.30 9.86 -35.47
CA LYS B 269 39.98 10.45 -35.64
C LYS B 269 40.07 11.96 -35.46
N PRO B 270 39.28 12.72 -36.24
CA PRO B 270 39.36 14.19 -36.21
C PRO B 270 38.75 14.87 -34.99
N ASP B 271 37.88 14.16 -34.24
CA ASP B 271 37.00 14.84 -33.29
C ASP B 271 36.82 14.12 -31.94
N ILE B 272 37.83 13.36 -31.52
CA ILE B 272 37.78 12.70 -30.21
C ILE B 272 38.28 13.66 -29.13
N ASN B 273 37.54 13.77 -28.03
CA ASN B 273 37.88 14.71 -26.97
C ASN B 273 38.63 14.05 -25.82
N GLN B 274 37.90 13.49 -24.86
CA GLN B 274 38.52 12.92 -23.67
C GLN B 274 38.96 11.48 -23.87
N LEU B 275 40.13 11.15 -23.32
CA LEU B 275 40.57 9.77 -23.18
C LEU B 275 41.01 9.52 -21.74
N VAL B 276 40.24 8.71 -21.03
CA VAL B 276 40.37 8.53 -19.58
C VAL B 276 40.54 7.06 -19.21
N MET B 277 41.22 6.79 -18.10
CA MET B 277 41.35 5.42 -17.60
C MET B 277 41.24 5.39 -16.09
N CYS B 278 40.65 4.33 -15.55
CA CYS B 278 40.58 4.12 -14.11
C CYS B 278 41.57 3.04 -13.69
N PRO B 279 42.54 3.39 -12.84
CA PRO B 279 43.57 2.40 -12.48
C PRO B 279 43.02 1.29 -11.59
N THR B 280 43.74 0.17 -11.51
CA THR B 280 43.34 -0.91 -10.60
C THR B 280 43.46 -0.44 -9.16
N GLU B 281 44.54 0.27 -8.85
CA GLU B 281 44.71 0.94 -7.56
C GLU B 281 44.21 2.37 -7.66
N TYR B 282 42.99 2.62 -7.21
CA TYR B 282 42.34 3.92 -7.39
C TYR B 282 42.22 4.73 -6.10
N ASN B 283 42.85 4.25 -5.03
CA ASN B 283 42.92 5.02 -3.78
C ASN B 283 44.20 4.68 -3.01
N LYS B 284 44.54 5.55 -2.05
CA LYS B 284 45.80 5.44 -1.32
C LYS B 284 45.81 4.20 -0.42
N SER B 285 44.69 3.93 0.25
CA SER B 285 44.61 2.82 1.18
C SER B 285 44.86 1.48 0.51
N TRP B 286 44.40 1.37 -0.73
CA TRP B 286 44.44 0.10 -1.45
C TRP B 286 45.63 0.00 -2.39
N SER B 287 46.50 1.01 -2.36
CA SER B 287 47.75 0.97 -3.10
C SER B 287 48.80 0.20 -2.29
N ASN B 288 49.78 -0.36 -2.99
CA ASN B 288 50.86 -1.09 -2.34
C ASN B 288 52.10 -0.21 -2.19
N PRO B 289 52.62 -0.08 -0.96
CA PRO B 289 53.75 0.82 -0.74
C PRO B 289 55.05 0.32 -1.39
N ASN B 290 55.23 -1.00 -1.42
CA ASN B 290 56.45 -1.60 -1.94
C ASN B 290 56.56 -1.47 -3.46
N GLY B 291 55.89 -2.36 -4.19
CA GLY B 291 55.89 -2.33 -5.63
C GLY B 291 55.09 -1.16 -6.17
N ASN B 292 55.69 -0.39 -7.07
CA ASN B 292 55.06 0.84 -7.56
C ASN B 292 54.19 0.61 -8.79
N TYR B 293 52.88 0.71 -8.60
CA TYR B 293 51.91 0.56 -9.67
C TYR B 293 51.57 1.91 -10.28
N LEU B 294 51.46 2.92 -9.43
CA LEU B 294 51.02 4.24 -9.86
C LEU B 294 52.12 5.02 -10.57
N THR B 295 53.38 4.76 -10.19
CA THR B 295 54.49 5.44 -10.84
C THR B 295 54.70 4.89 -12.24
N THR B 296 54.41 3.60 -12.42
CA THR B 296 54.50 2.98 -13.73
C THR B 296 53.52 3.64 -14.70
N LEU B 297 52.32 3.95 -14.22
CA LEU B 297 51.33 4.65 -15.03
C LEU B 297 51.75 6.09 -15.28
N GLY B 298 52.46 6.68 -14.33
CA GLY B 298 52.88 8.06 -14.44
C GLY B 298 53.87 8.29 -15.56
N ASP B 299 54.77 7.34 -15.76
CA ASP B 299 55.84 7.47 -16.75
C ASP B 299 55.40 6.93 -18.11
N LYS B 300 54.87 5.71 -18.13
CA LYS B 300 54.54 5.03 -19.38
C LYS B 300 53.32 5.63 -20.08
N LEU B 301 52.28 5.93 -19.32
CA LEU B 301 51.04 6.43 -19.89
C LEU B 301 51.22 7.83 -20.49
N ASN B 302 50.78 8.01 -21.74
CA ASN B 302 50.91 9.29 -22.42
C ASN B 302 50.32 10.42 -21.59
N PRO B 303 50.87 11.64 -21.72
CA PRO B 303 50.48 12.76 -20.87
C PRO B 303 49.04 13.25 -21.08
N SER B 304 48.50 13.01 -22.27
CA SER B 304 47.15 13.49 -22.58
C SER B 304 46.06 12.61 -21.97
N ILE B 305 46.44 11.42 -21.51
CA ILE B 305 45.49 10.48 -20.96
C ILE B 305 45.23 10.77 -19.49
N GLN B 306 43.95 10.81 -19.13
CA GLN B 306 43.55 11.10 -17.76
C GLN B 306 43.58 9.84 -16.91
N ILE B 307 43.83 10.00 -15.61
CA ILE B 307 43.88 8.89 -14.67
C ILE B 307 42.95 9.17 -13.51
N MET B 308 41.98 8.30 -13.30
CA MET B 308 40.98 8.52 -12.27
C MET B 308 41.48 8.13 -10.88
N TRP B 309 40.87 8.72 -9.86
CA TRP B 309 41.32 8.56 -8.48
C TRP B 309 40.16 8.84 -7.53
N THR B 310 39.97 7.99 -6.53
CA THR B 310 38.83 8.13 -5.63
C THR B 310 39.16 8.81 -4.30
N GLY B 311 40.46 9.03 -4.07
CA GLY B 311 40.92 9.71 -2.86
C GLY B 311 41.78 8.83 -1.99
N ASP B 312 41.79 9.10 -0.69
CA ASP B 312 42.61 8.35 0.24
C ASP B 312 42.04 6.96 0.48
N ARG B 313 40.72 6.84 0.30
CA ARG B 313 40.04 5.55 0.43
C ARG B 313 39.02 5.42 -0.70
N VAL B 314 38.32 4.29 -0.74
CA VAL B 314 37.30 4.07 -1.77
C VAL B 314 36.24 5.16 -1.66
N ILE B 315 35.81 5.42 -0.43
CA ILE B 315 34.89 6.49 -0.13
C ILE B 315 35.62 7.51 0.75
N SER B 316 35.95 8.67 0.19
CA SER B 316 36.68 9.69 0.94
C SER B 316 36.46 11.08 0.37
N ASP B 317 36.74 12.07 1.20
CA ASP B 317 36.72 13.46 0.78
C ASP B 317 38.09 13.78 0.22
N ILE B 318 38.14 14.72 -0.73
CA ILE B 318 39.39 15.06 -1.40
C ILE B 318 40.08 16.21 -0.66
N THR B 319 41.27 15.94 -0.15
CA THR B 319 42.05 16.92 0.60
C THR B 319 43.25 17.38 -0.21
N ARG B 320 43.93 18.42 0.28
CA ARG B 320 45.12 18.93 -0.38
C ARG B 320 46.28 17.94 -0.26
N ASP B 321 46.44 17.39 0.94
CA ASP B 321 47.49 16.41 1.18
C ASP B 321 47.23 15.14 0.38
N GLY B 322 45.96 14.86 0.13
CA GLY B 322 45.55 13.66 -0.57
C GLY B 322 45.77 13.79 -2.07
N ILE B 323 45.41 14.94 -2.64
CA ILE B 323 45.58 15.16 -4.07
C ILE B 323 47.06 15.32 -4.42
N SER B 324 47.82 15.93 -3.51
CA SER B 324 49.25 16.10 -3.73
C SER B 324 49.94 14.75 -3.74
N TRP B 325 49.41 13.80 -2.97
CA TRP B 325 50.03 12.49 -2.81
C TRP B 325 49.92 11.68 -4.11
N ILE B 326 48.75 11.73 -4.75
CA ILE B 326 48.53 10.98 -5.98
C ILE B 326 49.27 11.65 -7.14
N ASN B 327 49.24 12.98 -7.19
CA ASN B 327 49.82 13.74 -8.29
C ASN B 327 51.33 13.53 -8.48
N GLU B 328 52.05 13.39 -7.37
CA GLU B 328 53.49 13.13 -7.42
C GLU B 328 53.81 11.84 -8.16
N ARG B 329 52.84 10.93 -8.21
CA ARG B 329 53.07 9.59 -8.76
C ARG B 329 52.56 9.42 -10.19
N ILE B 330 51.38 9.95 -10.47
CA ILE B 330 50.82 9.86 -11.81
C ILE B 330 51.34 11.00 -12.70
N LYS B 331 52.17 11.87 -12.12
CA LYS B 331 52.85 12.93 -12.86
C LYS B 331 51.88 13.84 -13.60
N ARG B 332 50.70 14.02 -13.04
CA ARG B 332 49.67 14.85 -13.65
C ARG B 332 48.56 15.13 -12.65
N PRO B 333 47.72 16.15 -12.93
CA PRO B 333 46.58 16.40 -12.04
C PRO B 333 45.55 15.26 -12.12
N ALA B 334 45.25 14.66 -10.98
CA ALA B 334 44.35 13.51 -10.92
C ALA B 334 42.95 13.89 -11.38
N TYR B 335 42.26 12.90 -11.96
CA TYR B 335 40.90 13.05 -12.44
C TYR B 335 39.94 12.43 -11.41
N ILE B 336 39.43 13.22 -10.49
CA ILE B 336 38.73 12.68 -9.31
C ILE B 336 37.43 11.93 -9.63
N TRP B 337 37.36 10.71 -9.11
CA TRP B 337 36.15 9.89 -9.10
C TRP B 337 35.61 9.84 -7.67
N TRP B 338 34.65 10.71 -7.36
CA TRP B 338 34.16 10.82 -5.99
C TRP B 338 32.92 9.96 -5.71
N ASN B 339 33.09 8.96 -4.85
CA ASN B 339 32.01 8.01 -4.57
C ASN B 339 30.98 8.53 -3.56
N PHE B 340 30.30 9.61 -3.94
CA PHE B 340 29.11 10.08 -3.24
C PHE B 340 28.17 10.70 -4.27
N PRO B 341 26.85 10.44 -4.18
CA PRO B 341 26.12 9.73 -3.13
C PRO B 341 25.88 8.24 -3.40
N VAL B 342 26.73 7.60 -4.19
CA VAL B 342 26.58 6.17 -4.49
C VAL B 342 26.35 5.38 -3.20
N SER B 343 25.38 4.48 -3.27
CA SER B 343 24.90 3.77 -2.10
C SER B 343 24.85 2.26 -2.34
N ASP B 344 25.58 1.79 -3.36
CA ASP B 344 25.50 0.38 -3.73
C ASP B 344 26.13 -0.55 -2.68
N TYR B 345 26.75 0.03 -1.66
CA TYR B 345 27.29 -0.76 -0.56
C TYR B 345 26.46 -0.57 0.72
N VAL B 346 25.53 0.37 0.67
CA VAL B 346 24.51 0.51 1.71
C VAL B 346 23.14 0.76 1.06
N ARG B 347 22.63 -0.27 0.39
CA ARG B 347 21.47 -0.12 -0.49
C ARG B 347 20.14 0.03 0.25
N ASP B 348 20.15 -0.10 1.57
CA ASP B 348 18.93 0.11 2.35
C ASP B 348 18.87 1.55 2.88
N HIS B 349 19.87 2.36 2.50
CA HIS B 349 19.89 3.79 2.82
C HIS B 349 19.81 4.63 1.53
N LEU B 350 19.09 5.74 1.62
CA LEU B 350 19.21 6.80 0.62
C LEU B 350 20.15 7.84 1.16
N LEU B 351 20.98 8.41 0.30
CA LEU B 351 21.92 9.44 0.71
C LEU B 351 21.54 10.77 0.07
N LEU B 352 20.70 11.53 0.77
CA LEU B 352 20.12 12.77 0.25
C LEU B 352 20.69 13.99 0.95
N GLY B 353 21.74 13.79 1.74
CA GLY B 353 22.36 14.90 2.46
C GLY B 353 23.17 15.80 1.53
N PRO B 354 23.77 16.86 2.12
CA PRO B 354 24.58 17.83 1.39
C PRO B 354 25.96 17.29 0.98
N VAL B 355 26.56 17.94 -0.02
CA VAL B 355 27.90 17.60 -0.48
C VAL B 355 28.91 18.47 0.25
N TYR B 356 29.84 17.85 0.97
CA TYR B 356 30.87 18.58 1.70
C TYR B 356 32.09 17.73 1.97
N GLY B 357 33.13 18.35 2.52
CA GLY B 357 34.31 17.64 2.96
C GLY B 357 35.48 17.80 2.02
N ASN B 358 35.17 18.17 0.77
CA ASN B 358 36.19 18.36 -0.25
C ASN B 358 36.81 19.74 -0.17
N ASP B 359 38.13 19.78 -0.20
CA ASP B 359 38.88 21.03 -0.20
C ASP B 359 38.44 21.94 -1.34
N THR B 360 38.40 23.24 -1.07
CA THR B 360 37.87 24.21 -2.02
C THR B 360 38.94 25.07 -2.69
N THR B 361 40.21 24.78 -2.40
CA THR B 361 41.33 25.54 -2.95
C THR B 361 42.19 24.73 -3.93
N ILE B 362 41.83 23.48 -4.18
CA ILE B 362 42.68 22.56 -4.94
C ILE B 362 42.19 22.35 -6.37
N ALA B 363 41.42 23.31 -6.89
CA ALA B 363 40.86 23.23 -8.24
C ALA B 363 41.97 23.01 -9.28
N LYS B 364 43.05 23.78 -9.15
CA LYS B 364 44.13 23.70 -10.11
C LYS B 364 44.89 22.38 -10.02
N GLU B 365 44.61 21.62 -8.96
CA GLU B 365 45.34 20.39 -8.69
C GLU B 365 44.61 19.15 -9.22
N MET B 366 43.53 19.36 -9.98
CA MET B 366 42.73 18.25 -10.49
C MET B 366 42.27 18.49 -11.93
N SER B 367 42.38 17.45 -12.76
CA SER B 367 41.99 17.55 -14.16
C SER B 367 40.48 17.55 -14.30
N GLY B 368 39.82 16.76 -13.46
CA GLY B 368 38.37 16.69 -13.50
C GLY B 368 37.81 16.25 -12.16
N PHE B 369 36.49 16.30 -12.06
CA PHE B 369 35.79 15.91 -10.85
C PHE B 369 34.42 15.38 -11.23
N VAL B 370 34.22 14.07 -11.05
CA VAL B 370 32.95 13.44 -11.36
C VAL B 370 32.40 12.73 -10.14
N THR B 371 31.07 12.69 -10.04
CA THR B 371 30.41 12.04 -8.94
C THR B 371 29.80 10.74 -9.40
N ASN B 372 30.03 9.69 -8.61
CA ASN B 372 29.37 8.40 -8.78
C ASN B 372 28.08 8.39 -7.96
N PRO B 373 26.92 8.25 -8.62
CA PRO B 373 25.64 8.41 -7.93
C PRO B 373 24.98 7.11 -7.45
N MET B 374 23.78 7.24 -6.88
CA MET B 374 22.96 6.09 -6.52
C MET B 374 22.31 5.56 -7.79
N GLU B 375 21.76 4.36 -7.73
CA GLU B 375 21.01 3.85 -8.88
C GLU B 375 19.67 4.57 -8.97
N HIS B 376 19.36 5.35 -7.93
CA HIS B 376 18.19 6.23 -7.95
C HIS B 376 18.58 7.56 -8.58
N ALA B 377 18.28 7.70 -9.87
CA ALA B 377 18.76 8.82 -10.68
C ALA B 377 18.23 10.16 -10.20
N GLU B 378 16.91 10.27 -10.05
CA GLU B 378 16.32 11.55 -9.66
C GLU B 378 16.78 11.94 -8.27
N SER B 379 16.78 10.98 -7.35
CA SER B 379 17.21 11.21 -5.97
C SER B 379 18.66 11.69 -5.90
N SER B 380 19.43 11.35 -6.91
CA SER B 380 20.84 11.70 -6.94
C SER B 380 21.06 13.14 -7.41
N LYS B 381 20.00 13.79 -7.89
CA LYS B 381 20.16 15.13 -8.43
C LYS B 381 20.55 16.14 -7.36
N ILE B 382 20.26 15.83 -6.09
CA ILE B 382 20.63 16.73 -5.01
C ILE B 382 22.14 16.88 -4.97
N ALA B 383 22.84 15.76 -4.96
CA ALA B 383 24.30 15.76 -4.85
C ALA B 383 24.94 16.18 -6.18
N ILE B 384 24.33 15.77 -7.28
CA ILE B 384 24.85 16.11 -8.61
C ILE B 384 24.83 17.63 -8.81
N TYR B 385 23.70 18.24 -8.50
CA TYR B 385 23.54 19.70 -8.49
C TYR B 385 24.62 20.39 -7.66
N SER B 386 24.93 19.82 -6.51
CA SER B 386 25.91 20.40 -5.58
C SER B 386 27.33 20.21 -6.09
N VAL B 387 27.62 19.03 -6.63
CA VAL B 387 28.94 18.75 -7.19
C VAL B 387 29.22 19.70 -8.36
N ALA B 388 28.19 19.99 -9.14
CA ALA B 388 28.32 20.93 -10.24
C ALA B 388 28.65 22.33 -9.74
N SER B 389 28.06 22.71 -8.61
CA SER B 389 28.34 24.01 -8.02
C SER B 389 29.77 24.05 -7.52
N TYR B 390 30.18 23.01 -6.82
CA TYR B 390 31.53 22.92 -6.30
C TYR B 390 32.59 22.93 -7.42
N ALA B 391 32.38 22.12 -8.45
CA ALA B 391 33.39 21.93 -9.48
C ALA B 391 33.60 23.18 -10.34
N TRP B 392 32.52 23.91 -10.59
CA TRP B 392 32.59 25.14 -11.35
C TRP B 392 33.25 26.28 -10.58
N ASN B 393 32.79 26.52 -9.36
CA ASN B 393 33.29 27.62 -8.54
C ASN B 393 33.51 27.20 -7.08
N PRO B 394 34.50 26.33 -6.83
CA PRO B 394 34.72 25.80 -5.48
C PRO B 394 35.02 26.87 -4.44
N ALA B 395 35.59 27.98 -4.87
CA ALA B 395 35.97 29.05 -3.95
C ALA B 395 34.76 29.70 -3.29
N LYS B 396 33.64 29.71 -4.01
CA LYS B 396 32.39 30.28 -3.50
C LYS B 396 31.42 29.17 -3.08
N TYR B 397 31.92 27.94 -3.00
CA TYR B 397 31.03 26.80 -2.78
C TYR B 397 30.41 26.84 -1.40
N ASP B 398 29.07 26.89 -1.40
CA ASP B 398 28.29 26.99 -0.17
C ASP B 398 27.48 25.70 0.01
N THR B 399 27.99 24.82 0.87
CA THR B 399 27.41 23.50 1.07
C THR B 399 25.91 23.52 1.32
N TRP B 400 25.51 24.19 2.38
CA TRP B 400 24.11 24.16 2.81
C TRP B 400 23.21 24.94 1.87
N GLN B 401 23.68 26.09 1.39
CA GLN B 401 22.89 26.90 0.48
C GLN B 401 22.60 26.13 -0.81
N THR B 402 23.62 25.46 -1.34
CA THR B 402 23.49 24.74 -2.60
C THR B 402 22.59 23.54 -2.43
N TRP B 403 22.71 22.85 -1.30
CA TRP B 403 21.85 21.73 -0.95
C TRP B 403 20.38 22.15 -1.00
N LYS B 404 20.09 23.29 -0.37
CA LYS B 404 18.73 23.82 -0.39
C LYS B 404 18.32 24.24 -1.81
N ASP B 405 19.22 24.91 -2.53
CA ASP B 405 18.95 25.30 -3.91
C ASP B 405 18.63 24.10 -4.78
N ALA B 406 19.40 23.03 -4.62
CA ALA B 406 19.15 21.78 -5.35
C ALA B 406 17.72 21.30 -5.13
N ILE B 407 17.35 21.14 -3.87
CA ILE B 407 16.04 20.62 -3.50
C ILE B 407 14.92 21.48 -4.08
N ARG B 408 15.10 22.80 -4.04
CA ARG B 408 14.07 23.72 -4.50
C ARG B 408 13.98 23.76 -6.03
N THR B 409 15.05 23.33 -6.69
CA THR B 409 15.07 23.25 -8.15
C THR B 409 14.43 21.96 -8.62
N ILE B 410 14.69 20.88 -7.88
CA ILE B 410 14.21 19.56 -8.23
C ILE B 410 12.72 19.40 -7.96
N LEU B 411 12.22 20.02 -6.90
CA LEU B 411 10.81 19.85 -6.53
C LEU B 411 10.26 21.10 -5.87
N PRO B 412 10.08 22.17 -6.66
CA PRO B 412 9.66 23.45 -6.09
C PRO B 412 8.24 23.42 -5.49
N SER B 413 7.42 22.46 -5.90
CA SER B 413 6.05 22.39 -5.39
C SER B 413 6.02 21.77 -3.99
N ALA B 414 7.09 21.06 -3.63
CA ALA B 414 7.18 20.45 -2.30
C ALA B 414 8.62 20.52 -1.76
N ALA B 415 9.26 21.67 -1.95
CA ALA B 415 10.67 21.85 -1.59
C ALA B 415 10.93 21.65 -0.10
N GLU B 416 10.10 22.27 0.74
CA GLU B 416 10.29 22.15 2.18
C GLU B 416 10.02 20.73 2.68
N GLU B 417 9.07 20.06 2.03
CA GLU B 417 8.74 18.67 2.37
C GLU B 417 9.87 17.73 1.97
N LEU B 418 10.48 17.98 0.82
CA LEU B 418 11.59 17.16 0.34
C LEU B 418 12.86 17.46 1.15
N GLU B 419 12.93 18.67 1.70
CA GLU B 419 14.08 19.08 2.49
C GLU B 419 14.01 18.46 3.86
N CYS B 420 12.79 18.28 4.35
CA CYS B 420 12.57 17.62 5.63
C CYS B 420 12.90 16.14 5.54
N PHE B 421 12.49 15.53 4.43
CA PHE B 421 12.75 14.12 4.19
C PHE B 421 14.25 13.84 4.03
N ALA B 422 14.93 14.69 3.27
CA ALA B 422 16.36 14.54 3.00
C ALA B 422 17.23 14.86 4.22
N MET B 423 16.76 15.76 5.08
CA MET B 423 17.47 16.15 6.29
C MET B 423 17.71 14.93 7.19
N HIS B 424 16.75 14.00 7.18
CA HIS B 424 16.79 12.84 8.07
C HIS B 424 17.07 11.55 7.28
N ASN B 425 17.60 11.72 6.06
CA ASN B 425 18.03 10.61 5.21
C ASN B 425 19.37 10.91 4.53
N SER B 426 20.43 11.07 5.33
CA SER B 426 21.72 11.49 4.81
C SER B 426 22.87 10.58 5.26
N ASP B 427 22.76 10.02 6.45
CA ASP B 427 23.81 9.16 6.97
C ASP B 427 23.72 7.76 6.38
N LEU B 428 24.86 7.07 6.32
CA LEU B 428 24.94 5.76 5.66
C LEU B 428 24.69 4.63 6.65
N GLY B 429 24.95 4.91 7.92
CA GLY B 429 24.94 3.88 8.94
C GLY B 429 26.22 3.09 8.84
N PRO B 430 26.43 2.17 9.80
CA PRO B 430 27.61 1.29 9.81
C PRO B 430 27.86 0.62 8.46
N ASN B 431 29.08 0.73 7.96
CA ASN B 431 29.45 0.09 6.70
C ASN B 431 30.92 -0.33 6.70
N GLY B 432 31.34 -1.06 5.67
CA GLY B 432 32.69 -1.57 5.60
C GLY B 432 33.71 -0.51 5.28
N HIS B 433 33.27 0.60 4.69
CA HIS B 433 34.16 1.69 4.33
C HIS B 433 34.35 2.67 5.48
N GLY B 434 33.57 2.50 6.55
CA GLY B 434 33.64 3.38 7.70
C GLY B 434 33.30 4.82 7.38
N TYR B 435 32.58 5.03 6.28
CA TYR B 435 32.24 6.36 5.80
C TYR B 435 30.85 6.77 6.28
N ARG B 436 30.79 7.90 7.00
CA ARG B 436 29.53 8.39 7.56
C ARG B 436 29.27 9.82 7.12
N ARG B 437 28.00 10.25 7.23
CA ARG B 437 27.62 11.64 6.99
C ARG B 437 26.75 12.12 8.14
N GLU B 438 26.68 13.43 8.35
CA GLU B 438 25.85 13.97 9.43
C GLU B 438 24.39 13.80 9.07
N GLU B 439 23.51 13.83 10.07
CA GLU B 439 22.08 13.68 9.84
C GLU B 439 21.30 14.25 11.01
N SER B 440 20.18 14.90 10.72
CA SER B 440 19.29 15.43 11.75
C SER B 440 20.01 16.37 12.73
N MET B 441 20.90 17.21 12.20
CA MET B 441 21.70 18.10 13.06
C MET B 441 20.87 19.16 13.77
N ASP B 442 19.79 19.59 13.12
CA ASP B 442 18.90 20.59 13.68
C ASP B 442 18.35 20.16 15.04
N ILE B 443 17.77 18.97 15.08
CA ILE B 443 17.06 18.52 16.28
C ILE B 443 17.94 17.70 17.23
N GLN B 444 19.21 17.53 16.87
CA GLN B 444 20.10 16.66 17.65
C GLN B 444 20.38 17.20 19.05
N PRO B 445 20.60 18.52 19.19
CA PRO B 445 20.84 19.02 20.55
C PRO B 445 19.61 18.86 21.45
N ALA B 446 18.42 19.07 20.88
CA ALA B 446 17.18 18.86 21.60
C ALA B 446 17.02 17.38 21.95
N ALA B 447 17.37 16.52 20.99
CA ALA B 447 17.28 15.08 21.21
C ALA B 447 18.21 14.63 22.32
N GLU B 448 19.48 14.98 22.22
CA GLU B 448 20.47 14.58 23.21
C GLU B 448 20.11 15.07 24.62
N ARG B 449 19.65 16.32 24.72
CA ARG B 449 19.24 16.87 26.01
C ARG B 449 17.98 16.20 26.54
N PHE B 450 17.17 15.69 25.62
CA PHE B 450 15.95 14.98 25.99
C PHE B 450 16.31 13.64 26.61
N LEU B 451 17.14 12.88 25.92
CA LEU B 451 17.61 11.59 26.40
C LEU B 451 18.34 11.74 27.73
N LYS B 452 19.16 12.79 27.84
CA LYS B 452 19.95 13.01 29.04
C LYS B 452 19.06 13.25 30.24
N ALA B 453 18.01 14.03 30.04
CA ALA B 453 17.08 14.31 31.12
C ALA B 453 16.52 13.01 31.66
N PHE B 454 16.22 12.09 30.75
CA PHE B 454 15.74 10.76 31.12
C PHE B 454 16.82 9.91 31.76
N LYS B 455 18.03 10.00 31.20
CA LYS B 455 19.16 9.27 31.74
C LYS B 455 19.45 9.73 33.16
N GLU B 456 19.45 11.04 33.35
CA GLU B 456 19.68 11.65 34.65
C GLU B 456 18.48 11.44 35.57
N GLY B 457 17.28 11.38 35.00
CA GLY B 457 16.05 11.29 35.77
C GLY B 457 15.45 12.65 36.05
N LYS B 458 16.11 13.70 35.57
CA LYS B 458 15.63 15.06 35.70
C LYS B 458 14.48 15.33 34.72
N ASN B 459 13.75 16.42 34.97
CA ASN B 459 12.67 16.80 34.06
C ASN B 459 13.21 17.35 32.75
N TYR B 460 12.57 16.94 31.65
CA TYR B 460 12.98 17.38 30.32
C TYR B 460 12.49 18.80 30.07
N ASP B 461 13.12 19.47 29.11
CA ASP B 461 12.72 20.83 28.75
C ASP B 461 11.49 20.81 27.85
N LYS B 462 10.53 21.68 28.16
CA LYS B 462 9.28 21.72 27.41
C LYS B 462 9.54 22.07 25.95
N ALA B 463 10.54 22.94 25.72
CA ALA B 463 10.88 23.37 24.37
C ALA B 463 11.43 22.21 23.55
N ASP B 464 12.20 21.34 24.20
CA ASP B 464 12.77 20.17 23.52
C ASP B 464 11.68 19.18 23.15
N PHE B 465 10.70 19.03 24.04
CA PHE B 465 9.60 18.12 23.82
C PHE B 465 8.78 18.58 22.62
N GLU B 466 8.49 19.87 22.57
CA GLU B 466 7.68 20.44 21.49
C GLU B 466 8.46 20.46 20.16
N THR B 467 9.78 20.52 20.25
CA THR B 467 10.62 20.44 19.06
C THR B 467 10.49 19.07 18.41
N LEU B 468 10.63 18.02 19.23
CA LEU B 468 10.52 16.65 18.75
C LEU B 468 9.11 16.40 18.22
N GLN B 469 8.13 16.87 18.97
CA GLN B 469 6.72 16.78 18.58
C GLN B 469 6.50 17.49 17.24
N TYR B 470 7.08 18.68 17.11
CA TYR B 470 6.97 19.47 15.87
C TYR B 470 7.62 18.74 14.71
N THR B 471 8.73 18.07 14.99
CA THR B 471 9.47 17.37 13.95
C THR B 471 8.68 16.18 13.44
N PHE B 472 8.19 15.34 14.34
CA PHE B 472 7.41 14.16 13.94
C PHE B 472 6.18 14.59 13.16
N GLU B 473 5.52 15.65 13.60
CA GLU B 473 4.35 16.15 12.89
C GLU B 473 4.75 16.57 11.47
N ARG B 474 5.88 17.27 11.38
CA ARG B 474 6.37 17.78 10.10
C ARG B 474 6.77 16.64 9.16
N MET B 475 7.32 15.57 9.73
CA MET B 475 7.71 14.42 8.93
C MET B 475 6.47 13.77 8.29
N LYS B 476 5.37 13.67 9.04
CA LYS B 476 4.13 13.09 8.52
C LYS B 476 3.60 13.89 7.35
N GLU B 477 3.57 15.21 7.52
CA GLU B 477 3.14 16.11 6.44
C GLU B 477 3.99 15.89 5.21
N SER B 478 5.30 15.83 5.42
CA SER B 478 6.23 15.70 4.32
C SER B 478 6.03 14.39 3.58
N ALA B 479 5.89 13.30 4.32
CA ALA B 479 5.72 11.98 3.71
C ALA B 479 4.43 11.91 2.89
N ASP B 480 3.33 12.38 3.45
CA ASP B 480 2.04 12.26 2.78
C ASP B 480 1.98 13.16 1.54
N ILE B 481 2.63 14.32 1.58
CA ILE B 481 2.65 15.24 0.44
C ILE B 481 3.56 14.74 -0.67
N LEU B 482 4.75 14.27 -0.31
CA LEU B 482 5.66 13.70 -1.28
C LEU B 482 5.06 12.49 -1.99
N LEU B 483 4.40 11.61 -1.26
CA LEU B 483 3.81 10.41 -1.86
C LEU B 483 2.88 10.75 -3.03
N MET B 484 2.14 11.85 -2.89
CA MET B 484 1.11 12.22 -3.86
C MET B 484 1.60 13.25 -4.87
N ASN B 485 2.88 13.62 -4.76
CA ASN B 485 3.42 14.67 -5.61
C ASN B 485 3.55 14.21 -7.05
N THR B 486 3.03 15.02 -7.97
CA THR B 486 2.94 14.66 -9.37
C THR B 486 3.92 15.45 -10.25
N GLU B 487 4.72 16.31 -9.62
CA GLU B 487 5.65 17.17 -10.37
C GLU B 487 6.85 16.38 -10.88
N ASN B 488 7.30 15.41 -10.09
CA ASN B 488 8.41 14.54 -10.45
C ASN B 488 8.10 13.12 -10.00
N LYS B 489 7.25 12.43 -10.77
CA LYS B 489 6.81 11.09 -10.44
C LYS B 489 7.97 10.09 -10.30
N PRO B 490 8.94 10.14 -11.24
CA PRO B 490 10.05 9.19 -11.10
C PRO B 490 10.78 9.32 -9.77
N LEU B 491 10.99 10.55 -9.32
CA LEU B 491 11.63 10.77 -8.02
C LEU B 491 10.86 10.05 -6.92
N ILE B 492 9.54 10.19 -6.95
CA ILE B 492 8.69 9.64 -5.90
C ILE B 492 8.72 8.12 -5.93
N VAL B 493 8.72 7.54 -7.13
CA VAL B 493 8.80 6.09 -7.28
C VAL B 493 10.06 5.58 -6.60
N GLU B 494 11.18 6.29 -6.77
CA GLU B 494 12.45 5.86 -6.19
C GLU B 494 12.41 5.80 -4.68
N ILE B 495 11.87 6.84 -4.05
CA ILE B 495 11.97 7.00 -2.60
C ILE B 495 10.78 6.43 -1.83
N THR B 496 9.72 6.03 -2.54
CA THR B 496 8.44 5.66 -1.93
C THR B 496 8.57 4.65 -0.77
N PRO B 497 9.34 3.56 -0.97
CA PRO B 497 9.54 2.64 0.15
C PRO B 497 10.08 3.33 1.40
N TRP B 498 11.03 4.25 1.21
CA TRP B 498 11.62 4.96 2.34
C TRP B 498 10.67 6.00 2.91
N VAL B 499 9.75 6.48 2.08
CA VAL B 499 8.78 7.48 2.53
C VAL B 499 7.72 6.83 3.43
N HIS B 500 7.35 5.59 3.12
CA HIS B 500 6.43 4.84 3.98
C HIS B 500 7.05 4.63 5.35
N GLN B 501 8.30 4.19 5.34
CA GLN B 501 9.04 3.91 6.57
C GLN B 501 9.30 5.20 7.33
N PHE B 502 9.44 6.30 6.58
CA PHE B 502 9.65 7.61 7.16
C PHE B 502 8.44 8.04 7.97
N LYS B 503 7.25 7.84 7.40
CA LYS B 503 6.02 8.21 8.08
C LYS B 503 5.77 7.34 9.32
N LEU B 504 5.98 6.03 9.19
CA LEU B 504 5.78 5.13 10.31
C LEU B 504 6.68 5.53 11.48
N THR B 505 7.91 5.93 11.17
CA THR B 505 8.85 6.41 12.17
C THR B 505 8.30 7.64 12.88
N ALA B 506 7.73 8.56 12.11
CA ALA B 506 7.18 9.79 12.66
C ALA B 506 5.97 9.48 13.52
N GLU B 507 5.11 8.59 13.04
CA GLU B 507 3.92 8.18 13.79
C GLU B 507 4.30 7.47 15.07
N MET B 508 5.34 6.65 15.00
CA MET B 508 5.83 5.94 16.17
C MET B 508 6.35 6.94 17.21
N GLY B 509 7.08 7.95 16.74
CA GLY B 509 7.61 8.97 17.62
C GLY B 509 6.52 9.77 18.31
N GLU B 510 5.42 10.00 17.60
CA GLU B 510 4.31 10.75 18.17
C GLU B 510 3.66 9.97 19.30
N GLU B 511 3.57 8.65 19.13
CA GLU B 511 2.95 7.80 20.13
C GLU B 511 3.83 7.65 21.37
N VAL B 512 5.14 7.64 21.17
CA VAL B 512 6.08 7.50 22.28
C VAL B 512 6.05 8.76 23.16
N LEU B 513 5.92 9.92 22.53
CA LEU B 513 5.88 11.18 23.28
C LEU B 513 4.61 11.27 24.11
N LYS B 514 3.53 10.68 23.62
CA LYS B 514 2.29 10.60 24.37
C LYS B 514 2.47 9.68 25.58
N MET B 515 3.23 8.61 25.39
CA MET B 515 3.51 7.67 26.47
C MET B 515 4.31 8.35 27.56
N VAL B 516 5.18 9.27 27.17
CA VAL B 516 5.91 10.08 28.13
C VAL B 516 4.94 11.03 28.84
N GLU B 517 3.96 11.53 28.10
CA GLU B 517 3.01 12.51 28.60
C GLU B 517 1.83 11.90 29.35
N GLY B 518 1.46 10.68 28.96
CA GLY B 518 0.31 10.00 29.53
C GLY B 518 0.47 9.79 31.03
N ARG B 519 -0.64 9.79 31.75
CA ARG B 519 -0.59 9.62 33.20
C ARG B 519 -1.63 8.65 33.74
N ASN B 520 -2.62 8.27 32.92
CA ASN B 520 -3.51 7.17 33.31
C ASN B 520 -3.09 5.89 32.59
N GLU B 521 -3.27 4.76 33.28
CA GLU B 521 -2.75 3.48 32.84
C GLU B 521 -3.37 3.03 31.51
N SER B 522 -4.69 3.14 31.41
CA SER B 522 -5.40 2.67 30.22
C SER B 522 -4.90 3.38 28.96
N TYR B 523 -4.65 4.68 29.07
CA TYR B 523 -4.17 5.47 27.94
C TYR B 523 -2.76 5.06 27.55
N PHE B 524 -1.93 4.76 28.54
CA PHE B 524 -0.56 4.32 28.29
C PHE B 524 -0.56 3.04 27.48
N LEU B 525 -1.44 2.12 27.83
CA LEU B 525 -1.52 0.82 27.18
C LEU B 525 -1.99 0.94 25.74
N ARG B 526 -2.95 1.83 25.51
CA ARG B 526 -3.42 2.10 24.15
C ARG B 526 -2.27 2.59 23.28
N LYS B 527 -1.44 3.47 23.84
CA LYS B 527 -0.28 3.99 23.11
C LYS B 527 0.76 2.88 22.92
N TYR B 528 1.01 2.12 23.97
CA TYR B 528 1.95 1.00 23.92
C TYR B 528 1.59 0.01 22.82
N ASN B 529 0.31 -0.34 22.75
CA ASN B 529 -0.17 -1.28 21.74
C ASN B 529 -0.05 -0.70 20.34
N HIS B 530 -0.22 0.61 20.22
CA HIS B 530 -0.13 1.27 18.93
C HIS B 530 1.32 1.23 18.43
N VAL B 531 2.25 1.55 19.33
CA VAL B 531 3.66 1.51 19.01
C VAL B 531 4.05 0.12 18.51
N LYS B 532 3.60 -0.92 19.21
CA LYS B 532 3.95 -2.29 18.84
C LYS B 532 3.48 -2.62 17.44
N ALA B 533 2.24 -2.23 17.11
CA ALA B 533 1.71 -2.45 15.77
C ALA B 533 2.49 -1.65 14.72
N LEU B 534 3.07 -0.52 15.13
CA LEU B 534 3.84 0.31 14.21
C LEU B 534 5.23 -0.28 13.96
N GLN B 535 5.78 -0.94 14.98
CA GLN B 535 7.05 -1.66 14.81
C GLN B 535 6.87 -2.77 13.79
N GLN B 536 5.79 -3.52 13.93
CA GLN B 536 5.48 -4.65 13.05
C GLN B 536 5.35 -4.19 11.61
N GLN B 537 4.75 -3.02 11.42
CA GLN B 537 4.59 -2.48 10.08
C GLN B 537 5.93 -2.12 9.49
N MET B 538 6.81 -1.54 10.32
CA MET B 538 8.15 -1.20 9.86
C MET B 538 8.95 -2.47 9.56
N PHE B 539 8.72 -3.51 10.35
CA PHE B 539 9.34 -4.80 10.11
C PHE B 539 8.90 -5.35 8.75
N TYR B 540 7.61 -5.25 8.46
CA TYR B 540 7.05 -5.76 7.22
C TYR B 540 7.66 -5.08 5.98
N ILE B 541 7.79 -3.76 6.02
CA ILE B 541 8.37 -3.02 4.90
C ILE B 541 9.85 -3.36 4.74
N ASP B 542 10.55 -3.51 5.85
CA ASP B 542 11.97 -3.85 5.82
C ASP B 542 12.20 -5.25 5.25
N GLN B 543 11.18 -6.10 5.32
CA GLN B 543 11.32 -7.51 4.93
C GLN B 543 10.71 -7.79 3.56
N THR B 544 10.00 -6.81 2.99
CA THR B 544 9.27 -7.02 1.74
C THR B 544 9.57 -5.97 0.67
N SER B 545 10.21 -4.87 1.05
CA SER B 545 10.59 -3.83 0.10
C SER B 545 12.10 -3.81 -0.12
N ASN B 546 12.51 -3.59 -1.37
CA ASN B 546 13.93 -3.44 -1.69
C ASN B 546 14.74 -4.64 -1.21
N GLN B 547 14.33 -5.83 -1.62
CA GLN B 547 15.00 -7.06 -1.19
C GLN B 547 16.12 -7.42 -2.16
N ASN B 548 17.27 -6.77 -2.00
CA ASN B 548 18.43 -7.06 -2.85
C ASN B 548 19.34 -8.04 -2.13
N PRO B 549 20.32 -8.64 -2.86
CA PRO B 549 21.14 -9.69 -2.26
C PRO B 549 22.20 -9.18 -1.29
N TYR B 550 22.34 -7.86 -1.16
CA TYR B 550 23.47 -7.28 -0.45
C TYR B 550 23.05 -6.60 0.85
N GLN B 551 22.35 -5.48 0.75
CA GLN B 551 21.79 -4.82 1.93
C GLN B 551 20.28 -4.66 1.73
N PRO B 552 19.51 -5.72 2.07
CA PRO B 552 18.07 -5.70 1.84
C PRO B 552 17.35 -4.82 2.85
N GLY B 553 16.20 -4.27 2.45
CA GLY B 553 15.35 -3.56 3.38
C GLY B 553 15.33 -2.05 3.20
N VAL B 554 14.73 -1.38 4.18
CA VAL B 554 14.45 0.05 4.09
C VAL B 554 14.71 0.70 5.43
N LYS B 555 15.81 1.45 5.51
CA LYS B 555 16.18 2.15 6.73
C LYS B 555 16.16 3.65 6.51
N THR B 556 15.64 4.38 7.50
CA THR B 556 15.51 5.83 7.40
C THR B 556 15.63 6.48 8.77
N ALA B 557 16.24 7.66 8.81
CA ALA B 557 16.43 8.42 10.04
C ALA B 557 17.12 7.57 11.11
N THR B 558 18.23 6.95 10.72
CA THR B 558 18.87 5.95 11.56
C THR B 558 19.91 6.52 12.52
N ARG B 559 20.31 7.77 12.30
CA ARG B 559 21.41 8.33 13.08
C ARG B 559 20.93 8.92 14.42
N VAL B 560 19.85 9.70 14.38
CA VAL B 560 19.38 10.41 15.58
C VAL B 560 17.96 10.02 15.98
N ILE B 561 17.04 10.09 15.03
CA ILE B 561 15.61 9.95 15.35
C ILE B 561 15.23 8.53 15.75
N LYS B 562 15.62 7.53 14.98
CA LYS B 562 15.24 6.15 15.29
C LYS B 562 15.82 5.70 16.64
N PRO B 563 17.11 5.99 16.88
CA PRO B 563 17.64 5.66 18.22
C PRO B 563 16.94 6.41 19.34
N LEU B 564 16.56 7.66 19.11
CA LEU B 564 15.87 8.46 20.12
C LEU B 564 14.56 7.80 20.51
N ILE B 565 13.77 7.43 19.51
CA ILE B 565 12.46 6.84 19.74
C ILE B 565 12.59 5.48 20.42
N ASP B 566 13.52 4.66 19.93
CA ASP B 566 13.73 3.33 20.51
C ASP B 566 14.10 3.43 21.99
N ARG B 567 15.08 4.28 22.30
CA ARG B 567 15.58 4.40 23.66
C ARG B 567 14.54 5.03 24.59
N THR B 568 13.82 6.01 24.09
CA THR B 568 12.76 6.66 24.85
C THR B 568 11.64 5.66 25.13
N PHE B 569 11.38 4.78 24.15
CA PHE B 569 10.35 3.78 24.31
C PHE B 569 10.74 2.74 25.34
N ALA B 570 11.98 2.26 25.26
CA ALA B 570 12.43 1.24 26.19
C ALA B 570 12.45 1.79 27.63
N THR B 571 12.79 3.07 27.76
CA THR B 571 12.90 3.69 29.09
C THR B 571 11.52 3.84 29.73
N VAL B 572 10.58 4.41 28.99
CA VAL B 572 9.26 4.69 29.52
C VAL B 572 8.54 3.38 29.88
N VAL B 573 8.89 2.30 29.20
CA VAL B 573 8.30 0.99 29.47
C VAL B 573 8.82 0.45 30.80
N LYS B 574 10.12 0.59 31.03
CA LYS B 574 10.71 0.13 32.28
C LYS B 574 10.09 0.86 33.48
N PHE B 575 9.90 2.16 33.34
CA PHE B 575 9.29 2.96 34.40
C PHE B 575 7.86 2.49 34.65
N PHE B 576 7.18 2.06 33.59
CA PHE B 576 5.82 1.55 33.72
C PHE B 576 5.83 0.19 34.41
N ASN B 577 6.80 -0.64 34.05
CA ASN B 577 6.92 -1.97 34.65
C ASN B 577 7.24 -1.91 36.14
N GLN B 578 7.92 -0.85 36.57
CA GLN B 578 8.20 -0.65 37.99
C GLN B 578 6.97 -0.13 38.71
N LYS B 579 6.32 0.86 38.11
CA LYS B 579 5.21 1.56 38.75
C LYS B 579 3.99 0.68 38.93
N PHE B 580 3.52 0.09 37.84
CA PHE B 580 2.31 -0.73 37.88
C PHE B 580 2.61 -2.22 37.97
N ASN B 581 3.90 -2.57 38.09
CA ASN B 581 4.33 -3.95 38.22
C ASN B 581 3.84 -4.82 37.06
N ALA B 582 3.93 -4.27 35.85
CA ALA B 582 3.63 -5.04 34.63
C ALA B 582 4.93 -5.64 34.09
N HIS B 583 4.80 -6.41 33.01
CA HIS B 583 5.96 -7.05 32.38
C HIS B 583 5.90 -6.81 30.88
N LEU B 584 5.55 -5.59 30.50
CA LEU B 584 5.49 -5.19 29.10
C LEU B 584 6.84 -5.33 28.43
N ASP B 585 6.81 -5.68 27.15
CA ASP B 585 8.03 -5.93 26.39
C ASP B 585 8.63 -4.61 25.88
N ALA B 586 9.80 -4.26 26.41
CA ALA B 586 10.47 -3.02 26.04
C ALA B 586 11.31 -3.17 24.78
N THR B 587 11.27 -4.35 24.17
CA THR B 587 11.98 -4.60 22.93
C THR B 587 11.52 -3.62 21.86
N THR B 588 12.43 -3.18 21.01
CA THR B 588 12.14 -2.15 20.02
C THR B 588 12.02 -2.72 18.61
N ASP B 589 12.78 -3.78 18.33
CA ASP B 589 12.70 -4.44 17.03
C ASP B 589 11.76 -5.63 17.11
N TYR B 590 10.71 -5.60 16.28
CA TYR B 590 9.69 -6.64 16.28
C TYR B 590 10.26 -7.97 15.81
N MET B 591 9.87 -9.03 16.49
CA MET B 591 10.26 -10.39 16.15
C MET B 591 9.06 -11.34 16.24
N PRO B 592 8.56 -11.84 15.09
CA PRO B 592 7.36 -12.69 15.11
C PRO B 592 7.59 -14.05 15.77
N HIS B 593 8.82 -14.53 15.74
CA HIS B 593 9.17 -15.81 16.37
C HIS B 593 9.47 -15.61 17.85
N LYS B 594 9.41 -16.69 18.62
CA LYS B 594 9.61 -16.60 20.07
C LYS B 594 10.82 -17.43 20.51
N MET B 595 11.59 -16.87 21.44
CA MET B 595 12.76 -17.52 22.04
C MET B 595 13.63 -18.24 21.02
N LEU B 605 19.02 -13.48 24.62
CA LEU B 605 19.55 -13.14 23.30
C LEU B 605 18.40 -12.91 22.31
N PRO B 606 18.35 -11.72 21.68
CA PRO B 606 17.27 -11.45 20.72
C PRO B 606 17.45 -12.17 19.38
N LEU B 607 16.38 -12.74 18.86
CA LEU B 607 16.42 -13.39 17.55
C LEU B 607 16.53 -12.35 16.45
N GLN B 608 16.83 -12.81 15.23
CA GLN B 608 16.89 -11.93 14.07
C GLN B 608 16.46 -12.68 12.81
N VAL B 609 15.67 -12.02 11.96
CA VAL B 609 15.20 -12.60 10.71
C VAL B 609 15.73 -11.78 9.53
N LYS B 610 16.71 -12.35 8.83
CA LYS B 610 17.27 -11.73 7.63
C LYS B 610 17.07 -12.66 6.42
N ALA B 611 16.27 -12.20 5.47
CA ALA B 611 15.88 -12.99 4.30
C ALA B 611 15.15 -14.25 4.74
N ASN B 612 15.69 -15.42 4.42
CA ASN B 612 15.07 -16.69 4.81
C ASN B 612 15.78 -17.35 5.98
N ARG B 613 16.67 -16.60 6.62
CA ARG B 613 17.46 -17.14 7.73
C ARG B 613 16.98 -16.57 9.06
N VAL B 614 16.69 -17.46 10.00
CA VAL B 614 16.30 -17.09 11.36
C VAL B 614 17.39 -17.52 12.33
N LEU B 615 18.09 -16.54 12.89
CA LEU B 615 19.24 -16.83 13.74
C LEU B 615 19.14 -16.14 15.10
N ILE B 616 20.04 -16.54 16.00
CA ILE B 616 20.10 -15.94 17.33
C ILE B 616 21.35 -15.07 17.42
N SER B 617 21.22 -13.91 18.04
CA SER B 617 22.33 -12.98 18.21
C SER B 617 23.45 -13.62 19.03
N PRO B 618 24.67 -13.72 18.46
CA PRO B 618 25.81 -14.24 19.23
C PRO B 618 26.08 -13.45 20.50
N VAL B 631 17.11 -24.43 25.03
CA VAL B 631 16.80 -23.40 24.04
C VAL B 631 15.85 -23.94 22.99
N GLU B 632 14.76 -23.20 22.75
CA GLU B 632 13.77 -23.58 21.76
C GLU B 632 13.32 -22.37 20.95
N ILE B 633 13.23 -22.53 19.64
CA ILE B 633 12.75 -21.48 18.74
C ILE B 633 11.38 -21.88 18.20
N GLU B 634 10.40 -21.01 18.37
CA GLU B 634 9.06 -21.23 17.83
C GLU B 634 8.75 -20.21 16.76
N LEU B 635 8.78 -20.64 15.49
CA LEU B 635 8.44 -19.78 14.37
C LEU B 635 6.96 -19.43 14.40
N ASP B 636 6.60 -18.38 13.66
CA ASP B 636 5.21 -17.92 13.62
C ASP B 636 4.34 -18.87 12.78
N ALA B 637 4.97 -19.76 12.04
CA ALA B 637 4.25 -20.73 11.20
C ALA B 637 5.15 -21.92 10.86
N ILE B 638 4.62 -22.85 10.08
CA ILE B 638 5.36 -24.02 9.63
C ILE B 638 5.99 -23.76 8.27
N TYR B 639 7.32 -23.77 8.22
CA TYR B 639 8.06 -23.55 6.98
C TYR B 639 8.93 -24.77 6.65
N PRO B 640 9.10 -25.06 5.35
CA PRO B 640 10.09 -26.06 4.96
C PRO B 640 11.52 -25.60 5.29
N GLY B 641 12.24 -26.42 6.06
CA GLY B 641 13.61 -26.09 6.46
C GLY B 641 14.62 -26.60 5.44
N GLU B 642 15.81 -26.03 5.45
CA GLU B 642 16.85 -26.43 4.50
C GLU B 642 18.17 -26.81 5.17
N ASN B 643 18.68 -25.94 6.04
CA ASN B 643 19.88 -26.28 6.82
C ASN B 643 19.85 -25.65 8.21
N ILE B 644 20.78 -26.07 9.07
CA ILE B 644 20.92 -25.50 10.41
C ILE B 644 22.41 -25.37 10.76
N GLN B 645 22.87 -24.14 10.87
CA GLN B 645 24.28 -23.87 11.18
C GLN B 645 24.47 -23.65 12.67
N ILE B 646 25.33 -24.46 13.29
CA ILE B 646 25.62 -24.32 14.73
C ILE B 646 27.12 -24.35 14.98
N ARG B 658 20.42 -31.76 22.54
CA ARG B 658 20.62 -32.24 21.18
C ARG B 658 19.62 -31.57 20.23
N LEU B 659 20.10 -31.13 19.07
CA LEU B 659 19.22 -30.49 18.07
C LEU B 659 18.11 -31.44 17.66
N GLU B 660 16.90 -30.91 17.56
CA GLU B 660 15.73 -31.72 17.23
C GLU B 660 14.63 -30.86 16.60
N ILE B 661 14.00 -31.39 15.55
CA ILE B 661 12.94 -30.67 14.84
C ILE B 661 11.58 -31.10 15.34
N SER B 662 10.60 -30.21 15.21
CA SER B 662 9.23 -30.53 15.57
C SER B 662 8.25 -29.57 14.91
N THR B 663 7.06 -30.08 14.58
CA THR B 663 6.00 -29.27 14.02
C THR B 663 5.02 -28.84 15.11
N ASP B 664 5.22 -29.39 16.30
CA ASP B 664 4.41 -29.05 17.47
C ASP B 664 5.24 -29.29 18.73
N GLY B 665 4.61 -29.31 19.90
CA GLY B 665 5.31 -29.61 21.14
C GLY B 665 5.35 -31.11 21.38
N LYS B 666 4.28 -31.79 20.96
CA LYS B 666 4.10 -33.22 21.17
C LYS B 666 5.15 -34.08 20.44
N GLU B 667 5.27 -33.89 19.14
CA GLU B 667 6.10 -34.76 18.31
C GLU B 667 7.50 -34.18 18.10
N TRP B 668 8.49 -35.05 18.08
CA TRP B 668 9.89 -34.64 17.92
C TRP B 668 10.68 -35.64 17.09
N LYS B 669 11.52 -35.12 16.18
CA LYS B 669 12.41 -35.94 15.35
C LYS B 669 13.83 -35.40 15.40
N THR B 670 14.75 -36.18 15.97
CA THR B 670 16.15 -35.76 16.09
C THR B 670 16.88 -35.88 14.75
N VAL B 671 17.64 -34.83 14.41
CA VAL B 671 18.44 -34.80 13.19
C VAL B 671 19.92 -34.87 13.53
N ASP B 672 20.67 -35.63 12.74
CA ASP B 672 22.11 -35.81 12.97
C ASP B 672 22.95 -34.75 12.24
N LEU B 673 23.90 -34.16 12.95
CA LEU B 673 24.77 -33.13 12.38
C LEU B 673 26.17 -33.66 12.10
N LYS B 674 26.97 -32.82 11.43
CA LYS B 674 28.31 -33.16 11.00
C LYS B 674 29.36 -32.70 12.01
N SER B 678 35.12 -27.56 13.10
CA SER B 678 34.38 -27.53 14.36
C SER B 678 33.03 -26.82 14.20
N ARG B 679 32.46 -26.91 13.00
CA ARG B 679 31.13 -26.36 12.75
C ARG B 679 30.15 -27.43 12.28
N LEU B 680 29.04 -27.53 13.01
CA LEU B 680 28.03 -28.56 12.76
C LEU B 680 26.93 -28.02 11.88
N SER B 681 26.61 -28.74 10.80
CA SER B 681 25.52 -28.33 9.92
C SER B 681 25.01 -29.50 9.11
N ALA B 682 23.69 -29.62 9.05
CA ALA B 682 23.04 -30.71 8.33
C ALA B 682 21.85 -30.20 7.54
N GLY B 683 21.65 -30.78 6.36
CA GLY B 683 20.51 -30.44 5.53
C GLY B 683 19.22 -30.97 6.12
N LEU B 684 18.15 -30.18 6.00
CA LEU B 684 16.85 -30.57 6.54
C LEU B 684 15.91 -31.04 5.45
N GLN B 685 16.45 -31.38 4.28
CA GLN B 685 15.64 -31.69 3.13
C GLN B 685 14.78 -30.45 2.84
N LYS B 686 13.47 -30.62 2.74
CA LYS B 686 12.51 -29.53 2.84
C LYS B 686 11.54 -29.84 3.98
N ALA B 687 12.06 -30.51 5.01
CA ALA B 687 11.23 -31.02 6.11
C ALA B 687 10.47 -29.91 6.83
N PRO B 688 9.22 -30.19 7.25
CA PRO B 688 8.46 -29.18 8.00
C PRO B 688 9.12 -28.79 9.33
N VAL B 689 9.28 -27.49 9.56
CA VAL B 689 9.89 -26.97 10.78
C VAL B 689 9.04 -25.87 11.39
N LYS B 690 8.83 -25.96 12.70
CA LYS B 690 8.21 -24.89 13.47
C LYS B 690 8.95 -24.69 14.78
N PHE B 691 9.17 -25.79 15.49
CA PHE B 691 9.94 -25.75 16.73
C PHE B 691 11.35 -26.30 16.49
N VAL B 692 12.32 -25.74 17.20
CA VAL B 692 13.72 -26.15 17.07
C VAL B 692 14.40 -26.14 18.43
N ARG B 693 14.48 -27.32 19.06
CA ARG B 693 15.18 -27.46 20.32
C ARG B 693 16.63 -27.87 20.08
N LEU B 706 28.33 -19.81 22.15
CA LEU B 706 27.44 -19.75 21.01
C LEU B 706 27.74 -18.52 20.15
N ARG B 707 28.33 -18.75 18.99
CA ARG B 707 28.68 -17.66 18.08
C ARG B 707 27.97 -17.79 16.73
N GLN B 708 27.33 -18.93 16.50
CA GLN B 708 26.50 -19.09 15.30
C GLN B 708 25.37 -20.09 15.57
N PHE B 709 24.15 -19.65 15.28
CA PHE B 709 22.99 -20.53 15.35
C PHE B 709 21.92 -20.09 14.34
N VAL B 710 22.02 -20.62 13.13
CA VAL B 710 21.22 -20.15 12.00
C VAL B 710 20.29 -21.23 11.46
N LEU B 711 18.99 -20.93 11.45
CA LEU B 711 18.01 -21.76 10.77
C LEU B 711 17.71 -21.16 9.40
N THR B 712 17.84 -21.96 8.35
CA THR B 712 17.52 -21.53 6.99
C THR B 712 16.31 -22.27 6.44
N ILE B 713 15.21 -21.55 6.26
CA ILE B 713 13.98 -22.14 5.72
C ILE B 713 13.88 -21.84 4.23
N GLU B 714 12.96 -22.53 3.55
CA GLU B 714 12.78 -22.33 2.12
C GLU B 714 12.34 -20.91 1.81
N LYS B 715 12.81 -20.37 0.69
CA LYS B 715 12.47 -19.01 0.29
C LYS B 715 10.95 -18.84 0.13
N LYS B 716 10.45 -17.66 0.46
CA LYS B 716 9.02 -17.39 0.44
C LYS B 716 8.50 -17.37 -1.01
N1 BK9 C . -25.70 -8.35 -10.77
C2 BK9 C . -24.74 -7.95 -9.89
N3 BK9 C . -24.88 -7.56 -8.60
C4 BK9 C . -26.16 -7.55 -8.08
C5 BK9 C . -27.31 -7.98 -8.96
C6 BK9 C . -26.96 -8.35 -10.27
CAA BK9 C . -28.89 -10.16 -12.98
CAB BK9 C . -27.67 -7.16 -6.26
CAC BK9 C . -28.71 -7.55 -7.06
CAE BK9 C . -26.53 -7.20 -6.81
CAF BK9 C . -28.51 -7.91 -8.25
CAG BK9 C . -28.11 -9.55 -12.11
OAJ BK9 C . -27.99 -8.75 -11.13
CAH OAN D . -34.07 -13.58 -3.01
CAG OAN D . -32.94 -12.63 -3.12
OAN OAN D . -32.52 -12.01 -2.08
NAI OAN D . -32.28 -12.42 -4.45
CAB OAN D . -31.14 -11.49 -4.64
CAC OAN D . -29.96 -11.99 -3.89
OAJ OAN D . -29.23 -12.86 -4.76
CAD OAN D . -29.07 -10.85 -3.47
OAK OAN D . -27.90 -11.40 -2.93
CAE OAN D . -29.76 -10.02 -2.42
CAF OAN D . -28.97 -8.74 -2.16
OAM OAN D . -29.24 -7.83 -3.18
OAL OAN D . -31.13 -9.66 -2.84
CAA OAN D . -31.48 -10.05 -4.24
NAY OAN D . -31.68 -9.15 -5.12
OAQ OAN D . -32.94 -8.89 -5.55
CAP OAN D . -32.82 -8.01 -6.63
OAR OAN D . -32.98 -6.86 -6.45
NAO OAN D . -32.48 -8.58 -8.00
CAS OAN D . -32.88 -7.95 -9.25
CAT OAN D . -32.37 -8.45 -10.46
CAU OAN D . -32.73 -7.86 -11.65
CAV OAN D . -33.63 -6.80 -11.66
CAW OAN D . -34.15 -6.30 -10.45
CAX OAN D . -33.78 -6.88 -9.26
HAH1 OAN D . -34.31 -13.69 -2.08
HAH2 OAN D . -34.81 -13.24 -3.49
HAH3 OAN D . -33.81 -14.45 -3.37
HAI OAN D . -32.61 -12.89 -5.20
HAB OAN D . -31.03 -11.58 -5.58
HAC OAN D . -30.27 -12.50 -3.09
HAJ OAN D . -29.11 -13.70 -4.35
HAD OAN D . -28.83 -10.26 -4.30
HAK OAN D . -27.27 -10.80 -2.93
HAE OAN D . -29.81 -10.51 -1.63
HAF1 OAN D . -29.25 -8.37 -1.31
HAF2 OAN D . -28.10 -8.92 -2.13
HAM OAN D . -28.59 -7.18 -3.16
HAO OAN D . -32.00 -9.34 -8.04
HAT OAN D . -31.71 -9.22 -10.46
HAU OAN D . -32.35 -8.22 -12.54
HAV OAN D . -33.89 -6.39 -12.48
HAW OAN D . -34.76 -5.58 -10.45
HAX OAN D . -34.15 -6.53 -8.41
N1 BK9 E . 28.70 -6.37 -6.08
C2 BK9 E . 27.62 -5.67 -5.66
N3 BK9 E . 27.58 -4.47 -5.04
C4 BK9 E . 28.79 -3.84 -4.79
C5 BK9 E . 30.06 -4.53 -5.21
C6 BK9 E . 29.90 -5.78 -5.84
CAA BK9 E . 32.19 -8.10 -7.72
CAB BK9 E . 30.04 -2.00 -3.91
CAC BK9 E . 31.20 -2.62 -4.30
CAE BK9 E . 28.98 -2.64 -4.18
CAF BK9 E . 31.16 -3.75 -4.87
CAG BK9 E . 31.36 -7.21 -7.22
OAJ BK9 E . 31.05 -6.45 -6.26
CAH OAN F . 36.61 3.10 -8.68
CAG OAN F . 35.42 2.59 -7.96
OAN OAN F . 34.85 3.30 -7.07
NAI OAN F . 34.88 1.22 -8.30
CAB OAN F . 33.68 0.67 -7.62
CAC OAN F . 32.48 1.44 -8.01
OAJ OAN F . 31.88 0.77 -9.14
CAD OAN F . 31.46 1.52 -6.92
OAK OAN F . 30.32 2.17 -7.41
CAE OAN F . 32.02 2.29 -5.74
CAF OAN F . 31.04 2.25 -4.58
OAM OAN F . 31.39 1.23 -3.71
OAL OAN F . 33.33 1.75 -5.29
CAA OAN F . 33.89 0.62 -6.09
NAY OAN F . 34.57 -0.31 -5.54
OAQ OAN F . 34.74 -0.30 -4.19
CAP OAN F . 35.10 -1.59 -3.78
OAR OAN F . 35.08 -1.87 -2.65
NAO OAN F . 35.51 -2.62 -4.84
CAS OAN F . 35.69 -4.03 -4.52
CAT OAN F . 35.03 -5.02 -5.27
CAU OAN F . 35.21 -6.35 -4.96
CAV OAN F . 36.06 -6.71 -3.91
CAW OAN F . 36.72 -5.71 -3.15
CAX OAN F . 36.54 -4.40 -3.47
HAH1 OAN F . 36.46 3.06 -9.62
HAH2 OAN F . 37.36 2.57 -8.45
HAH3 OAN F . 36.78 4.03 -8.41
HAI OAN F . 35.30 0.72 -8.96
HAB OAN F . 33.69 -0.20 -8.01
HAC OAN F . 32.74 2.36 -8.29
HAJ OAN F . 32.05 1.25 -9.93
HAD OAN F . 31.21 0.55 -6.60
HAK OAN F . 29.61 1.79 -7.09
HAE OAN F . 32.14 3.18 -5.99
HAF1 OAN F . 30.15 2.10 -4.92
HAF2 OAN F . 31.07 3.03 -4.14
HAM OAN F . 31.33 1.53 -2.85
HAO OAN F . 35.65 -2.35 -5.67
HAT OAN F . 34.42 -4.76 -6.02
HAU OAN F . 34.73 -7.08 -5.50
HAV OAN F . 36.18 -7.63 -3.69
HAW OAN F . 37.30 -5.96 -2.45
HAX OAN F . 37.01 -3.70 -2.94
CA CA G . 29.95 31.54 -33.81
#